data_8Z9G
#
_entry.id   8Z9G
#
_cell.length_a   57.505
_cell.length_b   191.750
_cell.length_c   117.719
_cell.angle_alpha   90.000
_cell.angle_beta   95.092
_cell.angle_gamma   90.000
#
_symmetry.space_group_name_H-M   'P 1 21 1'
#
loop_
_entity.id
_entity.type
_entity.pdbx_description
1 polymer '3-hydroxyisobutyrate dehydrogenase'
2 non-polymer 'NADPH DIHYDRO-NICOTINAMIDE-ADENINE-DINUCLEOTIDE PHOSPHATE'
3 water water
#
_entity_poly.entity_id   1
_entity_poly.type   'polypeptide(L)'
_entity_poly.pdbx_seq_one_letter_code
;MNHKVHHHHHHIEGRHMQILSPENAPRIGFIGFGAMASRMGDHLKTAGYTISAYTPSGRSPSPSVPMLPTPLALAKQADT
VVVCVPDDEALAASMYGENGALAGMTKGSLLINTSSVSPEATATLYEAGQKHGVVVLDAPVSGSTPEADSASLVILVGGD
KDDVARAAPIFDAIGKLTIHAGPTGSGARLKLVINGIMGAGLTTLAESVAYGLSAGLDRSMLFDALDQVAVISPHHKRKL
KAAKDGNFAPQFPARLMQKDMRLLLDAAAREAVPVPTLAAATQQLSLTRRLSPNEDYSSLIRVMEKIVANDRY
;
_entity_poly.pdbx_strand_id   A,B,C,D,E,F,G,H
#
# COMPACT_ATOMS: atom_id res chain seq x y z
N ILE A 19 61.28 14.40 7.23
CA ILE A 19 61.97 15.60 6.79
C ILE A 19 60.99 16.71 6.43
N LEU A 20 59.69 16.45 6.56
CA LEU A 20 58.70 17.50 6.36
C LEU A 20 58.42 18.26 7.66
N SER A 21 59.50 18.69 8.31
CA SER A 21 59.43 19.55 9.49
C SER A 21 58.95 20.94 9.09
N PRO A 22 58.51 21.75 10.05
CA PRO A 22 58.13 23.13 9.72
C PRO A 22 59.28 23.92 9.08
N GLU A 23 60.52 23.63 9.48
CA GLU A 23 61.66 24.29 8.86
C GLU A 23 61.76 23.96 7.38
N ASN A 24 61.66 22.67 7.04
CA ASN A 24 61.90 22.20 5.68
C ASN A 24 60.69 22.39 4.78
N ALA A 25 59.48 22.22 5.33
CA ALA A 25 58.25 22.22 4.55
C ALA A 25 57.16 22.90 5.38
N PRO A 26 57.25 24.21 5.54
CA PRO A 26 56.32 24.89 6.47
C PRO A 26 54.87 24.90 6.03
N ARG A 27 54.57 24.83 4.73
CA ARG A 27 53.22 25.03 4.25
C ARG A 27 52.47 23.71 4.11
N ILE A 28 51.35 23.58 4.81
CA ILE A 28 50.45 22.44 4.72
C ILE A 28 49.08 22.95 4.28
N GLY A 29 48.65 22.54 3.09
CA GLY A 29 47.33 22.88 2.58
C GLY A 29 46.36 21.72 2.73
N PHE A 30 45.12 22.03 3.10
CA PHE A 30 44.08 21.03 3.35
C PHE A 30 43.05 21.03 2.23
N ILE A 31 42.72 19.84 1.75
CA ILE A 31 41.56 19.63 0.89
C ILE A 31 40.46 19.07 1.78
N GLY A 32 39.48 19.91 2.13
CA GLY A 32 38.50 19.57 3.14
C GLY A 32 38.96 20.09 4.49
N PHE A 33 38.06 20.71 5.24
CA PHE A 33 38.48 21.37 6.47
C PHE A 33 37.29 21.49 7.42
N GLY A 34 36.73 20.34 7.81
CA GLY A 34 35.58 20.28 8.69
C GLY A 34 35.96 19.97 10.11
N ALA A 35 35.18 19.08 10.75
CA ALA A 35 35.32 18.84 12.18
C ALA A 35 36.72 18.30 12.52
N MET A 36 37.13 17.24 11.84
CA MET A 36 38.46 16.67 12.11
C MET A 36 39.58 17.58 11.61
N ALA A 37 39.51 17.99 10.35
CA ALA A 37 40.67 18.64 9.74
C ALA A 37 40.96 20.00 10.38
N SER A 38 39.92 20.76 10.73
CA SER A 38 40.14 22.05 11.36
C SER A 38 40.84 21.88 12.71
N ARG A 39 40.52 20.81 13.43
CA ARG A 39 41.21 20.54 14.68
C ARG A 39 42.65 20.11 14.44
N MET A 40 42.91 19.25 13.44
CA MET A 40 44.29 18.93 13.11
C MET A 40 45.05 20.18 12.71
N GLY A 41 44.40 21.09 11.97
CA GLY A 41 45.06 22.31 11.54
C GLY A 41 45.57 23.14 12.70
N ASP A 42 44.80 23.20 13.80
CA ASP A 42 45.22 23.99 14.96
C ASP A 42 46.51 23.46 15.57
N HIS A 43 46.63 22.14 15.67
CA HIS A 43 47.84 21.56 16.24
C HIS A 43 49.02 21.71 15.28
N LEU A 44 48.75 21.73 13.97
CA LEU A 44 49.82 21.97 13.02
C LEU A 44 50.26 23.43 13.07
N LYS A 45 49.29 24.35 13.18
CA LYS A 45 49.62 25.76 13.38
C LYS A 45 50.49 25.93 14.63
N THR A 46 50.10 25.26 15.73
CA THR A 46 50.88 25.31 16.96
C THR A 46 52.28 24.73 16.79
N ALA A 47 52.43 23.71 15.95
CA ALA A 47 53.74 23.10 15.73
C ALA A 47 54.63 23.94 14.82
N GLY A 48 54.09 24.99 14.20
CA GLY A 48 54.88 25.90 13.39
C GLY A 48 54.58 25.90 11.90
N TYR A 49 53.56 25.18 11.45
CA TYR A 49 53.24 25.12 10.02
C TYR A 49 52.30 26.25 9.64
N THR A 50 52.36 26.63 8.35
CA THR A 50 51.42 27.58 7.76
C THR A 50 50.29 26.82 7.08
N ILE A 51 49.05 27.13 7.46
CA ILE A 51 47.88 26.35 7.05
C ILE A 51 47.10 27.13 6.00
N SER A 52 46.57 26.40 5.02
CA SER A 52 45.63 26.91 4.04
C SER A 52 44.63 25.80 3.74
N ALA A 53 43.49 26.16 3.16
CA ALA A 53 42.45 25.17 2.97
C ALA A 53 41.61 25.48 1.74
N TYR A 54 41.02 24.42 1.17
CA TYR A 54 39.94 24.50 0.20
C TYR A 54 38.75 23.71 0.72
N THR A 55 37.56 24.28 0.59
CA THR A 55 36.28 23.58 0.76
C THR A 55 35.34 24.04 -0.34
N PRO A 56 34.42 23.17 -0.78
CA PRO A 56 33.49 23.58 -1.85
C PRO A 56 32.63 24.78 -1.48
N SER A 57 32.32 24.97 -0.20
CA SER A 57 31.54 26.10 0.25
C SER A 57 32.38 27.34 0.50
N GLY A 58 33.71 27.20 0.60
CA GLY A 58 34.56 28.32 0.90
C GLY A 58 34.61 28.69 2.37
N ARG A 59 34.00 27.89 3.24
CA ARG A 59 33.93 28.18 4.66
C ARG A 59 34.42 26.98 5.47
N SER A 60 34.73 27.26 6.73
CA SER A 60 35.28 26.26 7.64
C SER A 60 35.09 26.76 9.06
N PRO A 61 35.26 25.89 10.07
CA PRO A 61 35.13 26.35 11.46
C PRO A 61 36.23 27.30 11.90
N SER A 62 37.32 27.46 11.14
CA SER A 62 38.45 28.31 11.52
C SER A 62 38.49 29.54 10.60
N PRO A 63 37.88 30.66 11.00
CA PRO A 63 37.85 31.83 10.10
C PRO A 63 39.21 32.43 9.83
N SER A 64 40.24 32.10 10.60
CA SER A 64 41.56 32.69 10.43
C SER A 64 42.45 31.92 9.44
N VAL A 65 41.91 30.93 8.74
CA VAL A 65 42.69 30.10 7.82
C VAL A 65 42.39 30.55 6.39
N PRO A 66 43.39 30.93 5.61
CA PRO A 66 43.13 31.34 4.21
C PRO A 66 42.49 30.22 3.42
N MET A 67 41.47 30.59 2.64
CA MET A 67 40.75 29.67 1.78
C MET A 67 41.09 29.94 0.33
N LEU A 68 41.27 28.85 -0.45
CA LEU A 68 41.66 28.87 -1.84
C LEU A 68 40.49 28.40 -2.71
N PRO A 69 40.35 28.92 -3.93
CA PRO A 69 39.12 28.72 -4.70
C PRO A 69 38.97 27.35 -5.34
N THR A 70 40.04 26.64 -5.62
CA THR A 70 39.96 25.32 -6.25
C THR A 70 40.94 24.41 -5.53
N PRO A 71 40.79 23.09 -5.67
CA PRO A 71 41.87 22.18 -5.22
C PRO A 71 43.19 22.49 -5.87
N LEU A 72 43.18 22.81 -7.17
CA LEU A 72 44.41 23.15 -7.88
C LEU A 72 45.11 24.32 -7.21
N ALA A 73 44.37 25.40 -6.92
CA ALA A 73 44.99 26.57 -6.33
C ALA A 73 45.56 26.27 -4.96
N LEU A 74 44.86 25.43 -4.17
CA LEU A 74 45.36 25.06 -2.86
C LEU A 74 46.69 24.35 -2.96
N ALA A 75 46.79 23.38 -3.87
CA ALA A 75 48.00 22.58 -3.95
C ALA A 75 49.18 23.37 -4.50
N LYS A 76 48.94 24.32 -5.41
CA LYS A 76 50.04 25.07 -5.99
C LYS A 76 50.78 25.94 -4.97
N GLN A 77 50.13 26.37 -3.88
CA GLN A 77 50.79 27.19 -2.88
C GLN A 77 51.08 26.47 -1.56
N ALA A 78 50.96 25.13 -1.51
CA ALA A 78 51.33 24.36 -0.34
C ALA A 78 52.48 23.42 -0.65
N ASP A 79 53.28 23.09 0.39
CA ASP A 79 54.34 22.09 0.24
C ASP A 79 53.82 20.65 0.38
N THR A 80 52.98 20.41 1.38
CA THR A 80 52.34 19.11 1.60
C THR A 80 50.84 19.33 1.58
N VAL A 81 50.09 18.41 0.99
CA VAL A 81 48.64 18.51 0.94
C VAL A 81 48.04 17.42 1.82
N VAL A 82 47.11 17.81 2.69
CA VAL A 82 46.37 16.89 3.54
C VAL A 82 44.91 16.88 3.08
N VAL A 83 44.35 15.69 2.89
CA VAL A 83 42.99 15.53 2.38
C VAL A 83 42.13 14.96 3.50
N CYS A 84 40.92 15.53 3.66
CA CYS A 84 39.99 15.10 4.71
C CYS A 84 38.56 15.38 4.23
N VAL A 85 38.07 14.52 3.35
CA VAL A 85 36.77 14.69 2.69
C VAL A 85 35.84 13.54 3.09
N PRO A 86 34.52 13.65 2.88
CA PRO A 86 33.61 12.64 3.45
C PRO A 86 33.65 11.26 2.82
N ASP A 87 33.77 11.13 1.50
CA ASP A 87 33.57 9.83 0.85
C ASP A 87 34.35 9.74 -0.47
N ASP A 88 34.22 8.57 -1.12
CA ASP A 88 34.89 8.33 -2.41
C ASP A 88 34.51 9.40 -3.41
N GLU A 89 33.23 9.75 -3.45
CA GLU A 89 32.75 10.65 -4.48
C GLU A 89 33.34 12.03 -4.32
N ALA A 90 33.42 12.52 -3.07
CA ALA A 90 34.06 13.80 -2.79
C ALA A 90 35.55 13.74 -3.11
N LEU A 91 36.20 12.62 -2.80
CA LEU A 91 37.63 12.49 -3.10
C LEU A 91 37.88 12.61 -4.59
N ALA A 92 37.13 11.89 -5.42
CA ALA A 92 37.34 11.96 -6.86
C ALA A 92 37.04 13.35 -7.40
N ALA A 93 36.03 14.01 -6.83
CA ALA A 93 35.66 15.34 -7.31
C ALA A 93 36.80 16.34 -7.16
N SER A 94 37.57 16.23 -6.08
CA SER A 94 38.59 17.23 -5.79
C SER A 94 40.01 16.76 -6.11
N MET A 95 40.18 15.48 -6.45
CA MET A 95 41.54 15.00 -6.68
C MET A 95 41.89 15.08 -8.15
N TYR A 96 40.90 14.93 -9.03
CA TYR A 96 41.09 14.64 -10.44
C TYR A 96 40.62 15.81 -11.31
N GLY A 97 40.97 15.73 -12.59
CA GLY A 97 40.59 16.76 -13.54
C GLY A 97 41.49 17.97 -13.46
N GLU A 98 41.28 18.89 -14.41
CA GLU A 98 42.18 20.03 -14.55
C GLU A 98 42.14 20.96 -13.35
N ASN A 99 41.08 20.94 -12.55
CA ASN A 99 41.00 21.79 -11.37
C ASN A 99 41.33 21.05 -10.08
N GLY A 100 41.67 19.75 -10.17
CA GLY A 100 41.91 18.94 -9.00
C GLY A 100 43.27 19.17 -8.37
N ALA A 101 43.44 18.59 -7.18
CA ALA A 101 44.66 18.85 -6.42
C ALA A 101 45.89 18.27 -7.10
N LEU A 102 45.78 17.08 -7.70
CA LEU A 102 46.96 16.46 -8.30
C LEU A 102 47.54 17.35 -9.40
N ALA A 103 46.69 17.99 -10.20
CA ALA A 103 47.17 18.88 -11.24
C ALA A 103 47.96 20.05 -10.70
N GLY A 104 47.86 20.32 -9.39
CA GLY A 104 48.55 21.43 -8.78
C GLY A 104 49.77 21.10 -7.93
N MET A 105 50.09 19.83 -7.73
CA MET A 105 51.28 19.58 -6.93
C MET A 105 52.47 19.18 -7.81
N THR A 106 53.64 19.38 -7.24
CA THR A 106 54.91 19.20 -7.93
C THR A 106 55.48 17.83 -7.62
N LYS A 107 56.12 17.24 -8.62
CA LYS A 107 56.75 15.94 -8.45
C LYS A 107 57.66 15.95 -7.23
N GLY A 108 57.54 14.91 -6.41
CA GLY A 108 58.35 14.76 -5.22
C GLY A 108 57.68 15.19 -3.94
N SER A 109 56.51 15.82 -4.02
CA SER A 109 55.77 16.23 -2.84
C SER A 109 54.90 15.07 -2.35
N LEU A 110 54.41 15.21 -1.13
CA LEU A 110 53.58 14.22 -0.46
C LEU A 110 52.11 14.67 -0.44
N LEU A 111 51.22 13.74 -0.71
CA LEU A 111 49.78 13.89 -0.50
C LEU A 111 49.40 12.91 0.61
N ILE A 112 48.79 13.42 1.67
CA ILE A 112 48.43 12.62 2.83
C ILE A 112 46.92 12.60 2.91
N ASN A 113 46.30 11.43 2.68
CA ASN A 113 44.84 11.32 2.69
C ASN A 113 44.40 10.76 4.03
N THR A 114 43.69 11.58 4.81
CA THR A 114 43.16 11.11 6.09
C THR A 114 41.68 10.79 6.03
N SER A 115 41.06 10.88 4.86
CA SER A 115 39.65 10.55 4.69
C SER A 115 39.42 9.05 4.87
N SER A 116 38.18 8.69 5.24
CA SER A 116 37.78 7.27 5.30
C SER A 116 37.06 6.94 3.99
N VAL A 117 37.79 6.29 3.07
CA VAL A 117 37.31 5.94 1.75
C VAL A 117 37.58 4.46 1.48
N SER A 118 37.03 3.96 0.38
CA SER A 118 37.14 2.54 0.07
C SER A 118 38.56 2.16 -0.32
N PRO A 119 38.91 0.89 -0.20
CA PRO A 119 40.20 0.42 -0.74
C PRO A 119 40.32 0.65 -2.24
N GLU A 120 39.21 0.61 -2.99
CA GLU A 120 39.27 0.88 -4.41
C GLU A 120 39.63 2.34 -4.68
N ALA A 121 38.97 3.26 -3.97
CA ALA A 121 39.29 4.68 -4.11
C ALA A 121 40.74 4.97 -3.72
N THR A 122 41.23 4.29 -2.69
CA THR A 122 42.62 4.45 -2.27
C THR A 122 43.58 4.03 -3.36
N ALA A 123 43.32 2.89 -4.00
CA ALA A 123 44.22 2.40 -5.05
C ALA A 123 44.20 3.33 -6.26
N THR A 124 43.01 3.85 -6.59
CA THR A 124 42.89 4.78 -7.71
C THR A 124 43.70 6.05 -7.48
N LEU A 125 43.64 6.59 -6.26
CA LEU A 125 44.37 7.82 -5.97
C LEU A 125 45.87 7.58 -5.92
N TYR A 126 46.30 6.45 -5.34
CA TYR A 126 47.72 6.15 -5.31
C TYR A 126 48.29 6.07 -6.72
N GLU A 127 47.59 5.38 -7.63
CA GLU A 127 48.10 5.22 -8.99
C GLU A 127 48.08 6.55 -9.74
N ALA A 128 47.00 7.33 -9.56
CA ALA A 128 46.96 8.66 -10.15
C ALA A 128 48.10 9.52 -9.61
N GLY A 129 48.39 9.39 -8.32
CA GLY A 129 49.51 10.13 -7.76
C GLY A 129 50.83 9.76 -8.39
N GLN A 130 51.06 8.46 -8.59
CA GLN A 130 52.31 8.01 -9.20
C GLN A 130 52.51 8.66 -10.57
N LYS A 131 51.44 8.82 -11.35
CA LYS A 131 51.60 9.39 -12.68
C LYS A 131 52.02 10.85 -12.61
N HIS A 132 51.71 11.54 -11.52
CA HIS A 132 52.14 12.91 -11.28
C HIS A 132 53.46 13.01 -10.52
N GLY A 133 54.08 11.87 -10.18
CA GLY A 133 55.26 11.90 -9.35
C GLY A 133 55.02 12.25 -7.91
N VAL A 134 53.80 12.05 -7.43
CA VAL A 134 53.40 12.44 -6.08
C VAL A 134 53.09 11.16 -5.30
N VAL A 135 53.75 10.99 -4.16
CA VAL A 135 53.48 9.84 -3.31
C VAL A 135 52.23 10.14 -2.48
N VAL A 136 51.28 9.21 -2.48
CA VAL A 136 50.05 9.34 -1.71
C VAL A 136 50.13 8.39 -0.53
N LEU A 137 50.17 8.94 0.68
CA LEU A 137 50.02 8.13 1.88
C LEU A 137 48.55 8.05 2.25
N ASP A 138 48.01 6.82 2.41
CA ASP A 138 46.68 6.67 2.98
C ASP A 138 46.84 6.58 4.49
N ALA A 139 46.46 7.66 5.18
CA ALA A 139 46.71 7.81 6.62
C ALA A 139 45.43 8.24 7.34
N PRO A 140 44.38 7.43 7.29
CA PRO A 140 43.22 7.69 8.15
C PRO A 140 43.62 7.61 9.62
N VAL A 141 42.73 8.14 10.48
CA VAL A 141 43.04 8.25 11.91
C VAL A 141 41.98 7.54 12.73
N SER A 142 42.41 7.03 13.88
CA SER A 142 41.51 6.49 14.89
C SER A 142 41.34 7.53 15.99
N GLY A 143 40.10 7.79 16.34
CA GLY A 143 39.79 8.87 17.25
C GLY A 143 38.81 9.82 16.60
N SER A 144 38.11 10.61 17.42
CA SER A 144 37.07 11.50 16.90
C SER A 144 37.42 12.94 17.22
N THR A 145 36.42 13.83 17.31
CA THR A 145 36.72 15.22 17.60
C THR A 145 37.37 15.44 18.97
N PRO A 146 37.01 14.70 20.05
CA PRO A 146 37.75 14.92 21.31
C PRO A 146 39.23 14.58 21.20
N GLU A 147 39.57 13.50 20.49
CA GLU A 147 40.97 13.13 20.32
C GLU A 147 41.69 14.07 19.36
N ALA A 148 40.98 14.59 18.37
CA ALA A 148 41.60 15.60 17.51
C ALA A 148 41.88 16.87 18.29
N ASP A 149 40.95 17.27 19.17
CA ASP A 149 41.20 18.39 20.08
C ASP A 149 42.50 18.23 20.87
N SER A 150 42.73 17.04 21.42
CA SER A 150 43.86 16.82 22.31
C SER A 150 45.06 16.23 21.60
N ALA A 151 45.01 16.12 20.27
CA ALA A 151 46.09 15.49 19.50
C ALA A 151 46.38 14.09 20.03
N SER A 152 45.33 13.35 20.37
CA SER A 152 45.45 11.96 20.80
C SER A 152 45.08 10.97 19.71
N LEU A 153 44.95 11.44 18.47
CA LEU A 153 44.67 10.55 17.34
C LEU A 153 45.74 9.47 17.21
N VAL A 154 45.32 8.31 16.71
CA VAL A 154 46.24 7.26 16.26
C VAL A 154 46.22 7.28 14.75
N ILE A 155 47.39 7.49 14.13
CA ILE A 155 47.52 7.54 12.68
C ILE A 155 47.72 6.13 12.17
N LEU A 156 46.94 5.75 11.15
CA LEU A 156 46.99 4.42 10.53
C LEU A 156 47.48 4.59 9.09
N VAL A 157 48.76 4.35 8.78
CA VAL A 157 49.31 4.85 7.54
C VAL A 157 49.84 3.73 6.65
N GLY A 158 49.48 3.77 5.37
CA GLY A 158 50.00 2.85 4.37
C GLY A 158 50.97 3.56 3.43
N GLY A 159 52.06 2.88 3.10
CA GLY A 159 53.05 3.43 2.20
C GLY A 159 54.43 2.87 2.53
N ASP A 160 55.41 3.33 1.77
CA ASP A 160 56.78 2.91 2.04
C ASP A 160 57.30 3.55 3.33
N LYS A 161 58.12 2.80 4.06
CA LYS A 161 58.63 3.26 5.34
C LYS A 161 59.40 4.57 5.21
N ASP A 162 60.04 4.81 4.07
CA ASP A 162 60.79 6.05 3.87
C ASP A 162 59.84 7.25 3.77
N ASP A 163 58.74 7.10 3.04
CA ASP A 163 57.78 8.18 2.92
C ASP A 163 57.03 8.42 4.23
N VAL A 164 56.79 7.36 5.00
CA VAL A 164 56.17 7.51 6.31
C VAL A 164 57.09 8.31 7.24
N ALA A 165 58.40 8.07 7.15
CA ALA A 165 59.34 8.83 7.97
C ALA A 165 59.35 10.31 7.59
N ARG A 166 59.20 10.60 6.30
CA ARG A 166 59.13 11.98 5.83
C ARG A 166 58.00 12.75 6.49
N ALA A 167 56.88 12.08 6.77
CA ALA A 167 55.70 12.75 7.30
C ALA A 167 55.60 12.73 8.81
N ALA A 168 56.55 12.09 9.50
CA ALA A 168 56.45 11.95 10.95
C ALA A 168 56.23 13.25 11.70
N PRO A 169 56.91 14.37 11.40
CA PRO A 169 56.59 15.61 12.11
C PRO A 169 55.14 16.01 12.01
N ILE A 170 54.51 15.78 10.84
CA ILE A 170 53.10 16.11 10.70
C ILE A 170 52.25 15.18 11.55
N PHE A 171 52.54 13.87 11.50
CA PHE A 171 51.77 12.89 12.27
C PHE A 171 51.92 13.11 13.77
N ASP A 172 53.14 13.43 14.23
CA ASP A 172 53.37 13.64 15.66
C ASP A 172 52.60 14.83 16.18
N ALA A 173 52.41 15.87 15.36
CA ALA A 173 51.72 17.07 15.82
C ALA A 173 50.24 16.80 16.03
N ILE A 174 49.63 15.94 15.20
CA ILE A 174 48.19 15.75 15.25
C ILE A 174 47.78 14.55 16.07
N GLY A 175 48.71 13.66 16.41
CA GLY A 175 48.38 12.41 17.07
C GLY A 175 49.37 12.04 18.15
N LYS A 176 49.06 10.95 18.84
CA LYS A 176 49.90 10.42 19.91
C LYS A 176 50.62 9.14 19.53
N LEU A 177 50.34 8.59 18.35
CA LEU A 177 50.92 7.32 17.93
C LEU A 177 50.71 7.18 16.42
N THR A 178 51.77 6.76 15.72
CA THR A 178 51.71 6.49 14.29
C THR A 178 51.96 5.00 14.07
N ILE A 179 50.96 4.31 13.53
CA ILE A 179 51.07 2.89 13.18
C ILE A 179 51.37 2.79 11.69
N HIS A 180 52.52 2.23 11.35
CA HIS A 180 52.81 1.92 9.95
C HIS A 180 52.13 0.60 9.63
N ALA A 181 51.03 0.66 8.89
CA ALA A 181 50.18 -0.51 8.70
C ALA A 181 50.66 -1.43 7.59
N GLY A 182 51.60 -0.98 6.76
CA GLY A 182 52.01 -1.72 5.60
C GLY A 182 52.09 -0.82 4.38
N PRO A 183 52.15 -1.42 3.20
CA PRO A 183 52.23 -0.63 1.95
C PRO A 183 50.95 0.11 1.62
N THR A 184 50.92 0.83 0.50
CA THR A 184 49.74 1.60 0.12
C THR A 184 48.49 0.73 0.18
N GLY A 185 47.43 1.30 0.75
CA GLY A 185 46.17 0.61 0.95
C GLY A 185 46.00 0.06 2.35
N SER A 186 47.08 -0.07 3.12
CA SER A 186 47.00 -0.74 4.42
C SER A 186 46.37 0.15 5.47
N GLY A 187 46.58 1.46 5.40
CA GLY A 187 45.91 2.35 6.35
C GLY A 187 44.41 2.34 6.15
N ALA A 188 43.96 2.41 4.90
CA ALA A 188 42.55 2.36 4.60
C ALA A 188 41.91 1.09 5.14
N ARG A 189 42.58 -0.05 4.94
CA ARG A 189 42.04 -1.32 5.41
C ARG A 189 41.98 -1.37 6.93
N LEU A 190 43.03 -0.89 7.61
CA LEU A 190 43.02 -0.91 9.06
C LEU A 190 41.97 0.04 9.63
N LYS A 191 41.71 1.15 8.93
CA LYS A 191 40.62 2.03 9.35
C LYS A 191 39.27 1.33 9.23
N LEU A 192 39.05 0.57 8.14
CA LEU A 192 37.83 -0.22 8.02
C LEU A 192 37.66 -1.19 9.19
N VAL A 193 38.74 -1.89 9.57
CA VAL A 193 38.71 -2.81 10.70
C VAL A 193 38.22 -2.09 11.96
N ILE A 194 38.85 -0.96 12.28
CA ILE A 194 38.56 -0.27 13.52
C ILE A 194 37.16 0.32 13.48
N ASN A 195 36.70 0.79 12.31
CA ASN A 195 35.34 1.31 12.18
C ASN A 195 34.30 0.23 12.48
N GLY A 196 34.55 -1.00 12.01
CA GLY A 196 33.63 -2.08 12.29
C GLY A 196 33.53 -2.37 13.76
N ILE A 197 34.67 -2.36 14.46
CA ILE A 197 34.64 -2.57 15.91
C ILE A 197 33.86 -1.46 16.61
N MET A 198 34.07 -0.22 16.18
CA MET A 198 33.33 0.88 16.81
C MET A 198 31.84 0.80 16.52
N GLY A 199 31.47 0.58 15.26
CA GLY A 199 30.05 0.55 14.92
C GLY A 199 29.32 -0.58 15.62
N ALA A 200 29.85 -1.81 15.49
CA ALA A 200 29.18 -2.94 16.12
C ALA A 200 29.28 -2.89 17.65
N GLY A 201 30.31 -2.24 18.18
CA GLY A 201 30.37 -2.05 19.62
C GLY A 201 29.20 -1.22 20.13
N LEU A 202 28.83 -0.19 19.36
CA LEU A 202 27.70 0.65 19.73
C LEU A 202 26.38 -0.09 19.55
N THR A 203 26.22 -0.80 18.42
CA THR A 203 24.93 -1.48 18.23
C THR A 203 24.75 -2.59 19.27
N THR A 204 25.83 -3.30 19.62
CA THR A 204 25.77 -4.29 20.70
C THR A 204 25.30 -3.66 22.00
N LEU A 205 25.90 -2.52 22.35
CA LEU A 205 25.55 -1.84 23.60
C LEU A 205 24.09 -1.35 23.58
N ALA A 206 23.66 -0.76 22.46
CA ALA A 206 22.28 -0.28 22.37
C ALA A 206 21.27 -1.42 22.52
N GLU A 207 21.53 -2.57 21.88
CA GLU A 207 20.59 -3.67 21.97
C GLU A 207 20.59 -4.29 23.35
N SER A 208 21.77 -4.40 23.98
CA SER A 208 21.84 -4.99 25.30
C SER A 208 21.14 -4.12 26.33
N VAL A 209 21.33 -2.81 26.24
CA VAL A 209 20.60 -1.88 27.08
C VAL A 209 19.11 -2.00 26.84
N ALA A 210 18.71 -2.13 25.57
CA ALA A 210 17.30 -2.25 25.25
C ALA A 210 16.68 -3.47 25.89
N TYR A 211 17.36 -4.63 25.80
CA TYR A 211 16.85 -5.79 26.51
C TYR A 211 16.64 -5.46 27.99
N GLY A 212 17.67 -4.89 28.62
CA GLY A 212 17.60 -4.62 30.05
C GLY A 212 16.43 -3.75 30.43
N LEU A 213 16.17 -2.71 29.63
CA LEU A 213 15.03 -1.83 29.89
C LEU A 213 13.71 -2.56 29.67
N SER A 214 13.65 -3.40 28.63
CA SER A 214 12.41 -4.12 28.34
C SER A 214 12.08 -5.10 29.44
N ALA A 215 13.10 -5.60 30.11
CA ALA A 215 12.95 -6.55 31.19
C ALA A 215 12.69 -5.87 32.54
N GLY A 216 12.53 -4.56 32.55
CA GLY A 216 12.13 -3.85 33.76
C GLY A 216 13.23 -3.20 34.56
N LEU A 217 14.47 -3.20 34.09
CA LEU A 217 15.54 -2.62 34.87
C LEU A 217 15.43 -1.10 34.86
N ASP A 218 15.65 -0.50 36.02
CA ASP A 218 15.64 0.96 36.15
C ASP A 218 16.68 1.58 35.23
N ARG A 219 16.26 2.61 34.46
CA ARG A 219 17.15 3.18 33.44
C ARG A 219 18.40 3.78 34.06
N SER A 220 18.23 4.57 35.13
CA SER A 220 19.39 5.21 35.72
C SER A 220 20.34 4.19 36.34
N MET A 221 19.79 3.17 37.01
CA MET A 221 20.61 2.13 37.60
C MET A 221 21.42 1.43 36.51
N LEU A 222 20.74 1.04 35.43
CA LEU A 222 21.37 0.25 34.36
C LEU A 222 22.50 1.02 33.67
N PHE A 223 22.27 2.28 33.31
CA PHE A 223 23.34 3.06 32.67
C PHE A 223 24.54 3.18 33.61
N ASP A 224 24.29 3.44 34.90
CA ASP A 224 25.39 3.61 35.83
C ASP A 224 26.13 2.30 36.08
N ALA A 225 25.38 1.19 36.14
CA ALA A 225 25.99 -0.11 36.38
C ALA A 225 26.94 -0.48 35.23
N LEU A 226 26.52 -0.22 34.00
CA LEU A 226 27.37 -0.61 32.89
C LEU A 226 28.67 0.21 32.85
N ASP A 227 28.69 1.40 33.44
CA ASP A 227 29.96 2.11 33.54
C ASP A 227 30.98 1.37 34.40
N GLN A 228 30.54 0.38 35.18
CA GLN A 228 31.38 -0.31 36.16
C GLN A 228 32.02 -1.59 35.63
N VAL A 229 31.72 -2.01 34.40
CA VAL A 229 32.11 -3.33 33.95
C VAL A 229 33.24 -3.23 32.95
N ALA A 230 34.02 -4.31 32.85
CA ALA A 230 35.24 -4.27 32.07
C ALA A 230 35.05 -4.67 30.62
N VAL A 231 33.82 -4.97 30.20
CA VAL A 231 33.58 -5.51 28.86
C VAL A 231 33.08 -4.45 27.89
N ILE A 232 33.02 -3.18 28.32
CA ILE A 232 32.71 -2.04 27.45
C ILE A 232 33.97 -1.19 27.30
N SER A 233 34.23 -0.73 26.07
CA SER A 233 35.42 0.07 25.78
C SER A 233 35.32 1.46 26.40
N PRO A 234 36.46 2.14 26.59
CA PRO A 234 36.38 3.54 27.06
C PRO A 234 35.58 4.42 26.13
N HIS A 235 35.72 4.23 24.81
CA HIS A 235 34.94 5.01 23.85
C HIS A 235 33.44 4.80 24.08
N HIS A 236 33.02 3.55 24.17
CA HIS A 236 31.59 3.28 24.29
C HIS A 236 31.07 3.61 25.69
N LYS A 237 31.92 3.58 26.72
CA LYS A 237 31.51 4.09 28.02
C LYS A 237 31.23 5.58 27.95
N ARG A 238 32.03 6.34 27.19
CA ARG A 238 31.76 7.77 27.06
C ARG A 238 30.45 8.01 26.31
N LYS A 239 30.18 7.22 25.28
CA LYS A 239 28.92 7.34 24.58
C LYS A 239 27.74 6.97 25.46
N LEU A 240 27.89 5.94 26.31
CA LEU A 240 26.79 5.57 27.20
C LEU A 240 26.47 6.69 28.18
N LYS A 241 27.51 7.34 28.72
CA LYS A 241 27.27 8.46 29.62
C LYS A 241 26.58 9.62 28.89
N ALA A 242 27.00 9.91 27.67
CA ALA A 242 26.32 10.95 26.90
C ALA A 242 24.87 10.56 26.61
N ALA A 243 24.65 9.28 26.25
CA ALA A 243 23.29 8.81 25.97
C ALA A 243 22.39 8.85 27.19
N LYS A 244 22.95 8.66 28.40
CA LYS A 244 22.12 8.83 29.59
C LYS A 244 21.54 10.24 29.65
N ASP A 245 22.33 11.22 29.21
CA ASP A 245 21.95 12.64 29.17
C ASP A 245 21.18 13.02 27.91
N GLY A 246 20.89 12.08 27.01
CA GLY A 246 20.31 12.42 25.73
C GLY A 246 21.18 13.29 24.85
N ASN A 247 22.49 13.25 25.04
CA ASN A 247 23.43 14.13 24.36
C ASN A 247 23.99 13.39 23.15
N PHE A 248 23.49 13.74 21.97
CA PHE A 248 23.98 13.17 20.72
C PHE A 248 24.47 14.26 19.79
N ALA A 249 25.06 15.30 20.39
CA ALA A 249 25.73 16.31 19.59
C ALA A 249 26.77 15.63 18.72
N PRO A 250 26.86 16.00 17.44
CA PRO A 250 27.66 15.19 16.51
C PRO A 250 29.15 15.26 16.81
N GLN A 251 29.71 14.14 17.26
CA GLN A 251 31.14 13.93 17.14
C GLN A 251 31.45 13.11 15.89
N PHE A 252 30.72 12.02 15.70
CA PHE A 252 30.79 11.21 14.49
C PHE A 252 29.36 10.97 14.04
N PRO A 253 28.86 11.79 13.10
CA PRO A 253 27.45 11.71 12.73
C PRO A 253 27.10 10.36 12.13
N ALA A 254 25.83 9.99 12.30
CA ALA A 254 25.35 8.73 11.77
C ALA A 254 25.56 8.62 10.27
N ARG A 255 25.38 9.72 9.53
CA ARG A 255 25.55 9.63 8.08
C ARG A 255 26.97 9.16 7.71
N LEU A 256 27.98 9.54 8.49
CA LEU A 256 29.34 9.12 8.16
C LEU A 256 29.68 7.74 8.73
N MET A 257 29.23 7.43 9.95
CA MET A 257 29.45 6.09 10.49
C MET A 257 28.79 5.03 9.62
N GLN A 258 27.55 5.27 9.19
CA GLN A 258 26.84 4.29 8.37
C GLN A 258 27.51 4.15 7.00
N LYS A 259 28.01 5.25 6.43
CA LYS A 259 28.81 5.15 5.20
C LYS A 259 30.04 4.27 5.43
N ASP A 260 30.71 4.45 6.56
CA ASP A 260 31.90 3.67 6.83
C ASP A 260 31.55 2.20 6.96
N MET A 261 30.39 1.89 7.57
CA MET A 261 29.97 0.49 7.63
C MET A 261 29.64 -0.04 6.24
N ARG A 262 29.01 0.77 5.40
CA ARG A 262 28.75 0.35 4.02
C ARG A 262 30.05 0.00 3.30
N LEU A 263 31.09 0.80 3.50
CA LEU A 263 32.38 0.53 2.85
C LEU A 263 32.97 -0.77 3.37
N LEU A 264 32.90 -0.98 4.69
CA LEU A 264 33.45 -2.20 5.27
C LEU A 264 32.71 -3.45 4.77
N LEU A 265 31.37 -3.43 4.77
CA LEU A 265 30.68 -4.60 4.27
C LEU A 265 30.92 -4.84 2.78
N ASP A 266 31.08 -3.77 1.99
CA ASP A 266 31.40 -4.00 0.59
C ASP A 266 32.77 -4.68 0.49
N ALA A 267 33.74 -4.20 1.26
CA ALA A 267 35.08 -4.77 1.19
C ALA A 267 35.10 -6.21 1.67
N ALA A 268 34.37 -6.50 2.75
CA ALA A 268 34.29 -7.87 3.25
C ALA A 268 33.63 -8.80 2.23
N ALA A 269 32.65 -8.29 1.48
CA ALA A 269 32.04 -9.11 0.44
C ALA A 269 33.01 -9.34 -0.71
N ARG A 270 33.80 -8.32 -1.08
CA ARG A 270 34.77 -8.52 -2.13
C ARG A 270 35.82 -9.53 -1.72
N GLU A 271 36.18 -9.57 -0.44
CA GLU A 271 37.13 -10.56 0.05
C GLU A 271 36.48 -11.89 0.38
N ALA A 272 35.16 -12.00 0.25
CA ALA A 272 34.39 -13.19 0.59
C ALA A 272 34.69 -13.67 2.01
N VAL A 273 34.59 -12.75 2.97
CA VAL A 273 34.75 -13.07 4.39
C VAL A 273 33.38 -12.93 5.06
N PRO A 274 32.85 -13.97 5.69
CA PRO A 274 31.53 -13.86 6.36
C PRO A 274 31.62 -13.13 7.69
N VAL A 275 30.90 -12.00 7.78
CA VAL A 275 30.94 -11.17 8.99
C VAL A 275 29.52 -10.85 9.46
N PRO A 276 28.79 -11.85 9.97
CA PRO A 276 27.38 -11.62 10.33
C PRO A 276 27.15 -10.58 11.43
N THR A 277 28.02 -10.52 12.44
CA THR A 277 27.82 -9.50 13.48
C THR A 277 27.98 -8.11 12.89
N LEU A 278 29.01 -7.91 12.07
CA LEU A 278 29.22 -6.62 11.43
C LEU A 278 28.08 -6.29 10.48
N ALA A 279 27.55 -7.32 9.80
CA ALA A 279 26.45 -7.09 8.86
C ALA A 279 25.19 -6.67 9.60
N ALA A 280 24.87 -7.33 10.71
CA ALA A 280 23.72 -6.92 11.53
C ALA A 280 23.89 -5.48 12.01
N ALA A 281 25.08 -5.14 12.47
CA ALA A 281 25.32 -3.80 13.01
C ALA A 281 25.11 -2.74 11.94
N THR A 282 25.54 -3.02 10.71
CA THR A 282 25.33 -2.07 9.62
C THR A 282 23.85 -1.78 9.41
N GLN A 283 23.00 -2.80 9.51
CA GLN A 283 21.58 -2.56 9.28
C GLN A 283 20.98 -1.70 10.38
N GLN A 284 21.46 -1.89 11.61
CA GLN A 284 21.01 -1.03 12.72
C GLN A 284 21.48 0.40 12.51
N LEU A 285 22.68 0.57 11.94
CA LEU A 285 23.17 1.92 11.65
C LEU A 285 22.49 2.53 10.44
N SER A 286 21.95 1.73 9.52
CA SER A 286 21.09 2.30 8.48
C SER A 286 19.84 2.90 9.07
N LEU A 287 19.18 2.18 9.99
CA LEU A 287 18.01 2.72 10.66
C LEU A 287 18.38 3.99 11.42
N THR A 288 19.52 3.97 12.12
CA THR A 288 19.98 5.14 12.86
C THR A 288 20.13 6.35 11.93
N ARG A 289 20.79 6.17 10.78
CA ARG A 289 20.99 7.28 9.87
C ARG A 289 19.66 7.74 9.26
N ARG A 290 18.78 6.79 8.93
CA ARG A 290 17.49 7.16 8.37
C ARG A 290 16.73 8.07 9.33
N LEU A 291 16.74 7.73 10.63
CA LEU A 291 15.98 8.52 11.61
C LEU A 291 16.66 9.85 11.93
N SER A 292 18.00 9.89 11.96
CA SER A 292 18.71 11.12 12.28
C SER A 292 20.10 11.09 11.67
N PRO A 293 20.24 11.61 10.45
CA PRO A 293 21.54 11.52 9.78
C PRO A 293 22.62 12.37 10.41
N ASN A 294 22.26 13.48 11.07
CA ASN A 294 23.27 14.44 11.49
C ASN A 294 23.64 14.36 12.96
N GLU A 295 22.86 13.66 13.79
CA GLU A 295 23.25 13.50 15.18
C GLU A 295 24.31 12.41 15.29
N ASP A 296 24.97 12.35 16.45
CA ASP A 296 26.01 11.35 16.67
C ASP A 296 25.48 9.94 16.40
N TYR A 297 26.36 9.07 15.89
CA TYR A 297 25.94 7.71 15.57
C TYR A 297 25.43 6.96 16.80
N SER A 298 25.84 7.36 18.01
CA SER A 298 25.38 6.72 19.23
C SER A 298 23.90 6.95 19.51
N SER A 299 23.20 7.75 18.71
CA SER A 299 21.78 7.96 18.90
C SER A 299 20.97 6.67 18.75
N LEU A 300 21.55 5.62 18.16
CA LEU A 300 20.86 4.33 18.17
C LEU A 300 20.44 3.93 19.58
N ILE A 301 21.18 4.34 20.60
CA ILE A 301 20.75 4.00 21.96
C ILE A 301 19.37 4.59 22.23
N ARG A 302 19.16 5.85 21.84
CA ARG A 302 17.85 6.48 22.01
C ARG A 302 16.79 5.82 21.13
N VAL A 303 17.15 5.45 19.90
CA VAL A 303 16.24 4.74 19.00
C VAL A 303 15.72 3.47 19.66
N MET A 304 16.65 2.65 20.17
CA MET A 304 16.27 1.40 20.84
C MET A 304 15.43 1.66 22.09
N GLU A 305 15.75 2.71 22.85
CA GLU A 305 14.93 3.03 24.02
C GLU A 305 13.49 3.34 23.60
N LYS A 306 13.32 4.08 22.49
CA LYS A 306 11.99 4.39 22.02
C LYS A 306 11.26 3.15 21.50
N ILE A 307 11.97 2.20 20.88
CA ILE A 307 11.30 0.96 20.49
C ILE A 307 10.73 0.25 21.71
N VAL A 308 11.50 0.18 22.79
CA VAL A 308 11.04 -0.59 23.93
C VAL A 308 9.98 0.17 24.72
N ALA A 309 9.95 1.49 24.63
CA ALA A 309 8.88 2.28 25.23
C ALA A 309 7.56 2.03 24.49
N GLN B 18 10.14 3.18 -34.60
CA GLN B 18 11.14 2.33 -35.24
C GLN B 18 11.29 1.02 -34.48
N ILE B 19 10.31 0.12 -34.62
CA ILE B 19 10.36 -1.16 -33.94
C ILE B 19 11.58 -1.95 -34.40
N LEU B 20 12.26 -2.60 -33.45
CA LEU B 20 13.50 -3.31 -33.73
C LEU B 20 13.23 -4.76 -34.14
N SER B 21 12.36 -4.92 -35.14
CA SER B 21 12.09 -6.20 -35.75
C SER B 21 13.32 -6.69 -36.52
N PRO B 22 13.35 -7.99 -36.88
CA PRO B 22 14.47 -8.45 -37.72
C PRO B 22 14.51 -7.74 -39.06
N GLU B 23 13.35 -7.43 -39.65
CA GLU B 23 13.35 -6.71 -40.91
C GLU B 23 13.87 -5.28 -40.75
N ASN B 24 13.63 -4.66 -39.59
CA ASN B 24 14.04 -3.27 -39.39
C ASN B 24 15.45 -3.14 -38.85
N ALA B 25 15.89 -4.06 -37.99
CA ALA B 25 17.22 -4.01 -37.39
C ALA B 25 17.72 -5.44 -37.25
N PRO B 26 18.21 -6.04 -38.34
CA PRO B 26 18.51 -7.47 -38.30
C PRO B 26 19.74 -7.83 -37.47
N ARG B 27 20.70 -6.92 -37.32
CA ARG B 27 21.99 -7.24 -36.72
C ARG B 27 21.98 -6.92 -35.23
N ILE B 28 22.06 -7.96 -34.41
CA ILE B 28 22.19 -7.82 -32.95
C ILE B 28 23.60 -8.23 -32.56
N GLY B 29 24.36 -7.29 -32.00
CA GLY B 29 25.71 -7.54 -31.54
C GLY B 29 25.76 -7.58 -30.03
N PHE B 30 26.40 -8.61 -29.49
CA PHE B 30 26.47 -8.84 -28.05
C PHE B 30 27.82 -8.40 -27.50
N ILE B 31 27.78 -7.71 -26.37
CA ILE B 31 28.96 -7.47 -25.56
C ILE B 31 28.89 -8.44 -24.39
N GLY B 32 29.75 -9.46 -24.43
CA GLY B 32 29.64 -10.58 -23.50
C GLY B 32 28.79 -11.67 -24.10
N PHE B 33 29.20 -12.93 -23.96
CA PHE B 33 28.47 -14.01 -24.61
C PHE B 33 28.70 -15.31 -23.85
N GLY B 34 28.34 -15.33 -22.56
CA GLY B 34 28.52 -16.49 -21.71
C GLY B 34 27.28 -17.35 -21.65
N ALA B 35 27.05 -17.95 -20.47
CA ALA B 35 25.98 -18.94 -20.31
C ALA B 35 24.61 -18.35 -20.63
N MET B 36 24.33 -17.17 -20.08
CA MET B 36 23.04 -16.53 -20.32
C MET B 36 22.95 -16.00 -21.76
N ALA B 37 23.95 -15.25 -22.20
CA ALA B 37 23.83 -14.52 -23.46
C ALA B 37 23.82 -15.47 -24.67
N SER B 38 24.66 -16.49 -24.67
CA SER B 38 24.69 -17.41 -25.80
C SER B 38 23.33 -18.07 -25.99
N ARG B 39 22.62 -18.37 -24.88
CA ARG B 39 21.28 -18.94 -24.97
C ARG B 39 20.28 -17.92 -25.50
N MET B 40 20.35 -16.67 -25.00
CA MET B 40 19.57 -15.60 -25.60
C MET B 40 19.80 -15.52 -27.09
N GLY B 41 21.08 -15.53 -27.50
CA GLY B 41 21.40 -15.36 -28.91
C GLY B 41 20.86 -16.48 -29.78
N ASP B 42 20.76 -17.69 -29.23
CA ASP B 42 20.17 -18.79 -29.99
C ASP B 42 18.72 -18.51 -30.32
N HIS B 43 17.97 -17.98 -29.35
CA HIS B 43 16.55 -17.70 -29.60
C HIS B 43 16.38 -16.50 -30.52
N LEU B 44 17.33 -15.57 -30.52
CA LEU B 44 17.23 -14.42 -31.43
C LEU B 44 17.58 -14.83 -32.86
N LYS B 45 18.52 -15.77 -33.00
CA LYS B 45 18.80 -16.35 -34.31
C LYS B 45 17.56 -17.03 -34.88
N THR B 46 16.90 -17.86 -34.07
CA THR B 46 15.65 -18.50 -34.47
C THR B 46 14.61 -17.47 -34.89
N ALA B 47 14.52 -16.35 -34.17
CA ALA B 47 13.57 -15.30 -34.48
C ALA B 47 13.92 -14.49 -35.73
N GLY B 48 15.07 -14.75 -36.35
CA GLY B 48 15.42 -14.12 -37.60
C GLY B 48 16.54 -13.09 -37.54
N TYR B 49 17.19 -12.93 -36.40
CA TYR B 49 18.23 -11.92 -36.26
C TYR B 49 19.59 -12.49 -36.63
N THR B 50 20.50 -11.59 -36.97
CA THR B 50 21.89 -11.92 -37.26
C THR B 50 22.73 -11.56 -36.04
N ILE B 51 23.31 -12.58 -35.41
CA ILE B 51 23.99 -12.44 -34.13
C ILE B 51 25.48 -12.32 -34.35
N SER B 52 26.11 -11.37 -33.66
CA SER B 52 27.55 -11.28 -33.53
C SER B 52 27.88 -11.02 -32.07
N ALA B 53 29.15 -11.14 -31.72
CA ALA B 53 29.52 -11.01 -30.31
C ALA B 53 30.95 -10.53 -30.16
N TYR B 54 31.20 -9.90 -29.01
CA TYR B 54 32.54 -9.63 -28.52
C TYR B 54 32.66 -10.20 -27.12
N THR B 55 33.76 -10.91 -26.85
CA THR B 55 34.17 -11.26 -25.50
C THR B 55 35.65 -10.97 -25.35
N PRO B 56 36.13 -10.70 -24.12
CA PRO B 56 37.57 -10.42 -23.95
C PRO B 56 38.47 -11.55 -24.40
N SER B 57 38.06 -12.80 -24.20
CA SER B 57 38.87 -13.95 -24.60
C SER B 57 38.71 -14.30 -26.08
N GLY B 58 37.73 -13.72 -26.77
CA GLY B 58 37.42 -14.11 -28.12
C GLY B 58 36.74 -15.46 -28.25
N ARG B 59 36.40 -16.09 -27.13
CA ARG B 59 35.86 -17.44 -27.10
C ARG B 59 34.40 -17.42 -26.71
N SER B 60 33.61 -18.29 -27.35
CA SER B 60 32.19 -18.43 -27.07
C SER B 60 31.74 -19.77 -27.62
N PRO B 61 30.85 -20.49 -26.92
CA PRO B 61 30.44 -21.82 -27.37
C PRO B 61 29.58 -21.86 -28.63
N SER B 62 29.26 -20.72 -29.24
CA SER B 62 28.40 -20.74 -30.42
C SER B 62 29.26 -20.63 -31.66
N PRO B 63 29.44 -21.70 -32.43
CA PRO B 63 30.37 -21.65 -33.57
C PRO B 63 29.91 -20.76 -34.70
N SER B 64 28.59 -20.57 -34.88
CA SER B 64 28.09 -19.75 -35.97
C SER B 64 28.12 -18.25 -35.67
N VAL B 65 28.64 -17.84 -34.52
CA VAL B 65 28.59 -16.45 -34.09
C VAL B 65 29.94 -15.80 -34.39
N PRO B 66 30.02 -14.88 -35.35
CA PRO B 66 31.28 -14.18 -35.60
C PRO B 66 31.72 -13.38 -34.39
N MET B 67 33.00 -13.49 -34.07
CA MET B 67 33.59 -12.78 -32.94
C MET B 67 34.28 -11.52 -33.46
N LEU B 68 33.98 -10.40 -32.84
CA LEU B 68 34.65 -9.16 -33.23
C LEU B 68 35.75 -8.83 -32.23
N PRO B 69 36.82 -8.15 -32.64
CA PRO B 69 38.00 -8.02 -31.77
C PRO B 69 37.91 -6.97 -30.69
N THR B 70 36.99 -6.02 -30.78
CA THR B 70 36.84 -4.95 -29.80
C THR B 70 35.36 -4.64 -29.61
N PRO B 71 34.99 -4.06 -28.47
CA PRO B 71 33.61 -3.54 -28.34
C PRO B 71 33.27 -2.52 -29.41
N LEU B 72 34.23 -1.65 -29.75
CA LEU B 72 34.04 -0.71 -30.86
C LEU B 72 33.67 -1.44 -32.14
N ALA B 73 34.47 -2.45 -32.53
CA ALA B 73 34.21 -3.15 -33.78
C ALA B 73 32.86 -3.85 -33.77
N LEU B 74 32.48 -4.41 -32.61
CA LEU B 74 31.18 -5.05 -32.47
C LEU B 74 30.05 -4.08 -32.76
N ALA B 75 30.09 -2.91 -32.14
CA ALA B 75 28.98 -1.97 -32.26
C ALA B 75 28.90 -1.38 -33.67
N LYS B 76 30.02 -1.24 -34.36
CA LYS B 76 30.01 -0.61 -35.68
C LYS B 76 29.26 -1.44 -36.71
N GLN B 77 29.23 -2.77 -36.55
CA GLN B 77 28.55 -3.64 -37.49
C GLN B 77 27.24 -4.20 -36.94
N ALA B 78 26.69 -3.59 -35.90
CA ALA B 78 25.44 -4.04 -35.31
C ALA B 78 24.41 -2.92 -35.34
N ASP B 79 23.14 -3.31 -35.46
CA ASP B 79 22.03 -2.37 -35.42
C ASP B 79 21.55 -2.11 -33.99
N THR B 80 21.57 -3.15 -33.16
CA THR B 80 21.23 -3.08 -31.74
C THR B 80 22.32 -3.82 -30.98
N VAL B 81 22.71 -3.27 -29.83
CA VAL B 81 23.75 -3.86 -28.99
C VAL B 81 23.11 -4.37 -27.71
N VAL B 82 23.38 -5.63 -27.36
CA VAL B 82 22.94 -6.25 -26.11
C VAL B 82 24.17 -6.54 -25.26
N VAL B 83 24.12 -6.17 -23.99
CA VAL B 83 25.23 -6.30 -23.07
C VAL B 83 24.88 -7.36 -22.03
N CYS B 84 25.81 -8.29 -21.80
CA CYS B 84 25.62 -9.33 -20.76
C CYS B 84 26.98 -9.64 -20.12
N VAL B 85 27.38 -8.79 -19.18
CA VAL B 85 28.72 -8.86 -18.58
C VAL B 85 28.55 -9.06 -17.08
N PRO B 86 29.59 -9.51 -16.38
CA PRO B 86 29.39 -9.92 -14.98
C PRO B 86 29.12 -8.80 -13.98
N ASP B 87 29.75 -7.62 -14.11
CA ASP B 87 29.73 -6.66 -13.01
C ASP B 87 30.01 -5.25 -13.54
N ASP B 88 29.99 -4.27 -12.62
CA ASP B 88 30.22 -2.87 -12.96
C ASP B 88 31.55 -2.69 -13.67
N GLU B 89 32.58 -3.37 -13.18
CA GLU B 89 33.93 -3.15 -13.67
C GLU B 89 34.04 -3.61 -15.13
N ALA B 90 33.44 -4.76 -15.45
CA ALA B 90 33.43 -5.24 -16.83
C ALA B 90 32.60 -4.32 -17.71
N LEU B 91 31.47 -3.84 -17.20
CA LEU B 91 30.65 -2.93 -17.99
C LEU B 91 31.43 -1.69 -18.37
N ALA B 92 32.14 -1.09 -17.41
CA ALA B 92 32.86 0.14 -17.71
C ALA B 92 34.00 -0.11 -18.67
N ALA B 93 34.65 -1.28 -18.56
CA ALA B 93 35.78 -1.59 -19.43
C ALA B 93 35.36 -1.68 -20.89
N SER B 94 34.15 -2.14 -21.17
CA SER B 94 33.72 -2.36 -22.54
C SER B 94 32.77 -1.31 -23.08
N MET B 95 32.26 -0.44 -22.23
CA MET B 95 31.32 0.59 -22.66
C MET B 95 32.04 1.87 -23.05
N TYR B 96 33.09 2.24 -22.32
CA TYR B 96 33.67 3.57 -22.40
C TYR B 96 35.04 3.53 -23.09
N GLY B 97 35.52 4.71 -23.43
CA GLY B 97 36.80 4.85 -24.10
C GLY B 97 36.69 4.71 -25.61
N GLU B 98 37.79 5.06 -26.28
CA GLU B 98 37.77 5.10 -27.74
C GLU B 98 37.51 3.71 -28.34
N ASN B 99 37.85 2.64 -27.63
CA ASN B 99 37.60 1.28 -28.10
C ASN B 99 36.34 0.67 -27.50
N GLY B 100 35.54 1.45 -26.78
CA GLY B 100 34.32 0.93 -26.19
C GLY B 100 33.14 0.90 -27.15
N ALA B 101 32.04 0.30 -26.68
CA ALA B 101 30.90 0.05 -27.54
C ALA B 101 30.19 1.34 -27.92
N LEU B 102 30.04 2.26 -26.97
CA LEU B 102 29.29 3.49 -27.26
C LEU B 102 29.92 4.26 -28.40
N ALA B 103 31.25 4.30 -28.44
CA ALA B 103 31.99 5.00 -29.51
C ALA B 103 31.71 4.42 -30.89
N GLY B 104 31.11 3.23 -30.97
CA GLY B 104 30.81 2.61 -32.23
C GLY B 104 29.34 2.56 -32.60
N MET B 105 28.45 3.10 -31.78
CA MET B 105 27.06 3.11 -32.22
C MET B 105 26.61 4.50 -32.66
N THR B 106 25.50 4.49 -33.39
CA THR B 106 24.95 5.64 -34.09
C THR B 106 23.76 6.20 -33.33
N LYS B 107 23.61 7.52 -33.39
CA LYS B 107 22.47 8.20 -32.81
C LYS B 107 21.18 7.56 -33.27
N GLY B 108 20.25 7.37 -32.32
CA GLY B 108 18.97 6.76 -32.61
C GLY B 108 18.89 5.27 -32.36
N SER B 109 20.02 4.60 -32.16
CA SER B 109 20.01 3.18 -31.88
C SER B 109 19.78 2.93 -30.40
N LEU B 110 19.58 1.66 -30.06
CA LEU B 110 19.24 1.23 -28.72
C LEU B 110 20.34 0.31 -28.21
N LEU B 111 20.77 0.53 -26.97
CA LEU B 111 21.59 -0.43 -26.23
C LEU B 111 20.73 -1.06 -25.15
N ILE B 112 20.72 -2.39 -25.08
CA ILE B 112 19.95 -3.14 -24.10
C ILE B 112 20.95 -3.81 -23.16
N ASN B 113 20.96 -3.39 -21.89
CA ASN B 113 21.86 -3.97 -20.91
C ASN B 113 21.09 -5.00 -20.09
N THR B 114 21.44 -6.28 -20.24
CA THR B 114 20.83 -7.34 -19.44
C THR B 114 21.70 -7.74 -18.26
N SER B 115 22.83 -7.08 -18.07
CA SER B 115 23.75 -7.38 -16.97
C SER B 115 23.13 -7.04 -15.63
N SER B 116 23.58 -7.75 -14.59
CA SER B 116 23.18 -7.44 -13.21
C SER B 116 24.25 -6.54 -12.62
N VAL B 117 24.00 -5.22 -12.62
CA VAL B 117 24.97 -4.22 -12.22
C VAL B 117 24.31 -3.26 -11.23
N SER B 118 25.10 -2.35 -10.66
CA SER B 118 24.58 -1.48 -9.62
C SER B 118 23.71 -0.38 -10.20
N PRO B 119 22.84 0.20 -9.37
CA PRO B 119 22.13 1.42 -9.81
C PRO B 119 23.07 2.53 -10.22
N GLU B 120 24.23 2.66 -9.58
CA GLU B 120 25.15 3.73 -9.93
C GLU B 120 25.73 3.51 -11.32
N ALA B 121 26.10 2.26 -11.62
CA ALA B 121 26.60 1.91 -12.94
C ALA B 121 25.53 2.10 -14.00
N THR B 122 24.28 1.79 -13.64
CA THR B 122 23.17 1.96 -14.57
C THR B 122 22.98 3.42 -14.92
N ALA B 123 23.03 4.29 -13.92
CA ALA B 123 22.85 5.72 -14.17
C ALA B 123 23.99 6.28 -15.02
N THR B 124 25.21 5.85 -14.73
CA THR B 124 26.37 6.31 -15.48
C THR B 124 26.26 5.92 -16.95
N LEU B 125 25.87 4.68 -17.23
CA LEU B 125 25.74 4.25 -18.62
C LEU B 125 24.59 4.97 -19.31
N TYR B 126 23.47 5.15 -18.61
CA TYR B 126 22.36 5.84 -19.24
C TYR B 126 22.76 7.24 -19.67
N GLU B 127 23.45 7.98 -18.80
CA GLU B 127 23.84 9.35 -19.11
C GLU B 127 24.92 9.38 -20.20
N ALA B 128 25.86 8.42 -20.16
CA ALA B 128 26.84 8.31 -21.25
C ALA B 128 26.15 8.01 -22.58
N GLY B 129 25.16 7.11 -22.56
CA GLY B 129 24.41 6.84 -23.77
C GLY B 129 23.73 8.08 -24.32
N GLN B 130 23.22 8.94 -23.45
CA GLN B 130 22.51 10.13 -23.91
C GLN B 130 23.43 11.08 -24.66
N LYS B 131 24.68 11.23 -24.19
CA LYS B 131 25.64 12.06 -24.91
C LYS B 131 25.93 11.54 -26.31
N HIS B 132 25.75 10.24 -26.54
CA HIS B 132 25.93 9.60 -27.83
C HIS B 132 24.64 9.51 -28.64
N GLY B 133 23.53 10.01 -28.11
CA GLY B 133 22.26 9.82 -28.76
C GLY B 133 21.74 8.41 -28.75
N VAL B 134 22.23 7.57 -27.83
CA VAL B 134 21.84 6.17 -27.73
C VAL B 134 20.98 6.00 -26.49
N VAL B 135 19.78 5.45 -26.66
CA VAL B 135 18.92 5.12 -25.52
C VAL B 135 19.42 3.81 -24.91
N VAL B 136 19.68 3.83 -23.60
CA VAL B 136 20.09 2.62 -22.87
C VAL B 136 18.90 2.13 -22.07
N LEU B 137 18.46 0.91 -22.33
CA LEU B 137 17.45 0.25 -21.52
C LEU B 137 18.17 -0.63 -20.52
N ASP B 138 17.91 -0.44 -19.22
CA ASP B 138 18.38 -1.40 -18.23
C ASP B 138 17.36 -2.52 -18.18
N ALA B 139 17.74 -3.69 -18.69
CA ALA B 139 16.81 -4.81 -18.86
C ALA B 139 17.42 -6.11 -18.35
N PRO B 140 17.74 -6.19 -17.05
CA PRO B 140 18.14 -7.48 -16.48
C PRO B 140 16.98 -8.47 -16.55
N VAL B 141 17.28 -9.76 -16.32
CA VAL B 141 16.27 -10.80 -16.45
C VAL B 141 16.16 -11.64 -15.18
N SER B 142 14.95 -12.14 -14.94
CA SER B 142 14.69 -13.11 -13.89
C SER B 142 14.61 -14.49 -14.52
N GLY B 143 15.33 -15.44 -13.94
CA GLY B 143 15.43 -16.75 -14.54
C GLY B 143 16.89 -17.10 -14.74
N SER B 144 17.19 -18.39 -14.85
CA SER B 144 18.57 -18.83 -14.93
C SER B 144 18.81 -19.53 -16.27
N THR B 145 19.81 -20.41 -16.34
CA THR B 145 20.06 -21.07 -17.62
C THR B 145 18.91 -21.95 -18.10
N PRO B 146 18.14 -22.66 -17.26
CA PRO B 146 17.01 -23.41 -17.82
C PRO B 146 15.95 -22.50 -18.43
N GLU B 147 15.69 -21.36 -17.80
CA GLU B 147 14.72 -20.41 -18.35
C GLU B 147 15.25 -19.75 -19.62
N ALA B 148 16.56 -19.51 -19.71
CA ALA B 148 17.12 -18.96 -20.93
C ALA B 148 17.04 -19.98 -22.07
N ASP B 149 17.27 -21.27 -21.74
CA ASP B 149 17.09 -22.33 -22.74
C ASP B 149 15.68 -22.34 -23.32
N SER B 150 14.67 -22.18 -22.47
CA SER B 150 13.29 -22.30 -22.91
C SER B 150 12.66 -20.96 -23.26
N ALA B 151 13.45 -19.88 -23.27
CA ALA B 151 12.93 -18.52 -23.44
C ALA B 151 11.78 -18.24 -22.47
N SER B 152 11.98 -18.66 -21.22
CA SER B 152 11.02 -18.44 -20.13
C SER B 152 11.45 -17.29 -19.22
N LEU B 153 12.46 -16.53 -19.63
CA LEU B 153 12.94 -15.39 -18.85
C LEU B 153 11.81 -14.38 -18.65
N VAL B 154 11.86 -13.67 -17.53
CA VAL B 154 11.06 -12.47 -17.31
C VAL B 154 12.00 -11.28 -17.42
N ILE B 155 11.74 -10.40 -18.39
CA ILE B 155 12.55 -9.20 -18.59
C ILE B 155 12.08 -8.12 -17.63
N LEU B 156 13.01 -7.46 -16.96
CA LEU B 156 12.73 -6.41 -15.98
C LEU B 156 13.34 -5.13 -16.52
N VAL B 157 12.54 -4.23 -17.10
CA VAL B 157 13.13 -3.20 -17.95
C VAL B 157 12.74 -1.81 -17.46
N GLY B 158 13.74 -0.94 -17.43
CA GLY B 158 13.55 0.47 -17.12
C GLY B 158 13.77 1.33 -18.36
N GLY B 159 12.89 2.29 -18.54
CA GLY B 159 13.04 3.24 -19.63
C GLY B 159 11.69 3.83 -20.01
N ASP B 160 11.75 4.66 -21.06
CA ASP B 160 10.54 5.25 -21.62
C ASP B 160 9.69 4.18 -22.29
N LYS B 161 8.37 4.34 -22.14
CA LYS B 161 7.40 3.41 -22.71
C LYS B 161 7.66 3.14 -24.18
N ASP B 162 7.97 4.20 -24.94
CA ASP B 162 8.15 4.07 -26.39
C ASP B 162 9.42 3.30 -26.73
N ASP B 163 10.48 3.47 -25.94
CA ASP B 163 11.71 2.73 -26.18
C ASP B 163 11.53 1.25 -25.81
N VAL B 164 10.79 0.97 -24.74
CA VAL B 164 10.48 -0.43 -24.41
C VAL B 164 9.71 -1.08 -25.55
N ALA B 165 8.77 -0.33 -26.15
CA ALA B 165 8.02 -0.86 -27.28
C ALA B 165 8.94 -1.16 -28.46
N ARG B 166 9.99 -0.35 -28.68
CA ARG B 166 10.92 -0.60 -29.77
C ARG B 166 11.61 -1.94 -29.60
N ALA B 167 11.93 -2.30 -28.36
CA ALA B 167 12.67 -3.51 -28.05
C ALA B 167 11.78 -4.74 -27.89
N ALA B 168 10.46 -4.59 -28.00
CA ALA B 168 9.55 -5.70 -27.75
C ALA B 168 9.86 -6.97 -28.53
N PRO B 169 10.13 -6.94 -29.85
CA PRO B 169 10.41 -8.22 -30.53
C PRO B 169 11.60 -8.95 -29.96
N ILE B 170 12.64 -8.22 -29.55
CA ILE B 170 13.81 -8.83 -28.91
C ILE B 170 13.41 -9.46 -27.59
N PHE B 171 12.73 -8.71 -26.73
CA PHE B 171 12.30 -9.23 -25.45
C PHE B 171 11.38 -10.45 -25.60
N ASP B 172 10.53 -10.45 -26.63
CA ASP B 172 9.61 -11.57 -26.82
C ASP B 172 10.35 -12.84 -27.24
N ALA B 173 11.45 -12.69 -27.99
CA ALA B 173 12.19 -13.86 -28.46
C ALA B 173 12.88 -14.58 -27.30
N ILE B 174 13.39 -13.82 -26.33
CA ILE B 174 14.22 -14.41 -25.28
C ILE B 174 13.46 -14.72 -24.00
N GLY B 175 12.23 -14.24 -23.84
CA GLY B 175 11.49 -14.42 -22.59
C GLY B 175 10.02 -14.65 -22.82
N LYS B 176 9.31 -14.88 -21.71
CA LYS B 176 7.87 -15.12 -21.71
C LYS B 176 7.07 -13.94 -21.19
N LEU B 177 7.72 -12.90 -20.67
CA LEU B 177 7.01 -11.80 -20.02
C LEU B 177 7.98 -10.62 -19.87
N THR B 178 7.50 -9.43 -20.22
CA THR B 178 8.28 -8.21 -20.09
C THR B 178 7.58 -7.33 -19.07
N ILE B 179 8.22 -7.10 -17.93
CA ILE B 179 7.69 -6.22 -16.89
C ILE B 179 8.33 -4.87 -17.08
N HIS B 180 7.51 -3.87 -17.41
CA HIS B 180 8.03 -2.51 -17.48
C HIS B 180 8.01 -1.94 -16.07
N ALA B 181 9.19 -1.81 -15.47
CA ALA B 181 9.29 -1.51 -14.06
C ALA B 181 9.26 -0.03 -13.76
N GLY B 182 9.38 0.82 -14.79
CA GLY B 182 9.42 2.25 -14.60
C GLY B 182 10.47 2.87 -15.51
N PRO B 183 10.86 4.12 -15.20
CA PRO B 183 11.89 4.81 -15.99
C PRO B 183 13.28 4.22 -15.82
N THR B 184 14.28 4.82 -16.50
CA THR B 184 15.64 4.31 -16.45
C THR B 184 16.08 4.07 -15.01
N GLY B 185 16.67 2.90 -14.78
CA GLY B 185 17.10 2.46 -13.46
C GLY B 185 16.12 1.54 -12.75
N SER B 186 14.87 1.46 -13.23
CA SER B 186 13.86 0.67 -12.52
C SER B 186 14.08 -0.82 -12.70
N GLY B 187 14.62 -1.23 -13.86
CA GLY B 187 14.88 -2.64 -14.06
C GLY B 187 16.04 -3.12 -13.20
N ALA B 188 17.12 -2.34 -13.15
CA ALA B 188 18.23 -2.67 -12.26
C ALA B 188 17.74 -2.84 -10.82
N ARG B 189 16.88 -1.93 -10.36
CA ARG B 189 16.42 -2.01 -8.98
C ARG B 189 15.54 -3.23 -8.76
N LEU B 190 14.66 -3.55 -9.70
CA LEU B 190 13.77 -4.69 -9.52
C LEU B 190 14.55 -6.00 -9.55
N LYS B 191 15.60 -6.06 -10.36
CA LYS B 191 16.49 -7.22 -10.33
C LYS B 191 17.14 -7.37 -8.97
N LEU B 192 17.58 -6.26 -8.36
CA LEU B 192 18.15 -6.37 -7.02
C LEU B 192 17.14 -6.92 -6.02
N VAL B 193 15.88 -6.45 -6.09
CA VAL B 193 14.83 -6.99 -5.22
C VAL B 193 14.71 -8.51 -5.37
N ILE B 194 14.60 -8.98 -6.61
CA ILE B 194 14.37 -10.40 -6.84
C ILE B 194 15.60 -11.22 -6.44
N ASN B 195 16.81 -10.68 -6.69
CA ASN B 195 18.05 -11.35 -6.26
C ASN B 195 18.07 -11.59 -4.76
N GLY B 196 17.68 -10.59 -3.98
CA GLY B 196 17.62 -10.74 -2.54
C GLY B 196 16.70 -11.86 -2.11
N ILE B 197 15.52 -11.93 -2.73
CA ILE B 197 14.56 -12.99 -2.41
C ILE B 197 15.16 -14.36 -2.73
N MET B 198 15.84 -14.46 -3.87
CA MET B 198 16.44 -15.72 -4.27
C MET B 198 17.56 -16.14 -3.32
N GLY B 199 18.47 -15.21 -3.03
CA GLY B 199 19.62 -15.56 -2.19
C GLY B 199 19.23 -15.90 -0.77
N ALA B 200 18.41 -15.04 -0.13
CA ALA B 200 18.01 -15.34 1.24
C ALA B 200 17.05 -16.53 1.30
N GLY B 201 16.31 -16.79 0.23
CA GLY B 201 15.48 -17.98 0.22
C GLY B 201 16.33 -19.24 0.30
N LEU B 202 17.48 -19.24 -0.36
CA LEU B 202 18.38 -20.38 -0.30
C LEU B 202 19.04 -20.48 1.07
N THR B 203 19.53 -19.36 1.63
CA THR B 203 20.23 -19.47 2.91
C THR B 203 19.27 -19.90 4.01
N THR B 204 18.04 -19.37 3.99
CA THR B 204 17.00 -19.84 4.89
C THR B 204 16.82 -21.35 4.81
N LEU B 205 16.70 -21.85 3.59
CA LEU B 205 16.46 -23.27 3.39
C LEU B 205 17.65 -24.10 3.86
N ALA B 206 18.87 -23.66 3.55
CA ALA B 206 20.06 -24.39 3.99
C ALA B 206 20.14 -24.45 5.51
N GLU B 207 19.84 -23.34 6.20
CA GLU B 207 19.94 -23.35 7.66
C GLU B 207 18.83 -24.17 8.29
N SER B 208 17.62 -24.15 7.72
CA SER B 208 16.52 -24.91 8.27
C SER B 208 16.76 -26.41 8.12
N VAL B 209 17.24 -26.82 6.94
CA VAL B 209 17.62 -28.22 6.75
C VAL B 209 18.74 -28.60 7.72
N ALA B 210 19.72 -27.72 7.88
CA ALA B 210 20.83 -27.98 8.80
C ALA B 210 20.33 -28.21 10.22
N TYR B 211 19.39 -27.38 10.71
CA TYR B 211 18.86 -27.62 12.04
C TYR B 211 18.18 -29.00 12.10
N GLY B 212 17.35 -29.30 11.10
CA GLY B 212 16.62 -30.56 11.12
C GLY B 212 17.55 -31.76 11.18
N LEU B 213 18.63 -31.72 10.41
CA LEU B 213 19.59 -32.81 10.44
C LEU B 213 20.31 -32.87 11.77
N SER B 214 20.65 -31.70 12.33
CA SER B 214 21.35 -31.67 13.60
C SER B 214 20.50 -32.22 14.73
N ALA B 215 19.18 -32.16 14.58
CA ALA B 215 18.24 -32.64 15.59
C ALA B 215 17.86 -34.10 15.37
N GLY B 216 18.53 -34.77 14.44
CA GLY B 216 18.41 -36.20 14.27
C GLY B 216 17.41 -36.66 13.23
N LEU B 217 16.79 -35.75 12.48
CA LEU B 217 15.84 -36.17 11.47
C LEU B 217 16.53 -36.92 10.34
N ASP B 218 15.85 -37.96 9.83
CA ASP B 218 16.35 -38.72 8.69
C ASP B 218 16.49 -37.84 7.47
N ARG B 219 17.63 -37.93 6.78
CA ARG B 219 17.90 -37.02 5.67
C ARG B 219 16.88 -37.19 4.53
N SER B 220 16.67 -38.42 4.06
CA SER B 220 15.73 -38.59 2.95
C SER B 220 14.31 -38.20 3.35
N MET B 221 13.88 -38.58 4.56
CA MET B 221 12.61 -38.11 5.09
C MET B 221 12.50 -36.59 4.96
N LEU B 222 13.51 -35.90 5.46
CA LEU B 222 13.46 -34.43 5.55
C LEU B 222 13.41 -33.78 4.17
N PHE B 223 14.31 -34.18 3.26
CA PHE B 223 14.28 -33.61 1.91
C PHE B 223 12.94 -33.89 1.24
N ASP B 224 12.41 -35.10 1.40
CA ASP B 224 11.16 -35.43 0.73
C ASP B 224 9.97 -34.69 1.35
N ALA B 225 9.97 -34.51 2.67
CA ALA B 225 8.89 -33.78 3.32
C ALA B 225 8.86 -32.34 2.87
N LEU B 226 10.03 -31.68 2.79
CA LEU B 226 10.05 -30.27 2.40
C LEU B 226 9.58 -30.08 0.97
N ASP B 227 9.71 -31.09 0.11
CA ASP B 227 9.16 -30.95 -1.23
C ASP B 227 7.65 -30.84 -1.23
N GLN B 228 6.99 -31.19 -0.12
CA GLN B 228 5.54 -31.25 -0.02
C GLN B 228 4.92 -30.01 0.60
N VAL B 229 5.70 -29.02 1.05
CA VAL B 229 5.14 -27.91 1.80
C VAL B 229 4.99 -26.70 0.90
N ALA B 230 4.11 -25.79 1.31
CA ALA B 230 3.74 -24.63 0.50
C ALA B 230 4.61 -23.41 0.73
N VAL B 231 5.58 -23.48 1.64
CA VAL B 231 6.35 -22.31 2.04
C VAL B 231 7.72 -22.25 1.37
N ILE B 232 8.02 -23.17 0.43
CA ILE B 232 9.25 -23.13 -0.37
C ILE B 232 8.86 -22.85 -1.82
N SER B 233 9.64 -22.00 -2.47
CA SER B 233 9.32 -21.62 -3.84
C SER B 233 9.64 -22.77 -4.81
N PRO B 234 9.03 -22.77 -6.00
CA PRO B 234 9.38 -23.82 -6.98
C PRO B 234 10.85 -23.82 -7.35
N HIS B 235 11.44 -22.63 -7.48
CA HIS B 235 12.86 -22.51 -7.75
C HIS B 235 13.67 -23.21 -6.66
N HIS B 236 13.37 -22.91 -5.40
CA HIS B 236 14.19 -23.49 -4.33
C HIS B 236 13.86 -24.96 -4.12
N LYS B 237 12.65 -25.41 -4.46
CA LYS B 237 12.38 -26.84 -4.41
C LYS B 237 13.24 -27.60 -5.42
N ARG B 238 13.50 -26.99 -6.58
CA ARG B 238 14.38 -27.62 -7.55
C ARG B 238 15.81 -27.70 -7.03
N LYS B 239 16.27 -26.64 -6.37
CA LYS B 239 17.60 -26.67 -5.75
C LYS B 239 17.68 -27.76 -4.69
N LEU B 240 16.62 -27.91 -3.89
CA LEU B 240 16.64 -28.89 -2.82
C LEU B 240 16.72 -30.31 -3.37
N LYS B 241 15.99 -30.58 -4.46
CA LYS B 241 16.05 -31.91 -5.06
C LYS B 241 17.46 -32.21 -5.58
N ALA B 242 18.10 -31.21 -6.19
CA ALA B 242 19.46 -31.40 -6.65
C ALA B 242 20.42 -31.61 -5.47
N ALA B 243 20.24 -30.84 -4.41
CA ALA B 243 21.08 -31.00 -3.22
C ALA B 243 20.91 -32.37 -2.57
N LYS B 244 19.74 -32.99 -2.70
CA LYS B 244 19.56 -34.33 -2.14
C LYS B 244 20.58 -35.29 -2.74
N ASP B 245 20.91 -35.08 -4.01
CA ASP B 245 21.88 -35.88 -4.75
C ASP B 245 23.30 -35.32 -4.66
N GLY B 246 23.52 -34.27 -3.88
CA GLY B 246 24.82 -33.61 -3.88
C GLY B 246 25.19 -32.93 -5.19
N ASN B 247 24.21 -32.58 -6.01
CA ASN B 247 24.45 -32.03 -7.34
C ASN B 247 24.44 -30.50 -7.30
N PHE B 248 25.63 -29.90 -7.37
CA PHE B 248 25.75 -28.45 -7.45
C PHE B 248 26.50 -28.02 -8.71
N ALA B 249 26.35 -28.79 -9.80
CA ALA B 249 26.75 -28.28 -11.09
C ALA B 249 26.11 -26.91 -11.30
N PRO B 250 26.85 -25.92 -11.80
CA PRO B 250 26.35 -24.52 -11.75
C PRO B 250 25.22 -24.24 -12.73
N GLN B 251 24.13 -23.65 -12.22
CA GLN B 251 23.22 -22.88 -13.06
C GLN B 251 23.40 -21.39 -12.82
N PHE B 252 23.48 -21.00 -11.56
CA PHE B 252 23.87 -19.65 -11.15
C PHE B 252 24.98 -19.83 -10.13
N PRO B 253 26.23 -19.53 -10.49
CA PRO B 253 27.34 -19.83 -9.59
C PRO B 253 27.39 -18.93 -8.37
N ALA B 254 27.96 -19.47 -7.30
CA ALA B 254 28.09 -18.72 -6.04
C ALA B 254 28.80 -17.38 -6.24
N ARG B 255 29.81 -17.32 -7.12
CA ARG B 255 30.53 -16.05 -7.28
C ARG B 255 29.61 -14.97 -7.83
N LEU B 256 28.64 -15.34 -8.67
CA LEU B 256 27.74 -14.32 -9.23
C LEU B 256 26.60 -14.02 -8.28
N MET B 257 26.06 -15.03 -7.59
CA MET B 257 25.00 -14.76 -6.63
C MET B 257 25.51 -13.89 -5.49
N GLN B 258 26.72 -14.18 -5.01
CA GLN B 258 27.26 -13.40 -3.90
C GLN B 258 27.57 -11.97 -4.34
N LYS B 259 28.05 -11.80 -5.58
CA LYS B 259 28.21 -10.46 -6.14
C LYS B 259 26.89 -9.71 -6.18
N ASP B 260 25.82 -10.37 -6.61
CA ASP B 260 24.52 -9.69 -6.65
C ASP B 260 24.06 -9.31 -5.25
N MET B 261 24.35 -10.16 -4.26
CA MET B 261 23.99 -9.81 -2.89
C MET B 261 24.79 -8.60 -2.42
N ARG B 262 26.09 -8.56 -2.78
CA ARG B 262 26.90 -7.38 -2.44
C ARG B 262 26.28 -6.12 -3.02
N LEU B 263 25.84 -6.17 -4.29
CA LEU B 263 25.25 -4.99 -4.90
C LEU B 263 23.97 -4.58 -4.18
N LEU B 264 23.14 -5.56 -3.83
CA LEU B 264 21.89 -5.25 -3.14
C LEU B 264 22.16 -4.64 -1.78
N LEU B 265 23.12 -5.18 -1.02
CA LEU B 265 23.35 -4.61 0.30
C LEU B 265 24.00 -3.22 0.21
N ASP B 266 24.85 -2.98 -0.78
CA ASP B 266 25.34 -1.61 -0.97
C ASP B 266 24.21 -0.65 -1.30
N ALA B 267 23.30 -1.06 -2.20
CA ALA B 267 22.19 -0.17 -2.53
C ALA B 267 21.27 0.06 -1.34
N ALA B 268 21.01 -0.99 -0.55
CA ALA B 268 20.16 -0.83 0.62
C ALA B 268 20.80 0.08 1.65
N ALA B 269 22.14 0.07 1.73
CA ALA B 269 22.80 0.99 2.64
C ALA B 269 22.73 2.42 2.11
N ARG B 270 22.88 2.59 0.80
CA ARG B 270 22.79 3.94 0.25
C ARG B 270 21.40 4.53 0.45
N GLU B 271 20.37 3.69 0.41
CA GLU B 271 19.00 4.14 0.70
C GLU B 271 18.68 4.15 2.18
N ALA B 272 19.62 3.71 3.03
CA ALA B 272 19.43 3.63 4.48
C ALA B 272 18.19 2.83 4.85
N VAL B 273 18.04 1.65 4.25
CA VAL B 273 16.94 0.73 4.57
C VAL B 273 17.52 -0.44 5.36
N PRO B 274 17.05 -0.70 6.58
CA PRO B 274 17.60 -1.82 7.37
C PRO B 274 17.06 -3.15 6.89
N VAL B 275 17.96 -4.02 6.42
CA VAL B 275 17.54 -5.33 5.89
C VAL B 275 18.33 -6.46 6.56
N PRO B 276 18.06 -6.78 7.84
CA PRO B 276 18.93 -7.73 8.55
C PRO B 276 18.88 -9.14 8.00
N THR B 277 17.73 -9.60 7.47
CA THR B 277 17.68 -10.95 6.92
C THR B 277 18.54 -11.03 5.66
N LEU B 278 18.42 -10.04 4.79
CA LEU B 278 19.23 -10.01 3.58
C LEU B 278 20.72 -9.88 3.92
N ALA B 279 21.05 -9.12 4.97
CA ALA B 279 22.44 -8.95 5.36
C ALA B 279 23.04 -10.26 5.86
N ALA B 280 22.29 -10.99 6.68
CA ALA B 280 22.74 -12.30 7.16
C ALA B 280 22.92 -13.27 6.01
N ALA B 281 21.95 -13.30 5.09
CA ALA B 281 22.07 -14.19 3.93
C ALA B 281 23.32 -13.87 3.12
N THR B 282 23.63 -12.59 2.95
CA THR B 282 24.82 -12.20 2.20
C THR B 282 26.08 -12.80 2.81
N GLN B 283 26.17 -12.83 4.13
CA GLN B 283 27.37 -13.34 4.77
C GLN B 283 27.49 -14.84 4.57
N GLN B 284 26.37 -15.54 4.63
CA GLN B 284 26.37 -16.96 4.32
C GLN B 284 26.81 -17.21 2.89
N LEU B 285 26.41 -16.33 1.96
CA LEU B 285 26.82 -16.50 0.57
C LEU B 285 28.27 -16.08 0.33
N SER B 286 28.84 -15.22 1.17
CA SER B 286 30.28 -15.02 1.15
C SER B 286 31.02 -16.31 1.51
N LEU B 287 30.58 -16.99 2.58
CA LEU B 287 31.19 -18.27 2.92
C LEU B 287 31.05 -19.26 1.77
N THR B 288 29.86 -19.31 1.17
CA THR B 288 29.61 -20.22 0.04
C THR B 288 30.58 -19.95 -1.11
N ARG B 289 30.74 -18.68 -1.50
CA ARG B 289 31.64 -18.33 -2.58
C ARG B 289 33.09 -18.67 -2.22
N ARG B 290 33.47 -18.44 -0.97
CA ARG B 290 34.86 -18.71 -0.57
C ARG B 290 35.16 -20.20 -0.71
N LEU B 291 34.23 -21.05 -0.30
CA LEU B 291 34.46 -22.50 -0.33
C LEU B 291 34.38 -23.05 -1.74
N SER B 292 33.48 -22.52 -2.58
CA SER B 292 33.34 -22.99 -3.96
C SER B 292 32.75 -21.88 -4.83
N PRO B 293 33.60 -21.08 -5.49
CA PRO B 293 33.07 -19.95 -6.26
C PRO B 293 32.28 -20.37 -7.48
N ASN B 294 32.58 -21.53 -8.08
CA ASN B 294 32.04 -21.85 -9.38
C ASN B 294 30.89 -22.84 -9.37
N GLU B 295 30.70 -23.59 -8.31
CA GLU B 295 29.52 -24.44 -8.23
C GLU B 295 28.27 -23.59 -8.00
N ASP B 296 27.12 -24.20 -8.19
CA ASP B 296 25.85 -23.50 -7.97
C ASP B 296 25.81 -22.85 -6.60
N TYR B 297 25.16 -21.68 -6.51
CA TYR B 297 25.06 -20.99 -5.24
C TYR B 297 24.32 -21.82 -4.18
N SER B 298 23.52 -22.81 -4.60
CA SER B 298 22.83 -23.67 -3.64
C SER B 298 23.77 -24.59 -2.87
N SER B 299 25.07 -24.62 -3.21
CA SER B 299 26.02 -25.46 -2.50
C SER B 299 26.09 -25.16 -1.01
N LEU B 300 25.56 -24.02 -0.56
CA LEU B 300 25.47 -23.75 0.86
C LEU B 300 24.73 -24.87 1.58
N ILE B 301 23.80 -25.55 0.91
CA ILE B 301 23.13 -26.67 1.55
C ILE B 301 24.15 -27.72 1.98
N ARG B 302 25.08 -28.04 1.07
CA ARG B 302 26.16 -28.99 1.39
C ARG B 302 27.09 -28.45 2.47
N VAL B 303 27.44 -27.17 2.39
CA VAL B 303 28.30 -26.54 3.40
C VAL B 303 27.70 -26.73 4.79
N MET B 304 26.40 -26.46 4.92
CA MET B 304 25.74 -26.57 6.21
C MET B 304 25.64 -28.03 6.65
N GLU B 305 25.37 -28.96 5.72
CA GLU B 305 25.35 -30.38 6.07
C GLU B 305 26.68 -30.82 6.69
N LYS B 306 27.78 -30.32 6.13
CA LYS B 306 29.12 -30.70 6.59
C LYS B 306 29.43 -30.08 7.95
N ILE B 307 28.96 -28.85 8.20
CA ILE B 307 29.11 -28.29 9.54
C ILE B 307 28.42 -29.17 10.56
N VAL B 308 27.20 -29.60 10.26
CA VAL B 308 26.43 -30.40 11.22
C VAL B 308 27.04 -31.80 11.35
N ALA B 309 27.60 -32.32 10.26
CA ALA B 309 28.23 -33.64 10.32
C ALA B 309 29.57 -33.62 11.04
N ASN B 310 30.06 -32.44 11.41
CA ASN B 310 31.20 -32.31 12.30
C ASN B 310 30.92 -31.24 13.38
N GLN C 18 21.20 -9.61 61.96
CA GLN C 18 21.16 -10.95 61.40
C GLN C 18 22.02 -11.01 60.13
N ILE C 19 23.10 -10.21 60.14
CA ILE C 19 24.06 -10.24 59.05
C ILE C 19 24.74 -11.61 59.00
N LEU C 20 25.06 -12.06 57.79
CA LEU C 20 25.66 -13.38 57.59
C LEU C 20 27.18 -13.32 57.67
N SER C 21 27.67 -12.70 58.74
CA SER C 21 29.08 -12.70 59.06
C SER C 21 29.51 -14.11 59.47
N PRO C 22 30.82 -14.41 59.43
CA PRO C 22 31.27 -15.74 59.89
C PRO C 22 30.86 -16.03 61.32
N GLU C 23 30.65 -14.99 62.13
CA GLU C 23 30.21 -15.19 63.50
C GLU C 23 28.79 -15.75 63.55
N ASN C 24 27.86 -15.12 62.83
CA ASN C 24 26.46 -15.54 62.90
C ASN C 24 26.16 -16.72 61.98
N ALA C 25 26.91 -16.86 60.89
CA ALA C 25 26.63 -17.88 59.88
C ALA C 25 27.95 -18.42 59.35
N PRO C 26 28.61 -19.27 60.12
CA PRO C 26 29.95 -19.71 59.72
C PRO C 26 29.97 -20.69 58.56
N ARG C 27 28.95 -21.55 58.41
CA ARG C 27 28.99 -22.63 57.43
C ARG C 27 28.31 -22.19 56.14
N ILE C 28 29.08 -22.17 55.06
CA ILE C 28 28.56 -21.89 53.73
C ILE C 28 28.66 -23.16 52.91
N GLY C 29 27.50 -23.70 52.50
CA GLY C 29 27.47 -24.87 51.64
C GLY C 29 27.21 -24.47 50.21
N PHE C 30 28.01 -25.02 49.30
CA PHE C 30 27.88 -24.73 47.87
C PHE C 30 27.09 -25.83 47.18
N ILE C 31 26.21 -25.43 46.28
CA ILE C 31 25.59 -26.32 45.31
C ILE C 31 26.29 -26.05 43.98
N GLY C 32 27.19 -26.94 43.59
CA GLY C 32 28.08 -26.69 42.48
C GLY C 32 29.38 -26.08 42.96
N PHE C 33 30.51 -26.51 42.42
CA PHE C 33 31.81 -26.08 42.92
C PHE C 33 32.86 -26.18 41.83
N GLY C 34 32.65 -25.44 40.74
CA GLY C 34 33.51 -25.47 39.58
C GLY C 34 34.59 -24.40 39.59
N ALA C 35 34.95 -23.95 38.39
CA ALA C 35 36.04 -23.00 38.25
C ALA C 35 35.75 -21.71 38.98
N MET C 36 34.49 -21.30 39.00
CA MET C 36 34.14 -20.02 39.61
C MET C 36 33.91 -20.20 41.11
N ALA C 37 33.05 -21.14 41.48
CA ALA C 37 32.68 -21.31 42.89
C ALA C 37 33.88 -21.70 43.74
N SER C 38 34.77 -22.55 43.21
CA SER C 38 35.93 -22.96 43.99
C SER C 38 36.82 -21.77 44.33
N ARG C 39 36.94 -20.81 43.40
CA ARG C 39 37.74 -19.62 43.69
C ARG C 39 37.01 -18.70 44.65
N MET C 40 35.68 -18.60 44.55
CA MET C 40 34.89 -17.91 45.58
C MET C 40 35.13 -18.54 46.95
N GLY C 41 35.09 -19.87 47.01
CA GLY C 41 35.25 -20.56 48.28
C GLY C 41 36.58 -20.28 48.95
N ASP C 42 37.66 -20.24 48.16
CA ASP C 42 38.96 -19.91 48.73
C ASP C 42 38.92 -18.55 49.42
N HIS C 43 38.25 -17.57 48.81
CA HIS C 43 38.17 -16.24 49.40
C HIS C 43 37.26 -16.23 50.61
N LEU C 44 36.18 -17.01 50.60
CA LEU C 44 35.33 -17.07 51.78
C LEU C 44 36.03 -17.81 52.91
N LYS C 45 36.88 -18.79 52.58
CA LYS C 45 37.68 -19.45 53.60
C LYS C 45 38.61 -18.46 54.29
N THR C 46 39.38 -17.69 53.49
CA THR C 46 40.23 -16.64 54.04
C THR C 46 39.45 -15.69 54.94
N ALA C 47 38.20 -15.42 54.60
CA ALA C 47 37.38 -14.50 55.39
C ALA C 47 36.83 -15.13 56.66
N GLY C 48 37.03 -16.42 56.87
CA GLY C 48 36.67 -17.06 58.11
C GLY C 48 35.46 -17.97 58.09
N TYR C 49 34.98 -18.36 56.91
CA TYR C 49 33.84 -19.25 56.79
C TYR C 49 34.29 -20.70 56.63
N THR C 50 33.42 -21.64 57.01
CA THR C 50 33.66 -23.06 56.80
C THR C 50 32.90 -23.51 55.55
N ILE C 51 33.62 -24.04 54.57
CA ILE C 51 33.10 -24.30 53.23
C ILE C 51 32.83 -25.78 53.07
N SER C 52 31.64 -26.11 52.58
CA SER C 52 31.28 -27.45 52.14
C SER C 52 30.73 -27.34 50.73
N ALA C 53 30.53 -28.47 50.08
CA ALA C 53 30.11 -28.43 48.68
C ALA C 53 29.46 -29.73 48.28
N TYR C 54 28.54 -29.63 47.33
CA TYR C 54 27.94 -30.78 46.65
C TYR C 54 28.11 -30.59 45.15
N THR C 55 28.54 -31.65 44.48
CA THR C 55 28.46 -31.71 43.03
C THR C 55 27.98 -33.12 42.69
N PRO C 56 27.25 -33.28 41.57
CA PRO C 56 26.72 -34.61 41.22
C PRO C 56 27.79 -35.67 41.08
N SER C 57 29.06 -35.29 40.90
CA SER C 57 30.15 -36.23 40.73
C SER C 57 31.04 -36.40 41.94
N GLY C 58 31.26 -35.34 42.71
CA GLY C 58 32.28 -35.34 43.75
C GLY C 58 33.59 -34.75 43.22
N VAL C 65 38.02 -29.66 50.31
CA VAL C 65 36.71 -29.20 50.77
C VAL C 65 35.76 -30.39 50.93
N PRO C 66 35.11 -30.48 52.08
CA PRO C 66 34.20 -31.61 52.35
C PRO C 66 33.04 -31.64 51.37
N MET C 67 32.82 -32.81 50.76
CA MET C 67 31.74 -33.04 49.83
C MET C 67 30.59 -33.78 50.52
N LEU C 68 29.36 -33.36 50.23
CA LEU C 68 28.17 -33.97 50.78
C LEU C 68 27.43 -34.76 49.70
N PRO C 69 26.67 -35.80 50.08
CA PRO C 69 26.18 -36.75 49.07
C PRO C 69 25.01 -36.25 48.23
N THR C 70 24.19 -35.36 48.79
CA THR C 70 23.00 -34.86 48.13
C THR C 70 22.94 -33.36 48.35
N PRO C 71 22.16 -32.63 47.52
CA PRO C 71 21.86 -31.24 47.87
C PRO C 71 21.19 -31.11 49.22
N LEU C 72 20.27 -32.04 49.53
CA LEU C 72 19.61 -32.04 50.83
C LEU C 72 20.62 -32.12 51.97
N ALA C 73 21.53 -33.09 51.91
CA ALA C 73 22.54 -33.22 52.96
C ALA C 73 23.42 -31.98 53.06
N LEU C 74 23.82 -31.43 51.90
CA LEU C 74 24.59 -30.18 51.88
C LEU C 74 23.86 -29.08 52.63
N ALA C 75 22.56 -28.91 52.35
CA ALA C 75 21.81 -27.80 52.95
C ALA C 75 21.58 -28.02 54.44
N LYS C 76 21.41 -29.28 54.87
CA LYS C 76 21.13 -29.53 56.28
C LYS C 76 22.30 -29.14 57.18
N GLN C 77 23.52 -29.17 56.67
CA GLN C 77 24.72 -28.86 57.45
C GLN C 77 25.33 -27.51 57.08
N ALA C 78 24.58 -26.63 56.42
CA ALA C 78 25.04 -25.30 56.06
C ALA C 78 24.13 -24.24 56.68
N ASP C 79 24.70 -23.07 56.96
CA ASP C 79 23.93 -21.92 57.43
C ASP C 79 23.43 -21.07 56.27
N THR C 80 24.25 -20.91 55.25
CA THR C 80 23.91 -20.21 54.01
C THR C 80 24.28 -21.13 52.87
N VAL C 81 23.44 -21.16 51.84
CA VAL C 81 23.70 -21.97 50.65
C VAL C 81 23.98 -21.03 49.49
N VAL C 82 25.09 -21.26 48.79
CA VAL C 82 25.45 -20.54 47.58
C VAL C 82 25.38 -21.51 46.41
N VAL C 83 24.67 -21.13 45.35
CA VAL C 83 24.48 -22.00 44.19
C VAL C 83 25.31 -21.45 43.03
N CYS C 84 25.99 -22.37 42.31
CA CYS C 84 26.82 -22.00 41.16
C CYS C 84 26.81 -23.17 40.17
N VAL C 85 25.71 -23.28 39.42
CA VAL C 85 25.49 -24.42 38.54
C VAL C 85 25.40 -23.89 37.11
N PRO C 86 25.53 -24.77 36.11
CA PRO C 86 25.65 -24.28 34.73
C PRO C 86 24.37 -23.74 34.09
N ASP C 87 23.19 -24.29 34.37
CA ASP C 87 22.02 -23.94 33.58
C ASP C 87 20.74 -24.19 34.38
N ASP C 88 19.59 -23.84 33.77
CA ASP C 88 18.29 -24.02 34.42
C ASP C 88 18.06 -25.47 34.84
N GLU C 89 18.44 -26.40 33.97
CA GLU C 89 18.18 -27.81 34.22
C GLU C 89 18.96 -28.30 35.44
N ALA C 90 20.22 -27.89 35.57
CA ALA C 90 21.00 -28.28 36.74
C ALA C 90 20.45 -27.63 37.99
N LEU C 91 19.98 -26.39 37.87
CA LEU C 91 19.39 -25.70 39.02
C LEU C 91 18.16 -26.46 39.54
N ALA C 92 17.26 -26.84 38.63
CA ALA C 92 16.03 -27.50 39.07
C ALA C 92 16.31 -28.88 39.63
N ALA C 93 17.29 -29.58 39.07
CA ALA C 93 17.63 -30.92 39.54
C ALA C 93 18.13 -30.89 40.97
N SER C 94 18.75 -29.79 41.40
CA SER C 94 19.36 -29.73 42.71
C SER C 94 18.61 -28.87 43.73
N MET C 95 17.63 -28.06 43.30
CA MET C 95 16.85 -27.28 44.26
C MET C 95 15.59 -27.98 44.73
N TYR C 96 14.97 -28.78 43.87
CA TYR C 96 13.61 -29.25 44.11
C TYR C 96 13.59 -30.75 44.39
N GLY C 97 12.48 -31.20 44.95
CA GLY C 97 12.34 -32.58 45.36
C GLY C 97 12.84 -32.81 46.78
N GLU C 98 12.57 -34.02 47.28
CA GLU C 98 12.89 -34.27 48.68
C GLU C 98 14.39 -34.40 48.92
N ASN C 99 15.18 -34.65 47.87
CA ASN C 99 16.63 -34.66 48.00
C ASN C 99 17.26 -33.32 47.63
N GLY C 100 16.45 -32.31 47.34
CA GLY C 100 16.98 -31.03 46.89
C GLY C 100 17.39 -30.12 48.03
N ALA C 101 18.02 -29.01 47.64
CA ALA C 101 18.58 -28.08 48.62
C ALA C 101 17.49 -27.42 49.46
N LEU C 102 16.37 -27.05 48.85
CA LEU C 102 15.35 -26.30 49.59
C LEU C 102 14.78 -27.14 50.72
N ALA C 103 14.62 -28.44 50.49
CA ALA C 103 14.13 -29.35 51.53
C ALA C 103 15.03 -29.37 52.75
N GLY C 104 16.27 -28.91 52.63
CA GLY C 104 17.24 -29.03 53.70
C GLY C 104 17.59 -27.75 54.41
N MET C 105 17.09 -26.61 53.95
CA MET C 105 17.30 -25.37 54.70
C MET C 105 16.08 -25.03 55.55
N THR C 106 16.28 -24.06 56.43
CA THR C 106 15.32 -23.71 57.45
C THR C 106 14.78 -22.31 57.19
N LYS C 107 13.50 -22.12 57.50
CA LYS C 107 12.88 -20.80 57.49
C LYS C 107 13.80 -19.75 58.08
N GLY C 108 13.89 -18.60 57.40
CA GLY C 108 14.72 -17.51 57.85
C GLY C 108 16.12 -17.50 57.27
N SER C 109 16.56 -18.57 56.61
CA SER C 109 17.89 -18.61 56.02
C SER C 109 17.85 -17.98 54.63
N LEU C 110 19.03 -17.89 54.02
CA LEU C 110 19.21 -17.21 52.75
C LEU C 110 19.92 -18.12 51.77
N LEU C 111 19.42 -18.12 50.53
CA LEU C 111 20.00 -18.85 49.40
C LEU C 111 20.50 -17.82 48.40
N ILE C 112 21.79 -17.87 48.08
CA ILE C 112 22.40 -16.94 47.14
C ILE C 112 22.69 -17.70 45.85
N ASN C 113 22.01 -17.37 44.76
CA ASN C 113 22.21 -18.05 43.50
C ASN C 113 23.13 -17.20 42.62
N THR C 114 24.36 -17.67 42.40
CA THR C 114 25.32 -16.97 41.55
C THR C 114 25.36 -17.52 40.14
N SER C 115 24.48 -18.46 39.82
CA SER C 115 24.45 -19.10 38.49
C SER C 115 23.91 -18.14 37.44
N SER C 116 24.33 -18.33 36.20
CA SER C 116 23.76 -17.58 35.08
C SER C 116 22.63 -18.42 34.50
N VAL C 117 21.39 -18.10 34.88
CA VAL C 117 20.20 -18.86 34.50
C VAL C 117 19.15 -17.90 33.94
N SER C 118 18.04 -18.47 33.47
CA SER C 118 16.99 -17.69 32.84
C SER C 118 16.18 -16.87 33.86
N PRO C 119 15.57 -15.76 33.42
CA PRO C 119 14.58 -15.09 34.29
C PRO C 119 13.46 -16.00 34.75
N GLU C 120 13.04 -16.96 33.93
CA GLU C 120 11.96 -17.87 34.32
C GLU C 120 12.41 -18.78 35.45
N ALA C 121 13.63 -19.31 35.35
CA ALA C 121 14.14 -20.18 36.41
C ALA C 121 14.37 -19.39 37.69
N THR C 122 14.79 -18.14 37.54
CA THR C 122 14.96 -17.26 38.70
C THR C 122 13.65 -17.05 39.44
N ALA C 123 12.57 -16.78 38.69
CA ALA C 123 11.28 -16.55 39.33
C ALA C 123 10.76 -17.81 39.97
N THR C 124 10.96 -18.96 39.32
CA THR C 124 10.50 -20.21 39.90
C THR C 124 11.20 -20.48 41.24
N LEU C 125 12.50 -20.23 41.31
CA LEU C 125 13.24 -20.54 42.54
C LEU C 125 12.90 -19.56 43.64
N TYR C 126 12.76 -18.28 43.29
CA TYR C 126 12.35 -17.30 44.29
C TYR C 126 11.02 -17.70 44.91
N GLU C 127 10.05 -18.08 44.09
CA GLU C 127 8.73 -18.45 44.59
C GLU C 127 8.78 -19.73 45.41
N ALA C 128 9.61 -20.69 45.00
CA ALA C 128 9.77 -21.93 45.77
C ALA C 128 10.46 -21.65 47.10
N GLY C 129 11.46 -20.76 47.10
CA GLY C 129 12.07 -20.36 48.34
C GLY C 129 11.07 -19.74 49.31
N GLN C 130 10.16 -18.91 48.79
CA GLN C 130 9.17 -18.26 49.65
C GLN C 130 8.33 -19.29 50.39
N LYS C 131 8.06 -20.44 49.77
CA LYS C 131 7.23 -21.44 50.43
C LYS C 131 7.97 -22.20 51.52
N HIS C 132 9.29 -22.16 51.52
CA HIS C 132 10.11 -22.71 52.59
C HIS C 132 10.54 -21.65 53.58
N GLY C 133 10.07 -20.42 53.43
CA GLY C 133 10.57 -19.33 54.25
C GLY C 133 12.00 -18.96 53.98
N VAL C 134 12.49 -19.19 52.77
CA VAL C 134 13.89 -18.95 52.41
C VAL C 134 13.92 -17.84 51.37
N VAL C 135 14.69 -16.79 51.65
CA VAL C 135 14.87 -15.70 50.69
C VAL C 135 15.94 -16.08 49.69
N VAL C 136 15.61 -16.02 48.40
CA VAL C 136 16.55 -16.33 47.33
C VAL C 136 17.00 -15.00 46.69
N LEU C 137 18.28 -14.70 46.82
CA LEU C 137 18.90 -13.58 46.11
C LEU C 137 19.44 -14.08 44.78
N ASP C 138 19.13 -13.38 43.68
CA ASP C 138 19.74 -13.75 42.40
C ASP C 138 20.96 -12.86 42.28
N ALA C 139 22.14 -13.45 42.43
CA ALA C 139 23.38 -12.68 42.50
C ALA C 139 24.43 -13.24 41.57
N PRO C 140 24.16 -13.26 40.26
CA PRO C 140 25.24 -13.58 39.30
C PRO C 140 26.34 -12.54 39.38
N VAL C 141 27.48 -12.86 38.77
CA VAL C 141 28.67 -12.01 38.87
C VAL C 141 29.19 -11.66 37.50
N SER C 142 29.78 -10.48 37.41
CA SER C 142 30.54 -10.03 36.26
C SER C 142 32.02 -10.21 36.56
N GLY C 143 32.71 -10.89 35.65
CA GLY C 143 34.09 -11.25 35.87
C GLY C 143 34.22 -12.74 35.65
N SER C 144 35.42 -13.19 35.28
CA SER C 144 35.67 -14.59 35.00
C SER C 144 36.61 -15.16 36.06
N THR C 145 37.35 -16.21 35.71
CA THR C 145 38.23 -16.84 36.71
C THR C 145 39.36 -15.93 37.20
N PRO C 146 39.99 -15.07 36.39
CA PRO C 146 41.01 -14.18 36.97
C PRO C 146 40.43 -13.21 37.99
N GLU C 147 39.25 -12.65 37.71
CA GLU C 147 38.62 -11.78 38.68
C GLU C 147 38.16 -12.54 39.92
N ALA C 148 37.74 -13.81 39.75
CA ALA C 148 37.42 -14.61 40.93
C ALA C 148 38.67 -14.87 41.76
N ASP C 149 39.80 -15.20 41.11
CA ASP C 149 41.06 -15.34 41.82
C ASP C 149 41.37 -14.13 42.69
N SER C 150 41.23 -12.92 42.13
CA SER C 150 41.62 -11.69 42.80
C SER C 150 40.48 -11.05 43.59
N ALA C 151 39.34 -11.71 43.70
CA ALA C 151 38.16 -11.16 44.38
C ALA C 151 37.78 -9.80 43.79
N SER C 152 37.91 -9.69 42.46
CA SER C 152 37.53 -8.49 41.73
C SER C 152 36.19 -8.64 41.02
N LEU C 153 35.40 -9.64 41.41
CA LEU C 153 34.07 -9.82 40.84
C LEU C 153 33.18 -8.63 41.15
N VAL C 154 32.28 -8.31 40.22
CA VAL C 154 31.20 -7.36 40.47
C VAL C 154 29.92 -8.17 40.65
N ILE C 155 29.29 -8.01 41.81
CA ILE C 155 28.09 -8.77 42.13
C ILE C 155 26.89 -7.99 41.60
N LEU C 156 26.00 -8.69 40.89
CA LEU C 156 24.80 -8.10 40.30
C LEU C 156 23.61 -8.73 41.01
N VAL C 157 23.00 -8.03 41.98
CA VAL C 157 22.09 -8.72 42.88
C VAL C 157 20.68 -8.15 42.81
N GLY C 158 19.69 -9.04 42.81
CA GLY C 158 18.28 -8.68 42.86
C GLY C 158 17.67 -9.11 44.18
N GLY C 159 16.89 -8.24 44.79
CA GLY C 159 16.20 -8.56 46.02
C GLY C 159 15.93 -7.32 46.84
N ASP C 160 15.32 -7.55 48.00
CA ASP C 160 15.05 -6.48 48.94
C ASP C 160 16.35 -5.98 49.54
N LYS C 161 16.45 -4.65 49.68
CA LYS C 161 17.68 -4.02 50.17
C LYS C 161 18.11 -4.59 51.51
N ASP C 162 17.15 -5.01 52.35
CA ASP C 162 17.49 -5.56 53.66
C ASP C 162 18.12 -6.94 53.54
N ASP C 163 17.66 -7.75 52.57
CA ASP C 163 18.24 -9.07 52.35
C ASP C 163 19.61 -8.97 51.70
N VAL C 164 19.81 -7.97 50.84
CA VAL C 164 21.14 -7.71 50.27
C VAL C 164 22.12 -7.35 51.38
N ALA C 165 21.67 -6.52 52.34
CA ALA C 165 22.52 -6.14 53.45
C ALA C 165 22.98 -7.36 54.26
N ARG C 166 22.08 -8.34 54.44
CA ARG C 166 22.44 -9.54 55.19
C ARG C 166 23.59 -10.29 54.55
N ALA C 167 23.69 -10.24 53.22
CA ALA C 167 24.68 -11.01 52.49
C ALA C 167 25.97 -10.23 52.21
N ALA C 168 26.05 -8.98 52.63
CA ALA C 168 27.20 -8.14 52.30
C ALA C 168 28.56 -8.72 52.67
N PRO C 169 28.78 -9.32 53.85
CA PRO C 169 30.11 -9.88 54.12
C PRO C 169 30.50 -10.96 53.13
N ILE C 170 29.51 -11.74 52.66
CA ILE C 170 29.78 -12.74 51.64
C ILE C 170 30.17 -12.07 50.33
N PHE C 171 29.36 -11.10 49.90
CA PHE C 171 29.64 -10.40 48.65
C PHE C 171 30.97 -9.66 48.72
N ASP C 172 31.30 -9.12 49.90
CA ASP C 172 32.54 -8.35 50.01
C ASP C 172 33.77 -9.25 49.95
N ALA C 173 33.64 -10.49 50.40
CA ALA C 173 34.79 -11.39 50.40
C ALA C 173 35.13 -11.85 48.98
N ILE C 174 34.11 -12.04 48.13
CA ILE C 174 34.36 -12.59 46.80
C ILE C 174 34.50 -11.51 45.72
N GLY C 175 34.14 -10.25 46.01
CA GLY C 175 34.09 -9.24 44.98
C GLY C 175 34.57 -7.89 45.48
N LYS C 176 34.67 -6.96 44.53
CA LYS C 176 35.11 -5.58 44.77
C LYS C 176 33.97 -4.58 44.78
N LEU C 177 32.76 -5.01 44.42
CA LEU C 177 31.64 -4.08 44.20
C LEU C 177 30.36 -4.89 44.11
N THR C 178 29.33 -4.44 44.82
CA THR C 178 28.00 -5.06 44.80
C THR C 178 27.03 -4.06 44.21
N ILE C 179 26.49 -4.36 43.03
CA ILE C 179 25.50 -3.52 42.37
C ILE C 179 24.13 -4.07 42.72
N HIS C 180 23.34 -3.29 43.44
CA HIS C 180 21.96 -3.67 43.74
C HIS C 180 21.09 -3.29 42.54
N ALA C 181 20.65 -4.28 41.78
CA ALA C 181 20.06 -4.01 40.48
C ALA C 181 18.57 -3.77 40.52
N GLY C 182 17.94 -3.98 41.67
CA GLY C 182 16.50 -3.94 41.76
C GLY C 182 15.96 -5.09 42.58
N PRO C 183 14.64 -5.33 42.48
CA PRO C 183 14.03 -6.45 43.22
C PRO C 183 14.39 -7.80 42.61
N THR C 184 13.83 -8.88 43.16
CA THR C 184 14.16 -10.23 42.69
C THR C 184 14.01 -10.31 41.17
N GLY C 185 14.96 -10.96 40.53
CA GLY C 185 15.03 -11.06 39.09
C GLY C 185 15.92 -10.01 38.43
N SER C 186 16.24 -8.93 39.13
CA SER C 186 17.00 -7.86 38.51
C SER C 186 18.46 -8.23 38.28
N GLY C 187 19.04 -9.04 39.17
CA GLY C 187 20.42 -9.44 38.96
C GLY C 187 20.56 -10.37 37.77
N ALA C 188 19.64 -11.34 37.66
CA ALA C 188 19.62 -12.23 36.51
C ALA C 188 19.51 -11.45 35.21
N ARG C 189 18.66 -10.43 35.19
CA ARG C 189 18.50 -9.63 33.97
C ARG C 189 19.75 -8.82 33.67
N LEU C 190 20.35 -8.18 34.69
CA LEU C 190 21.55 -7.39 34.46
C LEU C 190 22.70 -8.27 33.97
N LYS C 191 22.78 -9.52 34.46
CA LYS C 191 23.80 -10.44 33.97
C LYS C 191 23.59 -10.76 32.49
N LEU C 192 22.34 -10.95 32.07
CA LEU C 192 22.08 -11.20 30.65
C LEU C 192 22.55 -10.02 29.79
N VAL C 193 22.28 -8.79 30.24
CA VAL C 193 22.75 -7.60 29.52
C VAL C 193 24.26 -7.64 29.33
N ILE C 194 24.99 -7.91 30.42
CA ILE C 194 26.44 -7.86 30.35
C ILE C 194 26.97 -9.03 29.51
N ASN C 195 26.30 -10.18 29.55
CA ASN C 195 26.73 -11.33 28.73
C ASN C 195 26.63 -11.01 27.24
N GLY C 196 25.54 -10.34 26.84
CA GLY C 196 25.40 -9.93 25.45
C GLY C 196 26.55 -9.04 24.99
N ILE C 197 26.90 -8.07 25.84
CA ILE C 197 27.98 -7.14 25.51
C ILE C 197 29.31 -7.91 25.37
N MET C 198 29.58 -8.83 26.29
CA MET C 198 30.78 -9.66 26.21
C MET C 198 30.81 -10.48 24.93
N GLY C 199 29.72 -11.21 24.67
CA GLY C 199 29.70 -12.16 23.58
C GLY C 199 29.78 -11.49 22.21
N ALA C 200 28.95 -10.46 22.00
CA ALA C 200 29.00 -9.78 20.72
C ALA C 200 30.26 -8.95 20.60
N GLY C 201 30.85 -8.52 21.74
CA GLY C 201 32.12 -7.81 21.66
C GLY C 201 33.20 -8.70 21.08
N LEU C 202 33.19 -9.97 21.47
CA LEU C 202 34.19 -10.90 20.93
C LEU C 202 33.90 -11.23 19.47
N THR C 203 32.63 -11.49 19.11
CA THR C 203 32.39 -11.85 17.72
C THR C 203 32.68 -10.68 16.78
N THR C 204 32.34 -9.46 17.20
CA THR C 204 32.71 -8.26 16.46
C THR C 204 34.21 -8.22 16.20
N LEU C 205 34.99 -8.47 17.24
CA LEU C 205 36.44 -8.39 17.12
C LEU C 205 36.98 -9.48 16.21
N ALA C 206 36.47 -10.70 16.33
CA ALA C 206 36.96 -11.80 15.50
C ALA C 206 36.67 -11.54 14.03
N GLU C 207 35.51 -10.96 13.75
CA GLU C 207 35.08 -10.72 12.39
C GLU C 207 35.89 -9.57 11.78
N SER C 208 36.14 -8.54 12.59
CA SER C 208 36.89 -7.39 12.11
C SER C 208 38.34 -7.76 11.86
N VAL C 209 38.92 -8.57 12.75
CA VAL C 209 40.26 -9.10 12.53
C VAL C 209 40.28 -9.95 11.26
N ALA C 210 39.26 -10.80 11.06
CA ALA C 210 39.24 -11.64 9.87
C ALA C 210 39.21 -10.82 8.60
N TYR C 211 38.38 -9.76 8.55
CA TYR C 211 38.43 -8.89 7.37
C TYR C 211 39.84 -8.36 7.18
N GLY C 212 40.46 -7.85 8.25
CA GLY C 212 41.78 -7.26 8.09
C GLY C 212 42.79 -8.24 7.50
N LEU C 213 42.78 -9.48 8.01
CA LEU C 213 43.71 -10.50 7.48
C LEU C 213 43.39 -10.83 6.03
N SER C 214 42.11 -10.95 5.71
CA SER C 214 41.69 -11.25 4.35
C SER C 214 42.10 -10.17 3.37
N ALA C 215 42.19 -8.91 3.82
CA ALA C 215 42.58 -7.80 2.97
C ALA C 215 44.09 -7.62 2.92
N GLY C 216 44.85 -8.56 3.47
CA GLY C 216 46.30 -8.57 3.30
C GLY C 216 47.10 -7.93 4.41
N LEU C 217 46.46 -7.49 5.50
CA LEU C 217 47.18 -6.85 6.59
C LEU C 217 48.06 -7.85 7.32
N ASP C 218 49.26 -7.40 7.69
CA ASP C 218 50.18 -8.20 8.51
C ASP C 218 49.54 -8.54 9.83
N ARG C 219 49.62 -9.82 10.24
CA ARG C 219 48.90 -10.28 11.42
C ARG C 219 49.43 -9.62 12.69
N SER C 220 50.74 -9.63 12.91
CA SER C 220 51.25 -9.01 14.13
C SER C 220 51.01 -7.51 14.15
N MET C 221 51.19 -6.84 13.00
CA MET C 221 50.84 -5.42 12.94
C MET C 221 49.42 -5.21 13.43
N LEU C 222 48.50 -5.98 12.85
CA LEU C 222 47.07 -5.78 13.09
C LEU C 222 46.73 -6.02 14.56
N PHE C 223 47.19 -7.12 15.14
CA PHE C 223 46.89 -7.39 16.54
C PHE C 223 47.49 -6.32 17.45
N ASP C 224 48.72 -5.88 17.16
CA ASP C 224 49.36 -4.86 17.98
C ASP C 224 48.66 -3.50 17.84
N ALA C 225 48.21 -3.17 16.63
CA ALA C 225 47.49 -1.91 16.40
C ALA C 225 46.20 -1.86 17.20
N LEU C 226 45.44 -2.96 17.20
CA LEU C 226 44.17 -2.99 17.91
C LEU C 226 44.36 -2.90 19.42
N ASP C 227 45.51 -3.35 19.93
CA ASP C 227 45.76 -3.16 21.36
C ASP C 227 45.82 -1.69 21.75
N GLN C 228 46.04 -0.79 20.79
CA GLN C 228 46.28 0.61 21.07
C GLN C 228 45.09 1.51 20.79
N VAL C 229 43.92 0.97 20.43
CA VAL C 229 42.77 1.81 20.13
C VAL C 229 41.80 1.80 21.30
N ALA C 230 40.95 2.82 21.35
CA ALA C 230 40.07 3.06 22.50
C ALA C 230 38.70 2.43 22.34
N VAL C 231 38.45 1.73 21.22
CA VAL C 231 37.12 1.19 20.94
C VAL C 231 37.01 -0.30 21.29
N ILE C 232 38.05 -0.88 21.91
CA ILE C 232 38.02 -2.26 22.41
C ILE C 232 38.10 -2.22 23.93
N SER C 233 37.30 -3.04 24.59
CA SER C 233 37.28 -3.11 26.05
C SER C 233 38.57 -3.71 26.62
N PRO C 234 38.87 -3.44 27.89
CA PRO C 234 40.01 -4.12 28.54
C PRO C 234 39.88 -5.62 28.51
N HIS C 235 38.68 -6.14 28.77
CA HIS C 235 38.46 -7.59 28.71
C HIS C 235 38.80 -8.14 27.34
N HIS C 236 38.28 -7.51 26.29
CA HIS C 236 38.49 -8.04 24.94
C HIS C 236 39.93 -7.81 24.47
N LYS C 237 40.61 -6.77 24.99
CA LYS C 237 42.02 -6.60 24.64
C LYS C 237 42.86 -7.74 25.23
N ARG C 238 42.51 -8.20 26.43
CA ARG C 238 43.20 -9.34 27.02
C ARG C 238 42.98 -10.61 26.20
N LYS C 239 41.75 -10.83 25.72
CA LYS C 239 41.47 -11.96 24.84
C LYS C 239 42.23 -11.84 23.52
N LEU C 240 42.31 -10.63 22.97
CA LEU C 240 43.02 -10.44 21.71
C LEU C 240 44.49 -10.78 21.87
N LYS C 241 45.08 -10.38 22.99
CA LYS C 241 46.50 -10.68 23.22
C LYS C 241 46.73 -12.17 23.36
N ALA C 242 45.82 -12.87 24.05
CA ALA C 242 45.93 -14.33 24.12
C ALA C 242 45.78 -14.95 22.74
N ALA C 243 44.81 -14.47 21.95
CA ALA C 243 44.59 -15.02 20.62
C ALA C 243 45.79 -14.78 19.70
N LYS C 244 46.56 -13.71 19.92
CA LYS C 244 47.74 -13.46 19.10
C LYS C 244 48.70 -14.62 19.15
N ASP C 245 48.83 -15.22 20.32
CA ASP C 245 49.67 -16.39 20.54
C ASP C 245 48.93 -17.70 20.37
N GLY C 246 47.66 -17.68 19.96
CA GLY C 246 46.91 -18.91 19.82
C GLY C 246 46.55 -19.58 21.13
N ASN C 247 46.48 -18.82 22.22
CA ASN C 247 46.23 -19.35 23.55
C ASN C 247 44.75 -19.22 23.87
N PHE C 248 44.05 -20.34 23.95
CA PHE C 248 42.64 -20.34 24.29
C PHE C 248 42.37 -21.27 25.45
N ALA C 249 43.32 -21.33 26.39
CA ALA C 249 43.07 -22.02 27.65
C ALA C 249 41.79 -21.47 28.29
N PRO C 250 40.90 -22.33 28.78
CA PRO C 250 39.56 -21.85 29.17
C PRO C 250 39.60 -20.97 30.41
N GLN C 251 39.11 -19.75 30.27
CA GLN C 251 38.63 -18.99 31.42
C GLN C 251 37.12 -18.98 31.47
N PHE C 252 36.49 -18.72 30.33
CA PHE C 252 35.04 -18.84 30.16
C PHE C 252 34.83 -19.70 28.92
N PRO C 253 34.54 -20.98 29.09
CA PRO C 253 34.51 -21.88 27.93
C PRO C 253 33.37 -21.57 26.98
N ALA C 254 33.59 -21.89 25.70
CA ALA C 254 32.58 -21.63 24.67
C ALA C 254 31.23 -22.24 25.03
N ARG C 255 31.23 -23.43 25.65
CA ARG C 255 29.97 -24.08 25.96
C ARG C 255 29.14 -23.23 26.91
N LEU C 256 29.79 -22.50 27.82
CA LEU C 256 29.04 -21.69 28.77
C LEU C 256 28.69 -20.32 28.21
N MET C 257 29.61 -19.68 27.47
CA MET C 257 29.29 -18.41 26.81
C MET C 257 28.13 -18.60 25.85
N GLN C 258 28.14 -19.69 25.08
CA GLN C 258 27.09 -19.90 24.09
C GLN C 258 25.75 -20.17 24.78
N LYS C 259 25.77 -20.89 25.91
CA LYS C 259 24.57 -21.07 26.71
C LYS C 259 24.02 -19.73 27.17
N ASP C 260 24.90 -18.85 27.66
CA ASP C 260 24.46 -17.54 28.12
C ASP C 260 23.85 -16.73 26.99
N MET C 261 24.42 -16.84 25.78
CA MET C 261 23.85 -16.17 24.62
C MET C 261 22.46 -16.74 24.30
N ARG C 262 22.32 -18.07 24.34
CA ARG C 262 21.01 -18.70 24.15
C ARG C 262 19.98 -18.15 25.13
N LEU C 263 20.36 -18.04 26.41
CA LEU C 263 19.45 -17.51 27.42
C LEU C 263 19.06 -16.07 27.10
N LEU C 264 20.03 -15.27 26.67
CA LEU C 264 19.73 -13.86 26.40
C LEU C 264 18.80 -13.72 25.21
N LEU C 265 19.06 -14.48 24.14
CA LEU C 265 18.17 -14.41 22.97
C LEU C 265 16.76 -14.88 23.31
N ASP C 266 16.63 -15.93 24.13
CA ASP C 266 15.30 -16.34 24.53
C ASP C 266 14.60 -15.23 25.29
N ALA C 267 15.31 -14.59 26.22
CA ALA C 267 14.70 -13.55 27.02
C ALA C 267 14.34 -12.34 26.15
N ALA C 268 15.20 -11.99 25.20
CA ALA C 268 14.90 -10.87 24.31
C ALA C 268 13.70 -11.18 23.42
N ALA C 269 13.55 -12.45 23.01
CA ALA C 269 12.37 -12.82 22.24
C ALA C 269 11.11 -12.76 23.10
N ARG C 270 11.21 -13.18 24.36
CA ARG C 270 10.03 -13.15 25.21
C ARG C 270 9.57 -11.72 25.46
N GLU C 271 10.52 -10.78 25.52
CA GLU C 271 10.18 -9.36 25.67
C GLU C 271 9.86 -8.70 24.34
N ALA C 272 10.02 -9.40 23.21
CA ALA C 272 9.82 -8.85 21.86
C ALA C 272 10.69 -7.61 21.62
N VAL C 273 11.97 -7.73 21.89
CA VAL C 273 12.94 -6.67 21.63
C VAL C 273 13.83 -7.12 20.49
N PRO C 274 13.89 -6.39 19.37
CA PRO C 274 14.72 -6.82 18.24
C PRO C 274 16.19 -6.56 18.50
N VAL C 275 17.00 -7.63 18.51
CA VAL C 275 18.41 -7.46 18.81
C VAL C 275 19.27 -8.14 17.74
N PRO C 276 19.33 -7.61 16.51
CA PRO C 276 20.03 -8.34 15.42
C PRO C 276 21.52 -8.52 15.64
N THR C 277 22.21 -7.57 16.26
CA THR C 277 23.66 -7.75 16.49
C THR C 277 23.90 -8.89 17.48
N LEU C 278 23.11 -8.94 18.56
CA LEU C 278 23.23 -10.01 19.54
C LEU C 278 22.86 -11.35 18.92
N ALA C 279 21.85 -11.36 18.04
CA ALA C 279 21.42 -12.60 17.40
C ALA C 279 22.49 -13.17 16.49
N ALA C 280 23.12 -12.30 15.68
CA ALA C 280 24.23 -12.74 14.84
C ALA C 280 25.37 -13.29 15.68
N ALA C 281 25.72 -12.58 16.75
CA ALA C 281 26.81 -13.02 17.62
C ALA C 281 26.55 -14.40 18.16
N THR C 282 25.31 -14.65 18.59
CA THR C 282 24.94 -15.97 19.12
C THR C 282 25.22 -17.06 18.09
N GLN C 283 24.91 -16.80 16.82
CA GLN C 283 25.15 -17.84 15.81
C GLN C 283 26.64 -18.12 15.64
N GLN C 284 27.47 -17.08 15.70
CA GLN C 284 28.91 -17.27 15.62
C GLN C 284 29.43 -18.04 16.83
N LEU C 285 28.85 -17.80 17.99
CA LEU C 285 29.23 -18.54 19.18
C LEU C 285 28.68 -19.96 19.17
N SER C 286 27.59 -20.24 18.44
CA SER C 286 27.19 -21.62 18.23
C SER C 286 28.25 -22.38 17.43
N LEU C 287 28.75 -21.78 16.35
CA LEU C 287 29.85 -22.40 15.61
C LEU C 287 31.06 -22.61 16.51
N THR C 288 31.39 -21.60 17.32
CA THR C 288 32.54 -21.71 18.22
C THR C 288 32.40 -22.90 19.15
N ARG C 289 31.22 -23.05 19.77
CA ARG C 289 30.99 -24.16 20.69
C ARG C 289 31.06 -25.50 19.97
N ARG C 290 30.48 -25.60 18.77
CA ARG C 290 30.52 -26.86 18.04
C ARG C 290 31.95 -27.29 17.74
N LEU C 291 32.80 -26.35 17.35
CA LEU C 291 34.17 -26.68 16.95
C LEU C 291 35.05 -26.97 18.17
N SER C 292 34.79 -26.32 19.29
CA SER C 292 35.58 -26.58 20.50
C SER C 292 34.81 -26.14 21.74
N PRO C 293 34.05 -27.04 22.36
CA PRO C 293 33.19 -26.61 23.47
C PRO C 293 33.95 -26.20 24.71
N ASN C 294 35.17 -26.70 24.89
CA ASN C 294 35.84 -26.55 26.17
C ASN C 294 36.95 -25.52 26.20
N GLU C 295 37.44 -25.07 25.05
CA GLU C 295 38.41 -23.97 25.03
C GLU C 295 37.67 -22.65 25.33
N ASP C 296 38.46 -21.60 25.61
CA ASP C 296 37.88 -20.29 25.88
C ASP C 296 36.96 -19.87 24.73
N TYR C 297 35.90 -19.13 25.07
CA TYR C 297 34.98 -18.65 24.05
C TYR C 297 35.66 -17.76 23.03
N SER C 298 36.80 -17.17 23.37
CA SER C 298 37.53 -16.35 22.41
C SER C 298 38.13 -17.13 21.24
N SER C 299 38.06 -18.47 21.24
CA SER C 299 38.62 -19.26 20.14
C SER C 299 37.97 -18.95 18.80
N LEU C 300 36.83 -18.26 18.79
CA LEU C 300 36.26 -17.79 17.52
C LEU C 300 37.27 -16.97 16.73
N ILE C 301 38.19 -16.27 17.41
CA ILE C 301 39.20 -15.54 16.66
C ILE C 301 40.01 -16.50 15.80
N ARG C 302 40.41 -17.63 16.37
CA ARG C 302 41.14 -18.64 15.59
C ARG C 302 40.25 -19.24 14.51
N VAL C 303 38.98 -19.49 14.82
CA VAL C 303 38.05 -20.05 13.84
C VAL C 303 37.98 -19.17 12.61
N MET C 304 37.81 -17.85 12.82
CA MET C 304 37.71 -16.96 11.66
C MET C 304 39.03 -16.84 10.93
N GLU C 305 40.14 -16.85 11.67
CA GLU C 305 41.45 -16.87 11.01
C GLU C 305 41.58 -18.06 10.07
N LYS C 306 41.07 -19.22 10.49
CA LYS C 306 41.19 -20.41 9.64
C LYS C 306 40.29 -20.34 8.43
N ILE C 307 39.11 -19.72 8.57
CA ILE C 307 38.24 -19.50 7.41
C ILE C 307 38.98 -18.65 6.38
N VAL C 308 39.62 -17.56 6.83
CA VAL C 308 40.31 -16.66 5.91
C VAL C 308 41.55 -17.31 5.30
N ALA C 309 42.26 -18.15 6.06
CA ALA C 309 43.43 -18.81 5.47
C ALA C 309 43.05 -19.93 4.52
N ASN C 310 41.78 -20.33 4.48
CA ASN C 310 41.29 -21.27 3.47
C ASN C 310 40.05 -20.72 2.78
N GLN D 18 -7.91 -51.33 18.12
CA GLN D 18 -6.78 -50.42 18.34
C GLN D 18 -6.92 -49.12 17.54
N ILE D 19 -7.58 -49.19 16.38
CA ILE D 19 -7.68 -48.03 15.50
C ILE D 19 -8.72 -47.06 16.05
N LEU D 20 -8.32 -45.80 16.22
CA LEU D 20 -9.18 -44.82 16.85
C LEU D 20 -10.24 -44.27 15.89
N SER D 21 -10.99 -45.17 15.26
CA SER D 21 -12.12 -44.81 14.44
C SER D 21 -13.26 -44.29 15.32
N PRO D 22 -14.26 -43.64 14.73
CA PRO D 22 -15.42 -43.18 15.53
C PRO D 22 -16.18 -44.31 16.19
N GLU D 23 -16.08 -45.54 15.66
CA GLU D 23 -16.73 -46.68 16.31
C GLU D 23 -15.98 -47.09 17.57
N ASN D 24 -14.66 -47.17 17.49
CA ASN D 24 -13.87 -47.66 18.63
C ASN D 24 -13.60 -46.58 19.67
N ALA D 25 -13.50 -45.31 19.26
CA ALA D 25 -13.20 -44.22 20.20
C ALA D 25 -13.91 -42.93 19.78
N PRO D 26 -15.22 -42.83 20.04
CA PRO D 26 -15.97 -41.66 19.53
C PRO D 26 -15.62 -40.35 20.22
N ARG D 27 -15.20 -40.39 21.49
CA ARG D 27 -15.04 -39.17 22.29
C ARG D 27 -13.64 -38.61 22.09
N ILE D 28 -13.56 -37.43 21.47
CA ILE D 28 -12.30 -36.70 21.37
C ILE D 28 -12.41 -35.45 22.23
N GLY D 29 -11.53 -35.32 23.22
CA GLY D 29 -11.48 -34.13 24.06
C GLY D 29 -10.28 -33.27 23.70
N PHE D 30 -10.51 -31.97 23.59
CA PHE D 30 -9.46 -31.01 23.26
C PHE D 30 -8.96 -30.29 24.50
N ILE D 31 -7.64 -30.20 24.64
CA ILE D 31 -7.00 -29.29 25.58
C ILE D 31 -6.53 -28.11 24.75
N GLY D 32 -7.20 -26.97 24.89
CA GLY D 32 -7.02 -25.87 23.96
C GLY D 32 -7.99 -25.98 22.79
N PHE D 33 -8.64 -24.88 22.43
CA PHE D 33 -9.68 -24.93 21.42
C PHE D 33 -9.78 -23.55 20.77
N GLY D 34 -8.72 -23.15 20.08
CA GLY D 34 -8.61 -21.82 19.50
C GLY D 34 -8.88 -21.82 18.02
N ALA D 35 -8.14 -20.96 17.30
CA ALA D 35 -8.37 -20.84 15.87
C ALA D 35 -8.14 -22.17 15.15
N MET D 36 -7.05 -22.87 15.48
CA MET D 36 -6.78 -24.08 14.72
C MET D 36 -7.62 -25.25 15.22
N ALA D 37 -7.67 -25.44 16.53
CA ALA D 37 -8.34 -26.63 17.08
C ALA D 37 -9.84 -26.61 16.79
N SER D 38 -10.47 -25.44 16.87
CA SER D 38 -11.90 -25.38 16.59
C SER D 38 -12.19 -25.81 15.16
N ARG D 39 -11.32 -25.48 14.21
CA ARG D 39 -11.54 -25.90 12.83
C ARG D 39 -11.28 -27.40 12.66
N MET D 40 -10.28 -27.94 13.36
CA MET D 40 -10.10 -29.39 13.32
C MET D 40 -11.30 -30.09 13.93
N GLY D 41 -11.85 -29.54 15.01
CA GLY D 41 -12.99 -30.18 15.67
C GLY D 41 -14.20 -30.32 14.77
N ASP D 42 -14.43 -29.33 13.91
CA ASP D 42 -15.57 -29.39 13.00
C ASP D 42 -15.40 -30.49 11.96
N HIS D 43 -14.17 -30.68 11.48
CA HIS D 43 -13.93 -31.80 10.56
C HIS D 43 -14.03 -33.13 11.29
N LEU D 44 -13.66 -33.15 12.58
CA LEU D 44 -13.79 -34.39 13.35
C LEU D 44 -15.25 -34.65 13.68
N LYS D 45 -16.02 -33.61 13.99
CA LYS D 45 -17.46 -33.74 14.14
C LYS D 45 -18.09 -34.31 12.87
N THR D 46 -17.72 -33.76 11.71
CA THR D 46 -18.26 -34.24 10.44
C THR D 46 -17.90 -35.71 10.19
N ALA D 47 -16.72 -36.14 10.66
CA ALA D 47 -16.29 -37.53 10.46
C ALA D 47 -16.97 -38.51 11.39
N GLY D 48 -17.77 -38.03 12.35
CA GLY D 48 -18.52 -38.91 13.23
C GLY D 48 -18.07 -38.92 14.68
N TYR D 49 -17.09 -38.11 15.06
CA TYR D 49 -16.63 -38.06 16.43
C TYR D 49 -17.47 -37.10 17.26
N THR D 50 -17.42 -37.29 18.58
CA THR D 50 -18.10 -36.44 19.55
C THR D 50 -17.04 -35.61 20.26
N ILE D 51 -17.17 -34.29 20.17
CA ILE D 51 -16.12 -33.35 20.55
C ILE D 51 -16.44 -32.71 21.90
N SER D 52 -15.42 -32.54 22.72
CA SER D 52 -15.49 -31.75 23.94
C SER D 52 -14.19 -30.98 24.08
N ALA D 53 -14.16 -29.99 24.97
CA ALA D 53 -12.98 -29.14 25.05
C ALA D 53 -12.82 -28.53 26.44
N TYR D 54 -11.58 -28.17 26.75
CA TYR D 54 -11.23 -27.34 27.89
C TYR D 54 -10.40 -26.16 27.41
N THR D 55 -10.73 -24.97 27.87
CA THR D 55 -9.88 -23.79 27.73
C THR D 55 -9.86 -23.07 29.07
N PRO D 56 -8.78 -22.32 29.36
CA PRO D 56 -8.76 -21.59 30.64
C PRO D 56 -9.87 -20.55 30.76
N SER D 57 -10.29 -19.94 29.66
CA SER D 57 -11.33 -18.93 29.73
C SER D 57 -12.72 -19.55 29.83
N GLY D 58 -12.87 -20.84 29.49
CA GLY D 58 -14.17 -21.43 29.36
C GLY D 58 -14.90 -21.09 28.09
N ARG D 59 -14.25 -20.38 27.17
CA ARG D 59 -14.87 -19.98 25.91
C ARG D 59 -14.06 -20.51 24.72
N SER D 60 -14.70 -20.45 23.54
CA SER D 60 -14.15 -21.00 22.32
C SER D 60 -14.91 -20.41 21.14
N PRO D 61 -14.35 -20.49 19.92
CA PRO D 61 -15.10 -20.04 18.75
C PRO D 61 -16.29 -20.91 18.38
N SER D 62 -16.53 -22.01 19.09
CA SER D 62 -17.63 -22.93 18.78
C SER D 62 -18.58 -23.03 19.97
N PRO D 63 -19.66 -22.25 19.98
CA PRO D 63 -20.61 -22.32 21.12
C PRO D 63 -21.26 -23.67 21.32
N SER D 64 -21.35 -24.51 20.29
CA SER D 64 -22.02 -25.79 20.42
C SER D 64 -21.17 -26.87 21.08
N VAL D 65 -19.91 -26.58 21.41
CA VAL D 65 -18.98 -27.59 21.90
C VAL D 65 -18.99 -27.58 23.42
N PRO D 66 -19.30 -28.70 24.08
CA PRO D 66 -19.35 -28.71 25.55
C PRO D 66 -17.99 -28.40 26.16
N MET D 67 -18.00 -27.53 27.18
CA MET D 67 -16.80 -27.10 27.85
C MET D 67 -16.66 -27.82 29.19
N LEU D 68 -15.47 -28.40 29.43
CA LEU D 68 -15.23 -29.03 30.73
C LEU D 68 -14.43 -28.07 31.61
N PRO D 69 -14.56 -28.18 32.94
CA PRO D 69 -13.99 -27.14 33.80
C PRO D 69 -12.50 -27.25 34.06
N THR D 70 -11.88 -28.41 33.85
CA THR D 70 -10.47 -28.58 34.12
C THR D 70 -9.89 -29.53 33.07
N PRO D 71 -8.56 -29.52 32.87
CA PRO D 71 -7.97 -30.52 31.95
C PRO D 71 -8.22 -31.95 32.41
N LEU D 72 -8.15 -32.19 33.72
CA LEU D 72 -8.45 -33.52 34.24
C LEU D 72 -9.86 -33.96 33.90
N ALA D 73 -10.84 -33.09 34.14
CA ALA D 73 -12.22 -33.43 33.82
C ALA D 73 -12.40 -33.70 32.34
N LEU D 74 -11.72 -32.93 31.48
CA LEU D 74 -11.76 -33.19 30.05
C LEU D 74 -11.23 -34.59 29.74
N ALA D 75 -10.06 -34.91 30.29
CA ALA D 75 -9.43 -36.19 29.99
C ALA D 75 -10.24 -37.36 30.52
N LYS D 76 -10.92 -37.18 31.66
CA LYS D 76 -11.65 -38.27 32.27
C LYS D 76 -12.87 -38.70 31.47
N GLN D 77 -13.34 -37.86 30.54
CA GLN D 77 -14.54 -38.17 29.77
C GLN D 77 -14.27 -38.29 28.26
N ALA D 78 -13.02 -38.52 27.86
CA ALA D 78 -12.69 -38.67 26.45
C ALA D 78 -11.95 -39.98 26.20
N ASP D 79 -12.10 -40.53 24.99
CA ASP D 79 -11.32 -41.69 24.61
C ASP D 79 -9.93 -41.31 24.11
N THR D 80 -9.84 -40.20 23.39
CA THR D 80 -8.59 -39.65 22.87
C THR D 80 -8.54 -38.17 23.22
N VAL D 81 -7.36 -37.67 23.55
CA VAL D 81 -7.18 -36.27 23.89
C VAL D 81 -6.29 -35.64 22.82
N VAL D 82 -6.74 -34.53 22.26
CA VAL D 82 -5.94 -33.72 21.33
C VAL D 82 -5.59 -32.42 22.02
N VAL D 83 -4.31 -32.06 22.01
CA VAL D 83 -3.81 -30.86 22.66
C VAL D 83 -3.47 -29.83 21.59
N CYS D 84 -3.86 -28.58 21.82
CA CYS D 84 -3.55 -27.52 20.85
C CYS D 84 -3.45 -26.20 21.63
N VAL D 85 -2.31 -26.02 22.29
CA VAL D 85 -2.09 -24.88 23.18
C VAL D 85 -0.94 -24.04 22.66
N PRO D 86 -0.74 -22.81 23.17
CA PRO D 86 0.24 -21.92 22.52
C PRO D 86 1.70 -22.28 22.71
N ASP D 87 2.13 -22.71 23.90
CA ASP D 87 3.56 -22.76 24.18
C ASP D 87 3.83 -23.80 25.28
N ASP D 88 5.11 -23.93 25.63
CA ASP D 88 5.53 -24.94 26.62
C ASP D 88 4.84 -24.71 27.96
N GLU D 89 4.67 -23.45 28.33
CA GLU D 89 4.14 -23.12 29.64
C GLU D 89 2.68 -23.51 29.75
N ALA D 90 1.90 -23.23 28.71
CA ALA D 90 0.50 -23.63 28.69
C ALA D 90 0.37 -25.14 28.68
N LEU D 91 1.25 -25.82 27.95
CA LEU D 91 1.25 -27.28 27.94
C LEU D 91 1.49 -27.84 29.33
N ALA D 92 2.51 -27.34 30.02
CA ALA D 92 2.84 -27.85 31.35
C ALA D 92 1.73 -27.51 32.32
N ALA D 93 1.17 -26.29 32.21
CA ALA D 93 0.08 -25.89 33.10
C ALA D 93 -1.11 -26.84 33.01
N SER D 94 -1.35 -27.44 31.84
CA SER D 94 -2.56 -28.22 31.66
C SER D 94 -2.35 -29.73 31.63
N MET D 95 -1.13 -30.21 31.43
CA MET D 95 -0.94 -31.66 31.50
C MET D 95 -0.54 -32.15 32.88
N TYR D 96 0.09 -31.32 33.69
CA TYR D 96 0.66 -31.77 34.95
C TYR D 96 -0.05 -31.07 36.10
N GLY D 97 0.34 -31.42 37.32
CA GLY D 97 -0.28 -30.83 38.49
C GLY D 97 -1.55 -31.54 38.91
N GLU D 98 -2.14 -31.03 39.99
CA GLU D 98 -3.25 -31.75 40.60
C GLU D 98 -4.46 -31.85 39.67
N ASN D 99 -4.61 -30.90 38.75
CA ASN D 99 -5.75 -30.91 37.85
C ASN D 99 -5.35 -31.13 36.39
N GLY D 100 -4.15 -31.65 36.15
CA GLY D 100 -3.67 -31.84 34.80
C GLY D 100 -4.34 -33.00 34.09
N ALA D 101 -4.19 -32.99 32.75
CA ALA D 101 -4.94 -33.91 31.90
C ALA D 101 -4.35 -35.31 31.88
N LEU D 102 -3.05 -35.46 32.08
CA LEU D 102 -2.41 -36.73 31.81
C LEU D 102 -2.91 -37.80 32.78
N ALA D 103 -3.02 -37.47 34.06
CA ALA D 103 -3.49 -38.41 35.07
C ALA D 103 -4.95 -38.81 34.89
N GLY D 104 -5.68 -38.15 34.01
CA GLY D 104 -7.06 -38.49 33.70
C GLY D 104 -7.23 -39.47 32.57
N MET D 105 -6.14 -39.94 31.97
CA MET D 105 -6.23 -40.81 30.80
C MET D 105 -6.00 -42.27 31.20
N THR D 106 -6.66 -43.16 30.50
CA THR D 106 -6.54 -44.60 30.78
C THR D 106 -5.33 -45.17 30.06
N LYS D 107 -4.80 -46.25 30.63
CA LYS D 107 -3.63 -46.89 30.04
C LYS D 107 -3.98 -47.46 28.67
N GLY D 108 -3.06 -47.32 27.72
CA GLY D 108 -3.30 -47.71 26.36
C GLY D 108 -3.97 -46.68 25.48
N SER D 109 -4.41 -45.55 26.04
CA SER D 109 -5.00 -44.49 25.24
C SER D 109 -3.92 -43.60 24.62
N LEU D 110 -4.34 -42.79 23.65
CA LEU D 110 -3.44 -41.88 22.93
C LEU D 110 -3.71 -40.42 23.27
N LEU D 111 -2.63 -39.68 23.43
CA LEU D 111 -2.63 -38.23 23.53
C LEU D 111 -1.95 -37.69 22.28
N ILE D 112 -2.64 -36.85 21.53
CA ILE D 112 -2.14 -36.31 20.27
C ILE D 112 -1.89 -34.82 20.48
N ASN D 113 -0.63 -34.42 20.42
CA ASN D 113 -0.26 -33.03 20.66
C ASN D 113 0.01 -32.37 19.30
N THR D 114 -0.89 -31.48 18.88
CA THR D 114 -0.74 -30.70 17.67
C THR D 114 -0.14 -29.33 17.94
N SER D 115 0.19 -29.03 19.20
CA SER D 115 0.78 -27.75 19.56
C SER D 115 2.17 -27.64 18.98
N SER D 116 2.62 -26.42 18.77
CA SER D 116 3.99 -26.19 18.34
C SER D 116 4.75 -25.78 19.60
N VAL D 117 5.49 -26.73 20.17
CA VAL D 117 6.22 -26.57 21.43
C VAL D 117 7.66 -27.02 21.21
N SER D 118 8.49 -26.84 22.23
CA SER D 118 9.91 -27.13 22.10
C SER D 118 10.17 -28.64 22.09
N PRO D 119 11.32 -29.05 21.55
CA PRO D 119 11.74 -30.46 21.71
C PRO D 119 11.85 -30.91 23.15
N GLU D 120 12.26 -30.03 24.06
CA GLU D 120 12.31 -30.39 25.48
C GLU D 120 10.92 -30.65 26.04
N ALA D 121 9.96 -29.77 25.75
CA ALA D 121 8.61 -29.98 26.25
C ALA D 121 8.03 -31.26 25.69
N THR D 122 8.37 -31.55 24.42
CA THR D 122 7.93 -32.77 23.77
C THR D 122 8.48 -34.00 24.47
N ALA D 123 9.78 -33.97 24.83
CA ALA D 123 10.38 -35.13 25.48
C ALA D 123 9.82 -35.34 26.88
N THR D 124 9.59 -34.22 27.60
CA THR D 124 9.02 -34.32 28.94
C THR D 124 7.64 -34.96 28.91
N LEU D 125 6.79 -34.54 27.96
CA LEU D 125 5.44 -35.07 27.86
C LEU D 125 5.45 -36.54 27.43
N TYR D 126 6.33 -36.90 26.49
CA TYR D 126 6.42 -38.29 26.08
C TYR D 126 6.80 -39.17 27.27
N GLU D 127 7.77 -38.72 28.07
CA GLU D 127 8.22 -39.55 29.19
C GLU D 127 7.16 -39.60 30.29
N ALA D 128 6.49 -38.48 30.55
CA ALA D 128 5.40 -38.52 31.52
C ALA D 128 4.28 -39.43 31.04
N GLY D 129 3.96 -39.38 29.75
CA GLY D 129 2.98 -40.31 29.19
C GLY D 129 3.38 -41.76 29.38
N GLN D 130 4.65 -42.09 29.16
CA GLN D 130 5.11 -43.46 29.37
C GLN D 130 4.85 -43.91 30.80
N LYS D 131 5.13 -43.04 31.77
CA LYS D 131 4.90 -43.40 33.17
C LYS D 131 3.42 -43.69 33.45
N HIS D 132 2.52 -43.05 32.72
CA HIS D 132 1.09 -43.27 32.87
C HIS D 132 0.54 -44.33 31.93
N GLY D 133 1.38 -44.95 31.11
CA GLY D 133 0.89 -45.91 30.13
C GLY D 133 0.17 -45.29 28.96
N VAL D 134 0.46 -44.02 28.65
CA VAL D 134 -0.21 -43.28 27.58
C VAL D 134 0.79 -43.01 26.47
N VAL D 135 0.43 -43.35 25.25
CA VAL D 135 1.25 -43.00 24.08
C VAL D 135 0.99 -41.54 23.73
N VAL D 136 2.07 -40.76 23.61
CA VAL D 136 1.98 -39.36 23.20
C VAL D 136 2.59 -39.26 21.80
N LEU D 137 1.77 -38.85 20.84
CA LEU D 137 2.24 -38.52 19.51
C LEU D 137 2.46 -37.02 19.43
N ASP D 138 3.66 -36.61 19.05
CA ASP D 138 3.89 -35.20 18.73
C ASP D 138 3.51 -35.02 17.26
N ALA D 139 2.40 -34.34 17.03
CA ALA D 139 1.79 -34.25 15.69
C ALA D 139 1.39 -32.82 15.36
N PRO D 140 2.35 -31.89 15.37
CA PRO D 140 2.08 -30.55 14.84
C PRO D 140 1.74 -30.61 13.36
N VAL D 141 1.19 -29.50 12.85
CA VAL D 141 0.65 -29.48 11.49
C VAL D 141 1.28 -28.33 10.71
N SER D 142 1.50 -28.57 9.42
CA SER D 142 1.87 -27.52 8.48
C SER D 142 0.61 -27.03 7.79
N GLY D 143 0.42 -25.73 7.80
CA GLY D 143 -0.83 -25.15 7.35
C GLY D 143 -1.29 -24.15 8.38
N SER D 144 -2.21 -23.28 7.99
CA SER D 144 -2.75 -22.28 8.90
C SER D 144 -4.25 -22.42 8.95
N THR D 145 -4.97 -21.36 9.33
CA THR D 145 -6.42 -21.47 9.43
C THR D 145 -7.11 -21.73 8.09
N PRO D 146 -6.67 -21.21 6.94
CA PRO D 146 -7.33 -21.61 5.68
C PRO D 146 -7.16 -23.09 5.38
N GLU D 147 -6.02 -23.69 5.73
CA GLU D 147 -5.83 -25.12 5.50
C GLU D 147 -6.61 -25.94 6.51
N ALA D 148 -6.72 -25.48 7.75
CA ALA D 148 -7.59 -26.15 8.71
C ALA D 148 -9.04 -26.14 8.23
N ASP D 149 -9.50 -25.01 7.71
CA ASP D 149 -10.86 -24.90 7.18
C ASP D 149 -11.15 -25.98 6.15
N SER D 150 -10.22 -26.22 5.24
CA SER D 150 -10.41 -27.12 4.12
C SER D 150 -9.84 -28.51 4.37
N ALA D 151 -9.45 -28.81 5.62
CA ALA D 151 -8.87 -30.11 5.98
C ALA D 151 -7.72 -30.48 5.06
N SER D 152 -6.90 -29.48 4.72
CA SER D 152 -5.72 -29.69 3.88
C SER D 152 -4.43 -29.48 4.67
N LEU D 153 -4.49 -29.60 5.99
CA LEU D 153 -3.29 -29.62 6.82
C LEU D 153 -2.36 -30.77 6.44
N VAL D 154 -1.08 -30.60 6.71
CA VAL D 154 -0.10 -31.66 6.60
C VAL D 154 0.34 -32.02 8.01
N ILE D 155 0.12 -33.27 8.42
CA ILE D 155 0.44 -33.71 9.78
C ILE D 155 1.89 -34.19 9.80
N LEU D 156 2.65 -33.72 10.78
CA LEU D 156 4.08 -34.03 10.94
C LEU D 156 4.21 -34.78 12.25
N VAL D 157 4.33 -36.10 12.23
CA VAL D 157 4.07 -36.89 13.42
C VAL D 157 5.30 -37.72 13.80
N GLY D 158 5.64 -37.70 15.08
CA GLY D 158 6.69 -38.53 15.64
C GLY D 158 6.10 -39.63 16.50
N GLY D 159 6.60 -40.84 16.32
CA GLY D 159 6.15 -41.97 17.12
C GLY D 159 6.40 -43.27 16.39
N ASP D 160 5.98 -44.36 17.03
CA ASP D 160 6.08 -45.67 16.40
C ASP D 160 5.03 -45.79 15.30
N LYS D 161 5.39 -46.51 14.22
CA LYS D 161 4.48 -46.70 13.10
C LYS D 161 3.11 -47.23 13.54
N ASP D 162 3.10 -48.14 14.52
CA ASP D 162 1.84 -48.72 14.97
C ASP D 162 0.96 -47.69 15.65
N ASP D 163 1.55 -46.79 16.44
CA ASP D 163 0.74 -45.77 17.09
C ASP D 163 0.25 -44.72 16.10
N VAL D 164 1.08 -44.37 15.11
CA VAL D 164 0.60 -43.48 14.05
C VAL D 164 -0.58 -44.11 13.34
N ALA D 165 -0.50 -45.41 13.05
CA ALA D 165 -1.59 -46.10 12.36
C ALA D 165 -2.89 -46.00 13.16
N ARG D 166 -2.80 -46.10 14.49
CA ARG D 166 -3.99 -45.98 15.33
C ARG D 166 -4.67 -44.64 15.14
N ALA D 167 -3.89 -43.57 14.95
CA ALA D 167 -4.41 -42.22 14.86
C ALA D 167 -4.83 -41.84 13.45
N ALA D 168 -4.68 -42.75 12.48
CA ALA D 168 -4.89 -42.42 11.08
C ALA D 168 -6.28 -41.86 10.76
N PRO D 169 -7.39 -42.37 11.31
CA PRO D 169 -8.68 -41.76 10.99
C PRO D 169 -8.82 -40.34 11.50
N ILE D 170 -8.18 -40.00 12.61
CA ILE D 170 -8.20 -38.62 13.10
C ILE D 170 -7.37 -37.72 12.19
N PHE D 171 -6.16 -38.17 11.85
CA PHE D 171 -5.29 -37.39 10.97
C PHE D 171 -5.92 -37.21 9.59
N ASP D 172 -6.61 -38.24 9.09
CA ASP D 172 -7.21 -38.17 7.77
C ASP D 172 -8.36 -37.17 7.73
N ALA D 173 -9.08 -37.01 8.84
CA ALA D 173 -10.22 -36.11 8.85
C ALA D 173 -9.79 -34.65 8.86
N ILE D 174 -8.65 -34.34 9.47
CA ILE D 174 -8.23 -32.95 9.64
C ILE D 174 -7.20 -32.51 8.60
N GLY D 175 -6.60 -33.44 7.85
CA GLY D 175 -5.54 -33.10 6.93
C GLY D 175 -5.64 -33.86 5.62
N LYS D 176 -4.71 -33.54 4.71
CA LYS D 176 -4.64 -34.13 3.39
C LYS D 176 -3.45 -35.06 3.23
N LEU D 177 -2.55 -35.11 4.22
CA LEU D 177 -1.29 -35.84 4.14
C LEU D 177 -0.69 -35.97 5.53
N THR D 178 -0.25 -37.18 5.87
CA THR D 178 0.40 -37.47 7.15
C THR D 178 1.83 -37.87 6.85
N ILE D 179 2.79 -37.09 7.34
CA ILE D 179 4.20 -37.41 7.17
C ILE D 179 4.70 -38.03 8.46
N HIS D 180 5.16 -39.28 8.39
CA HIS D 180 5.78 -39.92 9.55
C HIS D 180 7.23 -39.48 9.59
N ALA D 181 7.52 -38.55 10.49
CA ALA D 181 8.83 -37.90 10.53
C ALA D 181 9.90 -38.75 11.24
N GLY D 182 9.51 -39.78 11.97
CA GLY D 182 10.44 -40.56 12.75
C GLY D 182 9.87 -40.88 14.11
N PRO D 183 10.72 -41.24 15.05
CA PRO D 183 10.26 -41.55 16.41
C PRO D 183 9.82 -40.32 17.19
N THR D 184 9.43 -40.51 18.46
CA THR D 184 8.98 -39.39 19.28
C THR D 184 9.94 -38.22 19.22
N GLY D 185 9.38 -37.02 19.08
CA GLY D 185 10.17 -35.82 18.93
C GLY D 185 10.41 -35.39 17.49
N SER D 186 10.18 -36.27 16.52
CA SER D 186 10.53 -35.94 15.14
C SER D 186 9.54 -34.98 14.52
N GLY D 187 8.26 -35.11 14.89
CA GLY D 187 7.25 -34.18 14.42
C GLY D 187 7.52 -32.76 14.87
N ALA D 188 7.80 -32.58 16.17
CA ALA D 188 8.12 -31.27 16.71
C ALA D 188 9.32 -30.67 16.00
N ARG D 189 10.35 -31.48 15.74
CA ARG D 189 11.53 -30.96 15.06
C ARG D 189 11.21 -30.57 13.62
N LEU D 190 10.44 -31.39 12.91
CA LEU D 190 10.10 -31.05 11.53
C LEU D 190 9.26 -29.79 11.47
N LYS D 191 8.37 -29.59 12.44
CA LYS D 191 7.59 -28.36 12.48
C LYS D 191 8.50 -27.14 12.64
N LEU D 192 9.51 -27.24 13.52
CA LEU D 192 10.42 -26.11 13.69
C LEU D 192 11.16 -25.78 12.40
N VAL D 193 11.60 -26.81 11.65
CA VAL D 193 12.23 -26.56 10.34
C VAL D 193 11.30 -25.77 9.43
N ILE D 194 10.06 -26.23 9.31
CA ILE D 194 9.12 -25.59 8.39
C ILE D 194 8.79 -24.17 8.87
N ASN D 195 8.65 -23.99 10.19
CA ASN D 195 8.42 -22.65 10.76
C ASN D 195 9.54 -21.68 10.39
N GLY D 196 10.78 -22.14 10.46
CA GLY D 196 11.91 -21.29 10.08
C GLY D 196 11.83 -20.84 8.64
N ILE D 197 11.52 -21.77 7.73
CA ILE D 197 11.37 -21.42 6.32
C ILE D 197 10.24 -20.40 6.13
N MET D 198 9.11 -20.59 6.83
CA MET D 198 8.00 -19.66 6.65
C MET D 198 8.34 -18.29 7.21
N GLY D 199 8.92 -18.23 8.40
CA GLY D 199 9.20 -16.94 9.03
C GLY D 199 10.25 -16.14 8.27
N ALA D 200 11.38 -16.77 7.94
CA ALA D 200 12.41 -16.03 7.22
C ALA D 200 12.03 -15.79 5.76
N GLY D 201 11.15 -16.61 5.18
CA GLY D 201 10.65 -16.29 3.85
C GLY D 201 9.89 -14.98 3.87
N LEU D 202 9.11 -14.76 4.92
CA LEU D 202 8.37 -13.49 5.00
C LEU D 202 9.29 -12.30 5.26
N THR D 203 10.23 -12.43 6.22
CA THR D 203 11.10 -11.30 6.50
C THR D 203 11.97 -10.96 5.29
N THR D 204 12.42 -11.97 4.56
CA THR D 204 13.14 -11.74 3.30
C THR D 204 12.31 -10.91 2.33
N LEU D 205 11.06 -11.33 2.14
CA LEU D 205 10.18 -10.67 1.20
C LEU D 205 9.89 -9.23 1.63
N ALA D 206 9.57 -9.03 2.91
CA ALA D 206 9.33 -7.68 3.42
C ALA D 206 10.55 -6.77 3.23
N GLU D 207 11.75 -7.29 3.47
CA GLU D 207 12.94 -6.45 3.33
C GLU D 207 13.25 -6.16 1.86
N SER D 208 13.03 -7.14 0.98
CA SER D 208 13.31 -6.91 -0.43
C SER D 208 12.32 -5.90 -1.01
N VAL D 209 11.04 -6.03 -0.66
CA VAL D 209 10.04 -5.02 -1.06
C VAL D 209 10.42 -3.64 -0.54
N ALA D 210 10.87 -3.58 0.72
CA ALA D 210 11.22 -2.28 1.28
C ALA D 210 12.38 -1.62 0.54
N TYR D 211 13.40 -2.40 0.17
CA TYR D 211 14.44 -1.79 -0.66
C TYR D 211 13.83 -1.28 -1.96
N GLY D 212 13.01 -2.10 -2.62
CA GLY D 212 12.42 -1.69 -3.89
C GLY D 212 11.68 -0.37 -3.80
N LEU D 213 10.86 -0.23 -2.76
CA LEU D 213 10.11 1.01 -2.56
C LEU D 213 11.04 2.17 -2.23
N SER D 214 12.06 1.91 -1.40
CA SER D 214 12.99 2.96 -1.04
C SER D 214 13.75 3.48 -2.26
N ALA D 215 13.96 2.63 -3.25
CA ALA D 215 14.68 2.97 -4.47
C ALA D 215 13.77 3.55 -5.53
N GLY D 216 12.51 3.79 -5.19
CA GLY D 216 11.59 4.54 -6.02
C GLY D 216 10.66 3.73 -6.88
N LEU D 217 10.60 2.42 -6.71
CA LEU D 217 9.73 1.60 -7.56
C LEU D 217 8.28 1.83 -7.16
N ASP D 218 7.41 1.93 -8.16
CA ASP D 218 5.96 2.07 -7.95
C ASP D 218 5.42 0.89 -7.16
N ARG D 219 4.64 1.18 -6.12
CA ARG D 219 4.20 0.12 -5.20
C ARG D 219 3.34 -0.91 -5.89
N SER D 220 2.34 -0.46 -6.65
CA SER D 220 1.45 -1.41 -7.31
C SER D 220 2.19 -2.26 -8.32
N MET D 221 3.12 -1.65 -9.07
CA MET D 221 3.89 -2.39 -10.06
C MET D 221 4.73 -3.45 -9.36
N LEU D 222 5.36 -3.08 -8.25
CA LEU D 222 6.29 -3.98 -7.55
C LEU D 222 5.57 -5.20 -6.99
N PHE D 223 4.45 -4.99 -6.29
CA PHE D 223 3.70 -6.13 -5.76
C PHE D 223 3.23 -7.04 -6.86
N ASP D 224 2.75 -6.47 -7.98
CA ASP D 224 2.28 -7.31 -9.07
C ASP D 224 3.43 -8.04 -9.75
N ALA D 225 4.59 -7.39 -9.88
CA ALA D 225 5.72 -8.04 -10.55
C ALA D 225 6.19 -9.24 -9.77
N LEU D 226 6.23 -9.12 -8.44
CA LEU D 226 6.72 -10.24 -7.63
C LEU D 226 5.78 -11.43 -7.67
N ASP D 227 4.50 -11.21 -7.97
CA ASP D 227 3.60 -12.35 -8.14
C ASP D 227 4.01 -13.22 -9.34
N GLN D 228 4.87 -12.70 -10.22
CA GLN D 228 5.19 -13.35 -11.49
C GLN D 228 6.49 -14.15 -11.43
N VAL D 229 7.22 -14.13 -10.31
CA VAL D 229 8.55 -14.73 -10.28
C VAL D 229 8.51 -16.08 -9.58
N ALA D 230 9.48 -16.92 -9.92
CA ALA D 230 9.46 -18.29 -9.45
C ALA D 230 10.16 -18.49 -8.12
N VAL D 231 10.73 -17.43 -7.54
CA VAL D 231 11.56 -17.55 -6.35
C VAL D 231 10.78 -17.23 -5.07
N ILE D 232 9.47 -17.03 -5.17
CA ILE D 232 8.60 -16.84 -4.01
C ILE D 232 7.64 -18.03 -3.90
N SER D 233 7.42 -18.49 -2.67
CA SER D 233 6.57 -19.66 -2.42
C SER D 233 5.10 -19.31 -2.67
N PRO D 234 4.26 -20.31 -2.93
CA PRO D 234 2.82 -20.05 -3.03
C PRO D 234 2.25 -19.43 -1.77
N HIS D 235 2.69 -19.89 -0.59
CA HIS D 235 2.22 -19.30 0.66
C HIS D 235 2.56 -17.81 0.73
N HIS D 236 3.80 -17.46 0.43
CA HIS D 236 4.23 -16.06 0.56
C HIS D 236 3.67 -15.20 -0.55
N LYS D 237 3.39 -15.78 -1.73
CA LYS D 237 2.68 -14.99 -2.74
C LYS D 237 1.28 -14.64 -2.28
N ARG D 238 0.62 -15.57 -1.57
CA ARG D 238 -0.70 -15.24 -1.00
C ARG D 238 -0.59 -14.12 0.02
N LYS D 239 0.44 -14.16 0.87
CA LYS D 239 0.63 -13.09 1.85
C LYS D 239 0.93 -11.76 1.17
N LEU D 240 1.68 -11.80 0.07
CA LEU D 240 2.03 -10.56 -0.63
C LEU D 240 0.80 -9.90 -1.24
N LYS D 241 -0.09 -10.69 -1.85
CA LYS D 241 -1.35 -10.16 -2.36
C LYS D 241 -2.20 -9.58 -1.25
N ALA D 242 -2.26 -10.27 -0.11
CA ALA D 242 -2.99 -9.72 1.02
C ALA D 242 -2.38 -8.41 1.47
N ALA D 243 -1.04 -8.33 1.51
CA ALA D 243 -0.37 -7.12 1.97
C ALA D 243 -0.57 -5.96 1.00
N LYS D 244 -0.73 -6.25 -0.30
CA LYS D 244 -1.06 -5.17 -1.23
C LYS D 244 -2.36 -4.50 -0.82
N ASP D 245 -3.33 -5.29 -0.35
CA ASP D 245 -4.62 -4.83 0.15
C ASP D 245 -4.60 -4.35 1.59
N GLY D 246 -3.45 -4.36 2.26
CA GLY D 246 -3.42 -4.05 3.69
C GLY D 246 -4.21 -5.01 4.56
N ASN D 247 -4.35 -6.26 4.12
CA ASN D 247 -5.18 -7.26 4.78
C ASN D 247 -4.28 -8.13 5.64
N PHE D 248 -4.31 -7.87 6.95
CA PHE D 248 -3.55 -8.66 7.91
C PHE D 248 -4.46 -9.26 8.97
N ALA D 249 -5.68 -9.58 8.57
CA ALA D 249 -6.55 -10.37 9.43
C ALA D 249 -5.81 -11.62 9.86
N PRO D 250 -5.85 -11.99 11.15
CA PRO D 250 -4.97 -13.07 11.63
C PRO D 250 -5.37 -14.42 11.07
N GLN D 251 -4.42 -15.03 10.37
CA GLN D 251 -4.41 -16.46 10.14
C GLN D 251 -3.36 -17.13 11.01
N PHE D 252 -2.13 -16.63 10.97
CA PHE D 252 -1.10 -17.00 11.91
C PHE D 252 -0.62 -15.72 12.58
N PRO D 253 -1.11 -15.39 13.78
CA PRO D 253 -0.76 -14.11 14.41
C PRO D 253 0.72 -13.97 14.70
N ALA D 254 1.20 -12.72 14.68
CA ALA D 254 2.61 -12.46 14.97
C ALA D 254 3.02 -13.03 16.33
N ARG D 255 2.13 -12.99 17.32
CA ARG D 255 2.48 -13.49 18.64
C ARG D 255 2.85 -14.96 18.58
N LEU D 256 2.22 -15.74 17.70
CA LEU D 256 2.51 -17.17 17.61
C LEU D 256 3.66 -17.45 16.67
N MET D 257 3.75 -16.74 15.55
CA MET D 257 4.88 -16.93 14.66
C MET D 257 6.18 -16.58 15.37
N GLN D 258 6.19 -15.47 16.11
CA GLN D 258 7.42 -15.05 16.79
C GLN D 258 7.79 -16.02 17.90
N LYS D 259 6.79 -16.58 18.59
CA LYS D 259 7.06 -17.63 19.57
C LYS D 259 7.71 -18.84 18.90
N ASP D 260 7.16 -19.27 17.75
CA ASP D 260 7.76 -20.40 17.05
C ASP D 260 9.19 -20.09 16.63
N MET D 261 9.51 -18.84 16.28
CA MET D 261 10.88 -18.55 15.91
C MET D 261 11.77 -18.57 17.15
N ARG D 262 11.28 -18.09 18.28
CA ARG D 262 12.05 -18.23 19.52
C ARG D 262 12.36 -19.70 19.82
N LEU D 263 11.38 -20.58 19.64
CA LEU D 263 11.60 -22.00 19.89
C LEU D 263 12.66 -22.57 18.94
N LEU D 264 12.57 -22.21 17.67
CA LEU D 264 13.55 -22.69 16.69
C LEU D 264 14.95 -22.20 17.04
N LEU D 265 15.09 -20.92 17.40
CA LEU D 265 16.44 -20.45 17.73
C LEU D 265 16.97 -21.06 19.01
N ASP D 266 16.09 -21.34 19.98
CA ASP D 266 16.58 -22.01 21.18
C ASP D 266 17.06 -23.41 20.83
N ALA D 267 16.30 -24.11 19.99
CA ALA D 267 16.67 -25.47 19.61
C ALA D 267 17.95 -25.47 18.79
N ALA D 268 18.09 -24.53 17.85
CA ALA D 268 19.32 -24.49 17.06
C ALA D 268 20.53 -24.17 17.94
N ALA D 269 20.33 -23.35 18.98
CA ALA D 269 21.42 -23.08 19.92
C ALA D 269 21.77 -24.34 20.72
N ARG D 270 20.75 -25.09 21.16
CA ARG D 270 21.05 -26.31 21.91
C ARG D 270 21.79 -27.33 21.06
N GLU D 271 21.54 -27.36 19.75
CA GLU D 271 22.25 -28.25 18.84
C GLU D 271 23.55 -27.64 18.30
N ALA D 272 23.83 -26.39 18.67
CA ALA D 272 25.02 -25.66 18.23
C ALA D 272 25.14 -25.61 16.71
N VAL D 273 24.06 -25.22 16.05
CA VAL D 273 24.03 -25.04 14.60
C VAL D 273 23.92 -23.54 14.31
N PRO D 274 24.86 -22.94 13.60
CA PRO D 274 24.78 -21.50 13.31
C PRO D 274 23.74 -21.22 12.22
N VAL D 275 22.74 -20.41 12.56
CA VAL D 275 21.67 -20.14 11.61
C VAL D 275 21.45 -18.63 11.51
N PRO D 276 22.39 -17.87 10.94
CA PRO D 276 22.29 -16.40 10.98
C PRO D 276 21.10 -15.83 10.24
N THR D 277 20.66 -16.44 9.13
CA THR D 277 19.48 -15.90 8.45
C THR D 277 18.23 -16.07 9.32
N LEU D 278 18.09 -17.26 9.92
CA LEU D 278 16.95 -17.50 10.80
C LEU D 278 17.00 -16.59 12.03
N ALA D 279 18.20 -16.33 12.54
CA ALA D 279 18.36 -15.47 13.71
C ALA D 279 17.94 -14.03 13.40
N ALA D 280 18.35 -13.51 12.24
CA ALA D 280 17.93 -12.17 11.81
C ALA D 280 16.43 -12.10 11.61
N ALA D 281 15.86 -13.12 10.96
CA ALA D 281 14.42 -13.14 10.75
C ALA D 281 13.67 -13.07 12.08
N THR D 282 14.18 -13.78 13.09
CA THR D 282 13.52 -13.80 14.40
C THR D 282 13.45 -12.39 14.98
N GLN D 283 14.53 -11.62 14.84
CA GLN D 283 14.52 -10.26 15.41
C GLN D 283 13.51 -9.38 14.69
N GLN D 284 13.38 -9.56 13.37
CA GLN D 284 12.38 -8.79 12.63
C GLN D 284 10.97 -9.15 13.08
N LEU D 285 10.76 -10.43 13.40
CA LEU D 285 9.46 -10.86 13.89
C LEU D 285 9.21 -10.47 15.34
N SER D 286 10.27 -10.26 16.14
CA SER D 286 10.07 -9.62 17.45
C SER D 286 9.52 -8.20 17.27
N LEU D 287 10.11 -7.42 16.36
CA LEU D 287 9.57 -6.08 16.11
C LEU D 287 8.12 -6.17 15.65
N THR D 288 7.83 -7.12 14.75
CA THR D 288 6.48 -7.30 14.24
C THR D 288 5.49 -7.58 15.37
N ARG D 289 5.86 -8.49 16.27
CA ARG D 289 4.98 -8.82 17.39
C ARG D 289 4.82 -7.63 18.34
N ARG D 290 5.91 -6.91 18.62
CA ARG D 290 5.79 -5.75 19.51
C ARG D 290 4.80 -4.71 18.97
N LEU D 291 4.85 -4.47 17.66
CA LEU D 291 3.98 -3.45 17.06
C LEU D 291 2.53 -3.94 16.92
N SER D 292 2.32 -5.22 16.65
CA SER D 292 0.97 -5.77 16.51
C SER D 292 0.97 -7.26 16.80
N PRO D 293 0.74 -7.64 18.06
CA PRO D 293 0.81 -9.07 18.40
C PRO D 293 -0.26 -9.90 17.74
N ASN D 294 -1.44 -9.31 17.47
CA ASN D 294 -2.62 -10.08 17.09
C ASN D 294 -2.91 -10.08 15.60
N GLU D 295 -2.30 -9.19 14.83
CA GLU D 295 -2.52 -9.29 13.39
C GLU D 295 -1.64 -10.40 12.81
N ASP D 296 -1.93 -10.78 11.57
CA ASP D 296 -1.13 -11.79 10.88
C ASP D 296 0.35 -11.43 10.89
N TYR D 297 1.20 -12.46 11.00
CA TYR D 297 2.64 -12.24 11.05
C TYR D 297 3.17 -11.52 9.80
N SER D 298 2.45 -11.60 8.68
CA SER D 298 2.88 -10.93 7.46
C SER D 298 2.79 -9.41 7.56
N SER D 299 2.28 -8.87 8.68
CA SER D 299 2.21 -7.42 8.84
C SER D 299 3.58 -6.75 8.83
N LEU D 300 4.67 -7.52 8.99
CA LEU D 300 5.99 -6.93 8.83
C LEU D 300 6.13 -6.24 7.47
N ILE D 301 5.40 -6.70 6.44
CA ILE D 301 5.47 -6.00 5.16
C ILE D 301 5.02 -4.57 5.33
N ARG D 302 3.90 -4.37 6.04
CA ARG D 302 3.41 -3.01 6.32
C ARG D 302 4.39 -2.24 7.21
N VAL D 303 4.96 -2.92 8.22
CA VAL D 303 5.94 -2.29 9.10
C VAL D 303 7.09 -1.73 8.27
N MET D 304 7.59 -2.53 7.32
CA MET D 304 8.76 -2.09 6.57
C MET D 304 8.37 -0.96 5.62
N GLU D 305 7.18 -1.04 5.02
CA GLU D 305 6.72 0.07 4.17
C GLU D 305 6.71 1.38 4.95
N LYS D 306 6.30 1.33 6.23
CA LYS D 306 6.23 2.54 7.05
C LYS D 306 7.63 3.08 7.35
N ILE D 307 8.59 2.18 7.60
CA ILE D 307 9.96 2.62 7.81
C ILE D 307 10.47 3.39 6.60
N VAL D 308 10.22 2.88 5.40
CA VAL D 308 10.81 3.57 4.25
C VAL D 308 10.03 4.82 3.89
N ALA D 309 8.76 4.92 4.27
CA ALA D 309 8.04 6.17 4.06
C ALA D 309 8.47 7.24 5.06
N ASN D 310 9.04 6.85 6.20
CA ASN D 310 9.16 7.64 7.41
C ASN D 310 7.78 7.98 7.98
N ILE E 19 15.88 39.32 -22.64
CA ILE E 19 14.90 39.21 -21.54
C ILE E 19 13.98 40.43 -21.53
N LEU E 20 12.68 40.19 -21.34
CA LEU E 20 11.68 41.23 -21.55
C LEU E 20 11.41 42.04 -20.27
N SER E 21 12.49 42.57 -19.71
CA SER E 21 12.43 43.49 -18.59
C SER E 21 11.89 44.83 -19.05
N PRO E 22 11.44 45.69 -18.11
CA PRO E 22 10.99 47.03 -18.53
C PRO E 22 12.09 47.83 -19.20
N GLU E 23 13.34 47.60 -18.81
CA GLU E 23 14.45 48.30 -19.44
C GLU E 23 14.63 47.86 -20.89
N ASN E 24 14.44 46.57 -21.20
CA ASN E 24 14.65 46.09 -22.56
C ASN E 24 13.43 46.20 -23.44
N ALA E 25 12.23 45.98 -22.89
CA ALA E 25 10.99 45.96 -23.68
C ALA E 25 9.87 46.57 -22.85
N PRO E 26 9.86 47.89 -22.73
CA PRO E 26 8.92 48.52 -21.79
C PRO E 26 7.47 48.47 -22.21
N ARG E 27 7.16 48.42 -23.51
CA ARG E 27 5.76 48.53 -23.94
C ARG E 27 5.11 47.15 -24.01
N ILE E 28 4.00 46.98 -23.30
CA ILE E 28 3.19 45.78 -23.36
C ILE E 28 1.81 46.17 -23.84
N GLY E 29 1.38 45.60 -24.96
CA GLY E 29 0.05 45.84 -25.48
C GLY E 29 -0.85 44.63 -25.22
N PHE E 30 -2.07 44.91 -24.82
CA PHE E 30 -3.07 43.88 -24.52
C PHE E 30 -4.10 43.76 -25.63
N ILE E 31 -4.38 42.54 -26.05
CA ILE E 31 -5.54 42.24 -26.88
C ILE E 31 -6.55 41.60 -25.95
N GLY E 32 -7.61 42.35 -25.63
CA GLY E 32 -8.50 41.98 -24.54
C GLY E 32 -8.04 42.68 -23.28
N PHE E 33 -8.96 43.32 -22.56
CA PHE E 33 -8.55 44.06 -21.38
C PHE E 33 -9.72 44.08 -20.39
N GLY E 34 -10.10 42.90 -19.92
CA GLY E 34 -11.26 42.75 -19.04
C GLY E 34 -10.85 42.60 -17.58
N ALA E 35 -11.62 41.76 -16.86
CA ALA E 35 -11.41 41.64 -15.42
C ALA E 35 -10.01 41.15 -15.09
N MET E 36 -9.54 40.13 -15.81
CA MET E 36 -8.23 39.57 -15.51
C MET E 36 -7.10 40.45 -16.03
N ALA E 37 -7.19 40.86 -17.30
CA ALA E 37 -6.08 41.55 -17.93
C ALA E 37 -5.87 42.95 -17.35
N SER E 38 -6.95 43.65 -16.99
CA SER E 38 -6.80 44.98 -16.41
C SER E 38 -6.06 44.93 -15.08
N ARG E 39 -6.29 43.87 -14.30
CA ARG E 39 -5.55 43.68 -13.05
C ARG E 39 -4.10 43.31 -13.32
N MET E 40 -3.88 42.44 -14.31
CA MET E 40 -2.52 42.13 -14.76
C MET E 40 -1.80 43.41 -15.13
N GLY E 41 -2.50 44.28 -15.87
CA GLY E 41 -1.88 45.49 -16.39
C GLY E 41 -1.45 46.43 -15.28
N ASP E 42 -2.23 46.51 -14.21
CA ASP E 42 -1.86 47.37 -13.09
C ASP E 42 -0.55 46.91 -12.47
N HIS E 43 -0.36 45.60 -12.29
CA HIS E 43 0.88 45.12 -11.71
C HIS E 43 2.04 45.36 -12.64
N LEU E 44 1.82 45.27 -13.95
CA LEU E 44 2.89 45.51 -14.90
C LEU E 44 3.25 46.99 -14.96
N LYS E 45 2.25 47.87 -14.87
CA LYS E 45 2.51 49.30 -14.73
C LYS E 45 3.39 49.57 -13.50
N THR E 46 3.03 49.00 -12.36
CA THR E 46 3.82 49.18 -11.14
C THR E 46 5.25 48.65 -11.32
N ALA E 47 5.42 47.58 -12.09
CA ALA E 47 6.74 47.04 -12.35
C ALA E 47 7.55 47.87 -13.33
N GLY E 48 6.93 48.87 -13.97
CA GLY E 48 7.64 49.79 -14.83
C GLY E 48 7.34 49.70 -16.31
N TYR E 49 6.37 48.89 -16.72
CA TYR E 49 6.02 48.79 -18.13
C TYR E 49 5.01 49.86 -18.52
N THR E 50 4.98 50.17 -19.82
CA THR E 50 4.02 51.08 -20.42
C THR E 50 2.91 50.26 -21.07
N ILE E 51 1.67 50.46 -20.62
CA ILE E 51 0.57 49.58 -20.99
C ILE E 51 -0.30 50.25 -22.05
N SER E 52 -0.82 49.44 -22.98
CA SER E 52 -1.82 49.86 -23.96
C SER E 52 -2.75 48.67 -24.21
N ALA E 53 -3.90 48.92 -24.84
CA ALA E 53 -4.87 47.86 -25.00
C ALA E 53 -5.75 48.09 -26.21
N TYR E 54 -6.29 47.00 -26.73
CA TYR E 54 -7.38 46.98 -27.70
C TYR E 54 -8.51 46.14 -27.15
N THR E 55 -9.74 46.67 -27.22
CA THR E 55 -10.94 45.88 -27.05
C THR E 55 -11.93 46.26 -28.15
N PRO E 56 -12.79 45.32 -28.56
CA PRO E 56 -13.76 45.66 -29.63
C PRO E 56 -14.69 46.81 -29.26
N SER E 57 -15.10 46.91 -27.99
CA SER E 57 -15.94 48.03 -27.58
C SER E 57 -15.17 49.32 -27.43
N GLY E 58 -13.84 49.25 -27.30
CA GLY E 58 -13.04 50.42 -27.02
C GLY E 58 -13.03 50.86 -25.58
N ARG E 59 -13.67 50.11 -24.68
CA ARG E 59 -13.74 50.44 -23.27
C ARG E 59 -13.03 49.37 -22.46
N SER E 60 -12.70 49.72 -21.22
CA SER E 60 -11.97 48.82 -20.34
C SER E 60 -12.15 49.30 -18.91
N PRO E 61 -11.84 48.46 -17.91
CA PRO E 61 -11.97 48.91 -16.52
C PRO E 61 -10.93 49.95 -16.11
N SER E 62 -9.95 50.27 -16.96
CA SER E 62 -8.85 51.17 -16.61
C SER E 62 -8.88 52.42 -17.48
N PRO E 63 -9.45 53.53 -16.99
CA PRO E 63 -9.56 54.73 -17.84
C PRO E 63 -8.22 55.32 -18.27
N SER E 64 -7.15 55.10 -17.52
CA SER E 64 -5.87 55.70 -17.88
C SER E 64 -5.13 54.94 -18.98
N VAL E 65 -5.52 53.73 -19.32
CA VAL E 65 -4.79 52.94 -20.30
C VAL E 65 -5.21 53.36 -21.71
N PRO E 66 -4.27 53.73 -22.58
CA PRO E 66 -4.65 54.11 -23.95
C PRO E 66 -5.23 52.94 -24.72
N MET E 67 -6.28 53.23 -25.48
CA MET E 67 -7.02 52.24 -26.26
C MET E 67 -6.71 52.44 -27.75
N LEU E 68 -6.37 51.33 -28.46
CA LEU E 68 -6.07 51.42 -29.88
C LEU E 68 -7.24 50.87 -30.70
N PRO E 69 -7.42 51.33 -31.94
CA PRO E 69 -8.65 51.04 -32.68
C PRO E 69 -8.76 49.62 -33.25
N THR E 70 -7.63 48.98 -33.54
CA THR E 70 -7.57 47.66 -34.14
C THR E 70 -6.49 46.85 -33.46
N PRO E 71 -6.58 45.51 -33.53
CA PRO E 71 -5.45 44.70 -33.01
C PRO E 71 -4.15 45.01 -33.74
N LEU E 72 -4.23 45.27 -35.05
CA LEU E 72 -3.08 45.70 -35.83
C LEU E 72 -2.43 46.93 -35.23
N ALA E 73 -3.22 47.98 -34.99
CA ALA E 73 -2.68 49.20 -34.41
C ALA E 73 -2.07 48.95 -33.04
N LEU E 74 -2.72 48.11 -32.22
CA LEU E 74 -2.17 47.79 -30.91
C LEU E 74 -0.78 47.17 -31.05
N ALA E 75 -0.64 46.17 -31.91
CA ALA E 75 0.62 45.47 -32.05
C ALA E 75 1.72 46.38 -32.59
N LYS E 76 1.35 47.30 -33.49
CA LYS E 76 2.38 48.13 -34.11
C LYS E 76 3.07 49.06 -33.12
N GLN E 77 2.41 49.47 -32.04
CA GLN E 77 3.05 50.35 -31.07
C GLN E 77 3.40 49.67 -29.74
N ALA E 78 3.36 48.33 -29.67
CA ALA E 78 3.78 47.59 -28.49
C ALA E 78 5.01 46.72 -28.80
N ASP E 79 5.76 46.39 -27.74
CA ASP E 79 6.95 45.53 -27.84
C ASP E 79 6.58 44.05 -27.69
N THR E 80 5.89 43.72 -26.61
CA THR E 80 5.31 42.40 -26.35
C THR E 80 3.79 42.53 -26.37
N VAL E 81 3.10 41.50 -26.86
CA VAL E 81 1.63 41.51 -26.89
C VAL E 81 1.13 40.42 -25.94
N VAL E 82 0.20 40.79 -25.07
CA VAL E 82 -0.46 39.83 -24.16
C VAL E 82 -1.92 39.74 -24.59
N VAL E 83 -2.40 38.52 -24.79
CA VAL E 83 -3.77 38.28 -25.24
C VAL E 83 -4.56 37.74 -24.06
N CYS E 84 -5.78 38.23 -23.89
CA CYS E 84 -6.66 37.79 -22.81
C CYS E 84 -8.12 37.96 -23.23
N VAL E 85 -8.57 37.06 -24.11
CA VAL E 85 -9.88 37.11 -24.76
C VAL E 85 -10.74 35.92 -24.30
N PRO E 86 -12.06 35.95 -24.55
CA PRO E 86 -12.93 34.91 -23.97
C PRO E 86 -12.76 33.50 -24.55
N ASP E 87 -12.61 33.33 -25.86
CA ASP E 87 -12.76 32.00 -26.43
C ASP E 87 -12.02 31.94 -27.77
N ASP E 88 -12.11 30.78 -28.44
CA ASP E 88 -11.38 30.53 -29.67
C ASP E 88 -11.77 31.53 -30.76
N GLU E 89 -13.06 31.85 -30.83
CA GLU E 89 -13.58 32.69 -31.89
C GLU E 89 -13.10 34.13 -31.74
N ALA E 90 -13.06 34.61 -30.49
CA ALA E 90 -12.50 35.94 -30.24
C ALA E 90 -11.02 35.97 -30.54
N LEU E 91 -10.31 34.87 -30.25
CA LEU E 91 -8.90 34.78 -30.56
C LEU E 91 -8.67 34.87 -32.06
N ALA E 92 -9.43 34.12 -32.84
CA ALA E 92 -9.26 34.14 -34.29
C ALA E 92 -9.60 35.51 -34.86
N ALA E 93 -10.67 36.13 -34.36
CA ALA E 93 -11.10 37.42 -34.89
C ALA E 93 -10.04 38.49 -34.71
N SER E 94 -9.26 38.43 -33.64
CA SER E 94 -8.30 39.49 -33.37
C SER E 94 -6.86 39.12 -33.72
N MET E 95 -6.55 37.85 -33.95
CA MET E 95 -5.19 37.48 -34.29
C MET E 95 -4.92 37.53 -35.79
N TYR E 96 -5.92 37.17 -36.60
CA TYR E 96 -5.72 36.86 -38.00
C TYR E 96 -6.34 37.93 -38.88
N GLY E 97 -5.93 37.95 -40.15
CA GLY E 97 -6.44 38.94 -41.08
C GLY E 97 -5.58 40.19 -41.14
N GLU E 98 -5.88 41.04 -42.13
CA GLU E 98 -5.08 42.24 -42.36
C GLU E 98 -5.10 43.17 -41.15
N ASN E 99 -6.15 43.13 -40.35
CA ASN E 99 -6.26 44.00 -39.19
C ASN E 99 -5.97 43.28 -37.88
N GLY E 100 -5.49 42.05 -37.92
CA GLY E 100 -5.21 41.30 -36.71
C GLY E 100 -3.86 41.61 -36.12
N ALA E 101 -3.63 41.04 -34.94
CA ALA E 101 -2.43 41.39 -34.16
C ALA E 101 -1.15 40.89 -34.83
N LEU E 102 -1.18 39.68 -35.42
CA LEU E 102 0.04 39.12 -35.96
C LEU E 102 0.54 39.97 -37.12
N ALA E 103 -0.37 40.52 -37.91
CA ALA E 103 0.02 41.40 -39.02
C ALA E 103 0.72 42.66 -38.54
N GLY E 104 0.52 43.05 -37.28
CA GLY E 104 1.18 44.21 -36.71
C GLY E 104 2.43 43.93 -35.90
N MET E 105 2.83 42.68 -35.74
CA MET E 105 3.96 42.32 -34.91
C MET E 105 5.23 42.19 -35.73
N THR E 106 6.36 42.53 -35.12
CA THR E 106 7.65 42.46 -35.78
C THR E 106 8.34 41.15 -35.42
N LYS E 107 9.00 40.55 -36.41
CA LYS E 107 9.78 39.33 -36.19
C LYS E 107 10.69 39.48 -34.97
N GLY E 108 10.72 38.44 -34.13
CA GLY E 108 11.52 38.43 -32.92
C GLY E 108 10.76 38.84 -31.67
N SER E 109 9.56 39.39 -31.82
CA SER E 109 8.75 39.76 -30.68
C SER E 109 7.99 38.55 -30.16
N LEU E 110 7.45 38.69 -28.96
CA LEU E 110 6.82 37.59 -28.26
C LEU E 110 5.34 37.89 -28.08
N LEU E 111 4.50 36.89 -28.31
CA LEU E 111 3.08 36.99 -28.01
C LEU E 111 2.79 36.04 -26.87
N ILE E 112 2.19 36.55 -25.79
CA ILE E 112 1.86 35.74 -24.61
C ILE E 112 0.35 35.63 -24.57
N ASN E 113 -0.18 34.42 -24.76
CA ASN E 113 -1.62 34.20 -24.73
C ASN E 113 -2.01 33.67 -23.36
N THR E 114 -2.65 34.52 -22.55
CA THR E 114 -3.15 34.08 -21.26
C THR E 114 -4.60 33.64 -21.30
N SER E 115 -5.24 33.68 -22.46
CA SER E 115 -6.61 33.24 -22.63
C SER E 115 -6.73 31.74 -22.38
N SER E 116 -7.92 31.32 -21.98
CA SER E 116 -8.26 29.90 -21.88
C SER E 116 -8.96 29.50 -23.18
N VAL E 117 -8.24 28.82 -24.06
CA VAL E 117 -8.74 28.42 -25.37
C VAL E 117 -8.40 26.94 -25.60
N SER E 118 -8.93 26.39 -26.68
CA SER E 118 -8.76 24.96 -26.96
C SER E 118 -7.33 24.62 -27.35
N PRO E 119 -6.93 23.36 -27.19
CA PRO E 119 -5.64 22.91 -27.77
C PRO E 119 -5.54 23.17 -29.27
N GLU E 120 -6.65 23.03 -30.00
CA GLU E 120 -6.61 23.27 -31.44
C GLU E 120 -6.30 24.73 -31.75
N ALA E 121 -7.01 25.66 -31.09
CA ALA E 121 -6.75 27.08 -31.28
C ALA E 121 -5.32 27.43 -30.91
N THR E 122 -4.80 26.77 -29.87
CA THR E 122 -3.44 27.04 -29.42
C THR E 122 -2.42 26.64 -30.48
N ALA E 123 -2.59 25.46 -31.08
CA ALA E 123 -1.67 25.01 -32.12
C ALA E 123 -1.76 25.89 -33.35
N THR E 124 -2.99 26.28 -33.73
CA THR E 124 -3.16 27.15 -34.89
C THR E 124 -2.45 28.48 -34.68
N LEU E 125 -2.58 29.07 -33.49
CA LEU E 125 -1.92 30.34 -33.23
C LEU E 125 -0.40 30.19 -33.18
N TYR E 126 0.09 29.10 -32.58
CA TYR E 126 1.53 28.86 -32.55
C TYR E 126 2.11 28.79 -33.96
N GLU E 127 1.45 28.06 -34.87
CA GLU E 127 1.97 27.91 -36.22
C GLU E 127 1.86 29.21 -37.00
N ALA E 128 0.75 29.93 -36.84
CA ALA E 128 0.62 31.24 -37.45
C ALA E 128 1.73 32.17 -36.97
N GLY E 129 2.03 32.15 -35.66
CA GLY E 129 3.12 32.97 -35.15
C GLY E 129 4.44 32.64 -35.79
N GLN E 130 4.77 31.34 -35.87
CA GLN E 130 6.01 30.93 -36.52
C GLN E 130 6.15 31.53 -37.91
N LYS E 131 5.04 31.57 -38.67
CA LYS E 131 5.08 32.13 -40.01
C LYS E 131 5.45 33.61 -40.02
N HIS E 132 5.13 34.33 -38.94
CA HIS E 132 5.44 35.74 -38.80
C HIS E 132 6.73 35.97 -38.04
N GLY E 133 7.46 34.91 -37.68
CA GLY E 133 8.64 35.07 -36.87
C GLY E 133 8.38 35.41 -35.42
N VAL E 134 7.18 35.08 -34.91
CA VAL E 134 6.75 35.46 -33.58
C VAL E 134 6.55 34.18 -32.78
N VAL E 135 7.27 34.06 -31.66
CA VAL E 135 7.05 32.94 -30.74
C VAL E 135 5.80 33.22 -29.93
N VAL E 136 4.90 32.23 -29.85
CA VAL E 136 3.68 32.33 -29.07
C VAL E 136 3.83 31.42 -27.85
N LEU E 137 3.77 32.00 -26.66
CA LEU E 137 3.69 31.24 -25.42
C LEU E 137 2.22 31.06 -25.05
N ASP E 138 1.79 29.81 -24.84
CA ASP E 138 0.46 29.57 -24.27
C ASP E 138 0.63 29.57 -22.76
N ALA E 139 0.16 30.65 -22.11
CA ALA E 139 0.41 30.87 -20.68
C ALA E 139 -0.87 31.27 -19.98
N PRO E 140 -1.90 30.43 -20.03
CA PRO E 140 -3.06 30.65 -19.15
C PRO E 140 -2.64 30.63 -17.70
N VAL E 141 -3.54 31.11 -16.83
CA VAL E 141 -3.22 31.26 -15.41
C VAL E 141 -4.23 30.55 -14.54
N SER E 142 -3.76 30.03 -13.41
CA SER E 142 -4.61 29.49 -12.35
C SER E 142 -4.80 30.58 -11.33
N GLY E 143 -6.05 30.85 -10.98
CA GLY E 143 -6.36 32.00 -10.17
C GLY E 143 -7.47 32.79 -10.82
N SER E 144 -8.11 33.67 -10.05
CA SER E 144 -9.24 34.45 -10.52
C SER E 144 -8.93 35.91 -10.18
N THR E 145 -9.97 36.73 -10.12
CA THR E 145 -9.70 38.16 -9.92
C THR E 145 -9.09 38.49 -8.55
N PRO E 146 -9.42 37.79 -7.45
CA PRO E 146 -8.68 38.06 -6.20
C PRO E 146 -7.18 37.77 -6.32
N GLU E 147 -6.82 36.69 -7.00
CA GLU E 147 -5.40 36.38 -7.18
C GLU E 147 -4.75 37.32 -8.19
N ALA E 148 -5.52 37.80 -9.16
CA ALA E 148 -4.98 38.80 -10.07
C ALA E 148 -4.71 40.11 -9.32
N ASP E 149 -5.59 40.47 -8.37
CA ASP E 149 -5.38 41.65 -7.53
C ASP E 149 -4.09 41.56 -6.74
N SER E 150 -3.82 40.41 -6.13
CA SER E 150 -2.65 40.24 -5.27
C SER E 150 -1.40 39.74 -6.01
N ALA E 151 -1.46 39.62 -7.34
CA ALA E 151 -0.35 39.07 -8.13
C ALA E 151 0.09 37.72 -7.58
N SER E 152 -0.87 36.89 -7.22
CA SER E 152 -0.61 35.54 -6.78
C SER E 152 -1.14 34.50 -7.76
N LEU E 153 -1.34 34.91 -9.02
CA LEU E 153 -1.62 33.96 -10.09
C LEU E 153 -0.53 32.91 -10.22
N VAL E 154 -0.90 31.73 -10.69
CA VAL E 154 0.04 30.68 -11.07
C VAL E 154 0.05 30.60 -12.58
N ILE E 155 1.20 30.85 -13.21
CA ILE E 155 1.30 30.87 -14.67
C ILE E 155 1.56 29.45 -15.14
N LEU E 156 0.79 28.98 -16.13
CA LEU E 156 0.89 27.62 -16.66
C LEU E 156 1.34 27.74 -18.11
N VAL E 157 2.62 27.55 -18.41
CA VAL E 157 3.15 27.99 -19.70
C VAL E 157 3.75 26.83 -20.48
N GLY E 158 3.42 26.79 -21.77
CA GLY E 158 4.03 25.88 -22.72
C GLY E 158 4.96 26.63 -23.67
N GLY E 159 6.10 26.03 -23.94
CA GLY E 159 7.06 26.63 -24.85
C GLY E 159 8.47 26.15 -24.56
N ASP E 160 9.40 26.65 -25.34
CA ASP E 160 10.81 26.35 -25.11
C ASP E 160 11.30 27.06 -23.85
N LYS E 161 12.20 26.39 -23.13
CA LYS E 161 12.78 26.92 -21.90
C LYS E 161 13.30 28.34 -22.07
N ASP E 162 13.99 28.62 -23.19
CA ASP E 162 14.58 29.95 -23.34
C ASP E 162 13.51 31.03 -23.55
N ASP E 163 12.41 30.70 -24.23
CA ASP E 163 11.34 31.68 -24.42
C ASP E 163 10.60 31.94 -23.11
N VAL E 164 10.40 30.91 -22.29
CA VAL E 164 9.84 31.14 -20.96
C VAL E 164 10.74 32.07 -20.17
N ALA E 165 12.06 31.88 -20.27
CA ALA E 165 13.00 32.72 -19.55
C ALA E 165 12.91 34.18 -20.00
N ARG E 166 12.71 34.41 -21.30
CA ARG E 166 12.56 35.78 -21.79
C ARG E 166 11.39 36.48 -21.12
N ALA E 167 10.31 35.75 -20.84
CA ALA E 167 9.08 36.33 -20.31
C ALA E 167 9.03 36.38 -18.79
N ALA E 168 10.04 35.83 -18.12
CA ALA E 168 10.06 35.78 -16.66
C ALA E 168 9.71 37.09 -15.97
N PRO E 169 10.27 38.25 -16.35
CA PRO E 169 9.89 39.47 -15.65
C PRO E 169 8.40 39.77 -15.71
N ILE E 170 7.76 39.44 -16.83
CA ILE E 170 6.33 39.68 -16.97
C ILE E 170 5.55 38.72 -16.08
N PHE E 171 5.88 37.43 -16.14
CA PHE E 171 5.22 36.42 -15.31
C PHE E 171 5.44 36.69 -13.82
N ASP E 172 6.62 37.17 -13.45
CA ASP E 172 6.91 37.44 -12.05
C ASP E 172 6.11 38.63 -11.54
N ALA E 173 5.80 39.59 -12.41
CA ALA E 173 5.06 40.77 -11.97
C ALA E 173 3.60 40.45 -11.73
N ILE E 174 3.03 39.53 -12.50
CA ILE E 174 1.60 39.24 -12.38
C ILE E 174 1.29 38.03 -11.52
N GLY E 175 2.30 37.22 -11.16
CA GLY E 175 2.05 35.95 -10.51
C GLY E 175 3.04 35.65 -9.40
N LYS E 176 2.76 34.56 -8.67
CA LYS E 176 3.64 34.08 -7.60
C LYS E 176 4.44 32.86 -7.97
N LEU E 177 4.15 32.22 -9.11
CA LEU E 177 4.75 30.95 -9.47
C LEU E 177 4.51 30.75 -10.96
N THR E 178 5.59 30.40 -11.68
CA THR E 178 5.48 30.03 -13.09
C THR E 178 5.80 28.56 -13.21
N ILE E 179 4.82 27.77 -13.67
CA ILE E 179 5.02 26.35 -13.92
C ILE E 179 5.27 26.15 -15.41
N HIS E 180 6.46 25.68 -15.76
CA HIS E 180 6.77 25.35 -17.15
C HIS E 180 6.19 23.96 -17.41
N ALA E 181 5.07 23.91 -18.14
CA ALA E 181 4.30 22.68 -18.28
C ALA E 181 4.83 21.75 -19.36
N GLY E 182 5.75 22.22 -20.21
CA GLY E 182 6.19 21.46 -21.35
C GLY E 182 6.26 22.34 -22.58
N PRO E 183 6.33 21.73 -23.76
CA PRO E 183 6.42 22.52 -25.00
C PRO E 183 5.10 23.19 -25.36
N THR E 184 5.05 23.87 -26.51
CA THR E 184 3.83 24.59 -26.92
C THR E 184 2.61 23.67 -26.81
N GLY E 185 1.53 24.21 -26.25
CA GLY E 185 0.31 23.46 -26.04
C GLY E 185 0.15 22.94 -24.63
N SER E 186 1.25 22.83 -23.87
CA SER E 186 1.19 22.20 -22.55
C SER E 186 0.51 23.09 -21.53
N GLY E 187 0.69 24.41 -21.63
CA GLY E 187 0.01 25.31 -20.71
C GLY E 187 -1.49 25.25 -20.90
N ALA E 188 -1.93 25.28 -22.16
CA ALA E 188 -3.36 25.20 -22.44
C ALA E 188 -3.96 23.92 -21.89
N ARG E 189 -3.24 22.80 -22.03
CA ARG E 189 -3.74 21.52 -21.53
C ARG E 189 -3.81 21.51 -20.01
N LEU E 190 -2.77 22.03 -19.34
CA LEU E 190 -2.75 22.03 -17.88
C LEU E 190 -3.86 22.92 -17.32
N LYS E 191 -4.16 24.03 -18.00
CA LYS E 191 -5.28 24.87 -17.58
C LYS E 191 -6.59 24.11 -17.67
N LEU E 192 -6.79 23.32 -18.73
CA LEU E 192 -8.03 22.57 -18.83
C LEU E 192 -8.18 21.55 -17.70
N VAL E 193 -7.07 20.90 -17.32
CA VAL E 193 -7.07 19.98 -16.18
C VAL E 193 -7.54 20.70 -14.91
N ILE E 194 -6.92 21.83 -14.61
CA ILE E 194 -7.24 22.56 -13.39
C ILE E 194 -8.67 23.11 -13.43
N ASN E 195 -9.12 23.56 -14.60
CA ASN E 195 -10.50 24.04 -14.74
C ASN E 195 -11.51 22.94 -14.44
N GLY E 196 -11.25 21.71 -14.89
CA GLY E 196 -12.13 20.60 -14.59
C GLY E 196 -12.25 20.37 -13.10
N ILE E 197 -11.11 20.37 -12.40
CA ILE E 197 -11.09 20.20 -10.95
C ILE E 197 -11.90 21.30 -10.26
N MET E 198 -11.71 22.56 -10.70
CA MET E 198 -12.46 23.69 -10.12
C MET E 198 -13.96 23.56 -10.36
N GLY E 199 -14.34 23.30 -11.61
CA GLY E 199 -15.76 23.26 -11.95
C GLY E 199 -16.49 22.10 -11.28
N ALA E 200 -15.95 20.88 -11.39
CA ALA E 200 -16.61 19.75 -10.75
C ALA E 200 -16.52 19.81 -9.23
N GLY E 201 -15.48 20.44 -8.70
CA GLY E 201 -15.42 20.66 -7.27
C GLY E 201 -16.59 21.51 -6.79
N LEU E 202 -16.96 22.54 -7.55
CA LEU E 202 -18.10 23.38 -7.17
C LEU E 202 -19.43 22.64 -7.35
N THR E 203 -19.60 21.89 -8.46
CA THR E 203 -20.88 21.21 -8.63
C THR E 203 -21.06 20.12 -7.59
N THR E 204 -19.98 19.43 -7.23
CA THR E 204 -20.03 18.44 -6.16
C THR E 204 -20.49 19.07 -4.87
N LEU E 205 -19.94 20.24 -4.55
CA LEU E 205 -20.27 20.89 -3.29
C LEU E 205 -21.70 21.40 -3.30
N ALA E 206 -22.14 22.00 -4.41
CA ALA E 206 -23.52 22.47 -4.51
C ALA E 206 -24.52 21.33 -4.35
N GLU E 207 -24.24 20.18 -4.97
CA GLU E 207 -25.13 19.02 -4.89
C GLU E 207 -25.15 18.42 -3.49
N SER E 208 -23.99 18.33 -2.85
CA SER E 208 -23.91 17.75 -1.52
C SER E 208 -24.64 18.62 -0.52
N VAL E 209 -24.44 19.94 -0.61
CA VAL E 209 -25.18 20.87 0.25
C VAL E 209 -26.67 20.73 0.00
N ALA E 210 -27.07 20.64 -1.26
CA ALA E 210 -28.49 20.52 -1.58
C ALA E 210 -29.11 19.27 -0.99
N TYR E 211 -28.42 18.12 -1.06
CA TYR E 211 -28.94 16.95 -0.36
C TYR E 211 -29.12 17.25 1.13
N GLY E 212 -28.09 17.83 1.75
CA GLY E 212 -28.15 18.06 3.20
C GLY E 212 -29.32 18.93 3.60
N LEU E 213 -29.60 19.96 2.80
CA LEU E 213 -30.73 20.84 3.09
C LEU E 213 -32.05 20.12 2.87
N SER E 214 -32.13 19.32 1.81
CA SER E 214 -33.35 18.57 1.52
C SER E 214 -33.66 17.58 2.63
N ALA E 215 -32.63 17.08 3.29
CA ALA E 215 -32.78 16.12 4.37
C ALA E 215 -33.01 16.79 5.71
N GLY E 216 -33.13 18.12 5.74
CA GLY E 216 -33.55 18.82 6.94
C GLY E 216 -32.44 19.43 7.77
N LEU E 217 -31.20 19.41 7.31
CA LEU E 217 -30.13 20.03 8.06
C LEU E 217 -30.28 21.55 8.03
N ASP E 218 -30.08 22.17 9.19
CA ASP E 218 -30.07 23.62 9.34
C ASP E 218 -29.03 24.24 8.40
N ARG E 219 -29.44 25.25 7.63
CA ARG E 219 -28.55 25.82 6.61
C ARG E 219 -27.31 26.44 7.22
N SER E 220 -27.47 27.21 8.30
CA SER E 220 -26.32 27.87 8.90
C SER E 220 -25.36 26.84 9.50
N MET E 221 -25.89 25.84 10.21
CA MET E 221 -25.09 24.73 10.71
C MET E 221 -24.24 24.13 9.58
N LEU E 222 -24.92 23.75 8.50
CA LEU E 222 -24.29 22.96 7.44
C LEU E 222 -23.15 23.72 6.76
N PHE E 223 -23.39 24.98 6.38
CA PHE E 223 -22.31 25.77 5.77
C PHE E 223 -21.13 25.89 6.72
N ASP E 224 -21.40 26.14 8.01
CA ASP E 224 -20.29 26.30 8.95
C ASP E 224 -19.56 24.98 9.20
N ALA E 225 -20.30 23.85 9.24
CA ALA E 225 -19.67 22.56 9.45
C ALA E 225 -18.73 22.22 8.30
N LEU E 226 -19.16 22.47 7.07
CA LEU E 226 -18.31 22.12 5.93
C LEU E 226 -17.04 22.96 5.88
N ASP E 227 -17.04 24.13 6.51
CA ASP E 227 -15.80 24.88 6.58
C ASP E 227 -14.74 24.19 7.43
N GLN E 228 -15.12 23.20 8.23
CA GLN E 228 -14.24 22.56 9.18
C GLN E 228 -13.68 21.23 8.69
N VAL E 229 -14.02 20.77 7.48
CA VAL E 229 -13.59 19.45 7.02
C VAL E 229 -12.44 19.60 6.03
N ALA E 230 -11.63 18.54 5.92
CA ALA E 230 -10.42 18.58 5.12
C ALA E 230 -10.62 18.17 3.67
N VAL E 231 -11.86 17.85 3.27
CA VAL E 231 -12.11 17.30 1.96
C VAL E 231 -12.60 18.37 0.97
N ILE E 232 -12.61 19.64 1.38
CA ILE E 232 -12.95 20.76 0.50
C ILE E 232 -11.71 21.63 0.32
N SER E 233 -11.49 22.09 -0.91
CA SER E 233 -10.31 22.90 -1.21
C SER E 233 -10.43 24.29 -0.58
N PRO E 234 -9.30 24.98 -0.39
CA PRO E 234 -9.38 26.39 0.07
C PRO E 234 -10.18 27.27 -0.86
N HIS E 235 -10.05 27.08 -2.17
CA HIS E 235 -10.83 27.86 -3.12
C HIS E 235 -12.32 27.64 -2.92
N HIS E 236 -12.72 26.38 -2.81
CA HIS E 236 -14.15 26.11 -2.69
C HIS E 236 -14.68 26.44 -1.31
N LYS E 237 -13.82 26.45 -0.28
CA LYS E 237 -14.26 26.95 1.02
C LYS E 237 -14.55 28.44 0.96
N ARG E 238 -13.74 29.19 0.21
CA ARG E 238 -14.02 30.62 0.05
C ARG E 238 -15.35 30.83 -0.67
N LYS E 239 -15.62 30.02 -1.71
CA LYS E 239 -16.91 30.10 -2.40
C LYS E 239 -18.07 29.70 -1.48
N LEU E 240 -17.88 28.68 -0.63
CA LEU E 240 -18.96 28.29 0.27
C LEU E 240 -19.31 29.42 1.24
N LYS E 241 -18.29 30.10 1.78
CA LYS E 241 -18.57 31.23 2.67
C LYS E 241 -19.27 32.36 1.93
N ALA E 242 -18.84 32.64 0.69
CA ALA E 242 -19.55 33.66 -0.09
C ALA E 242 -20.98 33.25 -0.34
N ALA E 243 -21.21 31.97 -0.66
CA ALA E 243 -22.56 31.49 -0.93
C ALA E 243 -23.44 31.51 0.31
N LYS E 244 -22.84 31.38 1.50
CA LYS E 244 -23.63 31.51 2.72
C LYS E 244 -24.23 32.91 2.79
N ASP E 245 -23.46 33.90 2.35
CA ASP E 245 -23.82 35.31 2.31
C ASP E 245 -24.59 35.68 1.05
N GLY E 246 -24.90 34.73 0.17
CA GLY E 246 -25.53 35.06 -1.09
C GLY E 246 -24.70 35.94 -2.01
N ASN E 247 -23.38 35.91 -1.88
CA ASN E 247 -22.50 36.84 -2.59
C ASN E 247 -21.98 36.11 -3.82
N PHE E 248 -22.55 36.45 -4.98
CA PHE E 248 -22.08 35.91 -6.25
C PHE E 248 -21.63 37.00 -7.20
N ALA E 249 -21.13 38.10 -6.63
CA ALA E 249 -20.43 39.09 -7.42
C ALA E 249 -19.40 38.38 -8.30
N PRO E 250 -19.34 38.67 -9.60
CA PRO E 250 -18.50 37.85 -10.49
C PRO E 250 -17.03 37.97 -10.17
N GLN E 251 -16.41 36.84 -9.89
CA GLN E 251 -14.96 36.70 -9.96
C GLN E 251 -14.57 35.88 -11.18
N PHE E 252 -15.18 34.71 -11.32
CA PHE E 252 -15.10 33.90 -12.52
C PHE E 252 -16.55 33.66 -12.93
N PRO E 253 -17.09 34.44 -13.86
CA PRO E 253 -18.50 34.33 -14.19
C PRO E 253 -18.85 32.99 -14.82
N ALA E 254 -20.11 32.59 -14.62
CA ALA E 254 -20.61 31.33 -15.17
C ALA E 254 -20.39 31.22 -16.67
N ARG E 255 -20.54 32.33 -17.41
CA ARG E 255 -20.36 32.27 -18.86
C ARG E 255 -18.95 31.79 -19.23
N LEU E 256 -17.93 32.18 -18.46
CA LEU E 256 -16.57 31.72 -18.77
C LEU E 256 -16.26 30.36 -18.18
N MET E 257 -16.69 30.08 -16.94
CA MET E 257 -16.45 28.75 -16.39
C MET E 257 -17.09 27.69 -17.26
N GLN E 258 -18.33 27.94 -17.73
CA GLN E 258 -19.00 26.93 -18.53
C GLN E 258 -18.35 26.76 -19.88
N LYS E 259 -17.85 27.87 -20.46
CA LYS E 259 -17.07 27.75 -21.69
C LYS E 259 -15.82 26.89 -21.47
N ASP E 260 -15.12 27.10 -20.36
CA ASP E 260 -13.95 26.29 -20.07
C ASP E 260 -14.31 24.81 -19.89
N MET E 261 -15.49 24.53 -19.32
CA MET E 261 -15.87 23.12 -19.19
C MET E 261 -16.19 22.55 -20.57
N ARG E 262 -16.83 23.36 -21.44
CA ARG E 262 -17.05 22.89 -22.81
C ARG E 262 -15.73 22.55 -23.50
N LEU E 263 -14.72 23.41 -23.37
CA LEU E 263 -13.43 23.14 -23.99
C LEU E 263 -12.83 21.85 -23.45
N LEU E 264 -12.88 21.67 -22.12
CA LEU E 264 -12.32 20.47 -21.53
C LEU E 264 -13.03 19.22 -22.04
N LEU E 265 -14.35 19.28 -22.13
CA LEU E 265 -15.04 18.06 -22.53
C LEU E 265 -14.83 17.78 -24.01
N ASP E 266 -14.67 18.82 -24.84
CA ASP E 266 -14.33 18.57 -26.24
C ASP E 266 -12.94 17.93 -26.35
N ALA E 267 -11.98 18.39 -25.54
CA ALA E 267 -10.64 17.84 -25.60
C ALA E 267 -10.60 16.41 -25.10
N ALA E 268 -11.34 16.13 -24.02
CA ALA E 268 -11.39 14.77 -23.49
C ALA E 268 -12.03 13.83 -24.50
N ALA E 269 -13.02 14.32 -25.25
CA ALA E 269 -13.63 13.48 -26.29
C ALA E 269 -12.67 13.25 -27.45
N ARG E 270 -11.91 14.28 -27.85
CA ARG E 270 -10.92 14.06 -28.91
C ARG E 270 -9.88 13.06 -28.50
N GLU E 271 -9.52 13.03 -27.21
CA GLU E 271 -8.55 12.07 -26.71
C GLU E 271 -9.19 10.73 -26.33
N ALA E 272 -10.49 10.57 -26.49
CA ALA E 272 -11.24 9.37 -26.13
C ALA E 272 -10.97 8.94 -24.67
N VAL E 273 -11.06 9.89 -23.74
CA VAL E 273 -10.92 9.60 -22.32
C VAL E 273 -12.30 9.74 -21.67
N PRO E 274 -12.85 8.68 -21.07
CA PRO E 274 -14.18 8.81 -20.44
C PRO E 274 -14.08 9.55 -19.12
N VAL E 275 -14.84 10.64 -19.00
CA VAL E 275 -14.78 11.49 -17.81
C VAL E 275 -16.22 11.78 -17.34
N PRO E 276 -16.94 10.78 -16.82
CA PRO E 276 -18.36 11.00 -16.44
C PRO E 276 -18.57 12.05 -15.37
N THR E 277 -17.67 12.15 -14.39
CA THR E 277 -17.90 13.19 -13.37
C THR E 277 -17.79 14.58 -13.98
N LEU E 278 -16.76 14.80 -14.80
CA LEU E 278 -16.54 16.09 -15.45
C LEU E 278 -17.67 16.40 -16.41
N ALA E 279 -18.21 15.37 -17.08
CA ALA E 279 -19.32 15.59 -18.00
C ALA E 279 -20.57 16.01 -17.26
N ALA E 280 -20.88 15.33 -16.14
CA ALA E 280 -22.03 15.74 -15.33
C ALA E 280 -21.86 17.18 -14.85
N ALA E 281 -20.67 17.51 -14.35
CA ALA E 281 -20.44 18.86 -13.84
C ALA E 281 -20.67 19.90 -14.92
N THR E 282 -20.24 19.60 -16.15
CA THR E 282 -20.43 20.54 -17.25
C THR E 282 -21.91 20.85 -17.44
N GLN E 283 -22.76 19.83 -17.35
CA GLN E 283 -24.18 20.06 -17.59
C GLN E 283 -24.79 20.92 -16.49
N GLN E 284 -24.37 20.70 -15.24
CA GLN E 284 -24.82 21.56 -14.15
C GLN E 284 -24.36 23.01 -14.37
N LEU E 285 -23.18 23.18 -14.92
CA LEU E 285 -22.69 24.54 -15.20
C LEU E 285 -23.32 25.15 -16.44
N SER E 286 -23.84 24.33 -17.36
CA SER E 286 -24.70 24.87 -18.42
C SER E 286 -25.98 25.45 -17.83
N LEU E 287 -26.61 24.73 -16.91
CA LEU E 287 -27.78 25.28 -16.24
C LEU E 287 -27.43 26.57 -15.51
N THR E 288 -26.29 26.58 -14.82
CA THR E 288 -25.87 27.76 -14.07
C THR E 288 -25.71 28.97 -15.00
N ARG E 289 -25.05 28.77 -16.15
CA ARG E 289 -24.89 29.85 -17.13
C ARG E 289 -26.23 30.29 -17.69
N ARG E 290 -27.11 29.34 -18.02
CA ARG E 290 -28.41 29.72 -18.56
C ARG E 290 -29.17 30.62 -17.60
N LEU E 291 -29.15 30.27 -16.32
CA LEU E 291 -29.92 31.02 -15.32
C LEU E 291 -29.26 32.35 -14.96
N SER E 292 -27.94 32.43 -14.99
CA SER E 292 -27.26 33.71 -14.73
C SER E 292 -25.85 33.69 -15.33
N PRO E 293 -25.69 34.18 -16.55
CA PRO E 293 -24.37 34.08 -17.21
C PRO E 293 -23.30 34.94 -16.57
N ASN E 294 -23.67 36.05 -15.92
CA ASN E 294 -22.72 37.06 -15.50
C ASN E 294 -22.39 37.04 -14.03
N GLU E 295 -23.14 36.31 -13.21
CA GLU E 295 -22.74 36.16 -11.82
C GLU E 295 -21.65 35.10 -11.70
N ASP E 296 -21.01 35.05 -10.52
CA ASP E 296 -19.95 34.08 -10.30
C ASP E 296 -20.44 32.66 -10.55
N TYR E 297 -19.54 31.80 -11.04
CA TYR E 297 -19.96 30.43 -11.37
C TYR E 297 -20.45 29.66 -10.14
N SER E 298 -20.04 30.07 -8.95
CA SER E 298 -20.48 29.44 -7.71
C SER E 298 -21.97 29.64 -7.44
N SER E 299 -22.67 30.46 -8.23
CA SER E 299 -24.11 30.65 -8.05
C SER E 299 -24.90 29.35 -8.20
N LEU E 300 -24.31 28.30 -8.77
CA LEU E 300 -25.01 27.01 -8.74
C LEU E 300 -25.40 26.62 -7.32
N ILE E 301 -24.65 27.06 -6.31
CA ILE E 301 -25.07 26.72 -4.95
C ILE E 301 -26.45 27.30 -4.69
N ARG E 302 -26.65 28.55 -5.08
CA ARG E 302 -27.95 29.19 -4.92
C ARG E 302 -29.01 28.49 -5.77
N VAL E 303 -28.66 28.13 -7.01
CA VAL E 303 -29.59 27.40 -7.89
C VAL E 303 -30.08 26.13 -7.20
N MET E 304 -29.16 25.36 -6.60
CA MET E 304 -29.57 24.09 -6.00
C MET E 304 -30.38 24.32 -4.74
N GLU E 305 -30.09 25.37 -3.97
CA GLU E 305 -30.93 25.70 -2.82
C GLU E 305 -32.34 26.01 -3.26
N LYS E 306 -32.51 26.73 -4.37
CA LYS E 306 -33.86 27.05 -4.80
C LYS E 306 -34.59 25.82 -5.33
N ILE E 307 -33.88 24.88 -5.95
CA ILE E 307 -34.53 23.63 -6.34
C ILE E 307 -35.09 22.93 -5.12
N VAL E 308 -34.30 22.83 -4.06
CA VAL E 308 -34.74 22.05 -2.91
C VAL E 308 -35.79 22.80 -2.10
N ALA E 309 -35.81 24.13 -2.19
CA ALA E 309 -36.87 24.89 -1.57
C ALA E 309 -38.11 24.77 -2.43
N VAL F 81 -21.85 19.52 -56.71
CA VAL F 81 -20.91 18.97 -55.75
C VAL F 81 -21.62 18.43 -54.52
N VAL F 82 -21.32 17.18 -54.16
CA VAL F 82 -21.81 16.55 -52.95
C VAL F 82 -20.62 16.28 -52.04
N VAL F 83 -20.77 16.61 -50.76
CA VAL F 83 -19.71 16.44 -49.78
C VAL F 83 -20.17 15.42 -48.73
N CYS F 84 -19.29 14.48 -48.39
CA CYS F 84 -19.57 13.44 -47.41
C CYS F 84 -18.25 13.05 -46.73
N VAL F 85 -17.76 13.94 -45.86
CA VAL F 85 -16.45 13.78 -45.22
C VAL F 85 -16.62 13.59 -43.71
N PRO F 86 -15.57 13.22 -42.97
CA PRO F 86 -15.78 12.81 -41.56
C PRO F 86 -16.12 13.95 -40.61
N ASP F 87 -15.47 15.11 -40.69
CA ASP F 87 -15.59 16.11 -39.63
C ASP F 87 -15.34 17.52 -40.17
N ASP F 88 -15.43 18.50 -39.25
CA ASP F 88 -15.20 19.91 -39.58
C ASP F 88 -13.86 20.13 -40.27
N GLU F 89 -12.82 19.45 -39.78
CA GLU F 89 -11.47 19.72 -40.24
C GLU F 89 -11.27 19.22 -41.68
N ALA F 90 -11.78 18.03 -41.99
CA ALA F 90 -11.75 17.56 -43.37
C ALA F 90 -12.59 18.43 -44.29
N LEU F 91 -13.69 18.99 -43.76
CA LEU F 91 -14.55 19.84 -44.57
C LEU F 91 -13.84 21.13 -44.95
N ALA F 92 -13.20 21.79 -43.98
CA ALA F 92 -12.51 23.04 -44.27
C ALA F 92 -11.30 22.82 -45.17
N ALA F 93 -10.63 21.67 -45.03
CA ALA F 93 -9.48 21.37 -45.86
C ALA F 93 -9.87 21.31 -47.34
N SER F 94 -10.99 20.64 -47.64
CA SER F 94 -11.40 20.46 -49.03
C SER F 94 -12.23 21.60 -49.59
N MET F 95 -12.84 22.43 -48.74
CA MET F 95 -13.75 23.46 -49.23
C MET F 95 -13.03 24.78 -49.54
N TYR F 96 -12.06 25.15 -48.71
CA TYR F 96 -11.53 26.51 -48.75
C TYR F 96 -10.14 26.60 -49.40
N GLY F 100 -9.32 23.74 -53.42
CA GLY F 100 -10.58 23.91 -52.71
C GLY F 100 -11.77 23.89 -53.64
N ALA F 101 -12.85 23.24 -53.22
CA ALA F 101 -13.98 23.03 -54.13
C ALA F 101 -14.73 24.33 -54.42
N LEU F 102 -14.70 25.29 -53.50
CA LEU F 102 -15.38 26.56 -53.73
C LEU F 102 -14.68 27.34 -54.84
N GLY F 108 -24.00 30.20 -59.75
CA GLY F 108 -25.36 29.78 -59.45
C GLY F 108 -25.51 28.28 -59.30
N SER F 109 -24.42 27.61 -58.94
CA SER F 109 -24.46 26.17 -58.74
C SER F 109 -24.95 25.85 -57.33
N LEU F 110 -24.98 24.56 -57.01
CA LEU F 110 -25.44 24.09 -55.70
C LEU F 110 -24.41 23.15 -55.13
N LEU F 111 -24.15 23.29 -53.83
CA LEU F 111 -23.28 22.39 -53.11
C LEU F 111 -24.11 21.72 -52.02
N ILE F 112 -24.05 20.40 -51.95
CA ILE F 112 -24.81 19.62 -50.98
C ILE F 112 -23.83 18.97 -50.02
N ASN F 113 -23.98 19.29 -48.73
CA ASN F 113 -23.14 18.75 -47.67
C ASN F 113 -23.96 17.72 -46.89
N THR F 114 -23.63 16.44 -47.05
CA THR F 114 -24.31 15.39 -46.31
C THR F 114 -23.49 14.93 -45.09
N SER F 115 -22.34 15.53 -44.86
CA SER F 115 -21.51 15.21 -43.71
C SER F 115 -22.23 15.59 -42.41
N SER F 116 -21.80 14.96 -41.32
CA SER F 116 -22.21 15.38 -39.98
C SER F 116 -21.10 16.27 -39.44
N VAL F 117 -21.31 17.59 -39.48
CA VAL F 117 -20.35 18.59 -39.02
C VAL F 117 -21.07 19.53 -38.06
N SER F 118 -20.30 20.42 -37.44
CA SER F 118 -20.85 21.28 -36.41
C SER F 118 -21.73 22.37 -37.00
N PRO F 119 -22.67 22.91 -36.23
CA PRO F 119 -23.39 24.12 -36.67
C PRO F 119 -22.46 25.26 -37.07
N GLU F 120 -21.34 25.44 -36.37
CA GLU F 120 -20.42 26.52 -36.70
C GLU F 120 -19.81 26.30 -38.07
N ALA F 121 -19.36 25.07 -38.35
CA ALA F 121 -18.80 24.76 -39.66
C ALA F 121 -19.85 24.91 -40.75
N THR F 122 -21.09 24.52 -40.45
CA THR F 122 -22.19 24.69 -41.40
C THR F 122 -22.41 26.16 -41.74
N ALA F 123 -22.43 27.01 -40.71
CA ALA F 123 -22.68 28.43 -40.95
C ALA F 123 -21.56 29.05 -41.78
N THR F 124 -20.31 28.63 -41.51
CA THR F 124 -19.16 29.16 -42.23
C THR F 124 -19.20 28.76 -43.70
N LEU F 125 -19.55 27.50 -43.98
CA LEU F 125 -19.62 27.06 -45.37
C LEU F 125 -20.76 27.77 -46.11
N TYR F 126 -21.92 27.91 -45.45
CA TYR F 126 -23.03 28.61 -46.09
C TYR F 126 -22.62 30.01 -46.51
N GLU F 127 -21.95 30.76 -45.61
CA GLU F 127 -21.58 32.14 -45.89
C GLU F 127 -20.51 32.21 -46.97
N ALA F 128 -19.55 31.29 -46.93
CA ALA F 128 -18.54 31.26 -48.00
C ALA F 128 -19.18 30.90 -49.33
N GLY F 129 -20.17 30.01 -49.32
CA GLY F 129 -20.87 29.70 -50.56
C GLY F 129 -21.60 30.89 -51.12
N GLN F 130 -22.17 31.73 -50.25
CA GLN F 130 -22.87 32.92 -50.70
C GLN F 130 -21.93 33.86 -51.46
N LYS F 131 -20.71 34.05 -50.95
CA LYS F 131 -19.76 34.94 -51.61
C LYS F 131 -19.26 34.38 -52.94
N HIS F 132 -19.52 33.11 -53.24
CA HIS F 132 -19.26 32.54 -54.54
C HIS F 132 -20.52 32.44 -55.37
N GLY F 133 -21.66 32.92 -54.86
CA GLY F 133 -22.92 32.74 -55.54
C GLY F 133 -23.45 31.32 -55.52
N VAL F 134 -22.94 30.48 -54.64
CA VAL F 134 -23.32 29.08 -54.57
C VAL F 134 -24.23 28.90 -53.35
N VAL F 135 -25.39 28.29 -53.56
CA VAL F 135 -26.24 27.90 -52.45
C VAL F 135 -25.66 26.61 -51.87
N VAL F 136 -25.50 26.58 -50.54
CA VAL F 136 -25.05 25.38 -49.84
C VAL F 136 -26.21 24.86 -49.01
N LEU F 137 -26.60 23.62 -49.25
CA LEU F 137 -27.59 22.97 -48.41
C LEU F 137 -26.87 22.03 -47.45
N ASP F 138 -27.17 22.17 -46.16
CA ASP F 138 -26.73 21.21 -45.15
C ASP F 138 -27.78 20.11 -45.12
N ALA F 139 -27.44 18.96 -45.70
CA ALA F 139 -28.38 17.85 -45.85
C ALA F 139 -27.78 16.54 -45.35
N PRO F 140 -27.48 16.44 -44.06
CA PRO F 140 -27.13 15.13 -43.49
C PRO F 140 -28.33 14.19 -43.53
N VAL F 141 -28.06 12.90 -43.31
CA VAL F 141 -29.06 11.86 -43.51
C VAL F 141 -29.22 11.02 -42.24
N SER F 142 -30.44 10.54 -42.03
CA SER F 142 -30.74 9.61 -40.94
C SER F 142 -30.85 8.20 -41.49
N GLY F 143 -30.15 7.25 -40.86
CA GLY F 143 -30.09 5.89 -41.33
C GLY F 143 -28.67 5.48 -41.66
N ILE F 155 -33.68 12.20 -45.38
CA ILE F 155 -32.80 13.34 -45.63
C ILE F 155 -33.22 14.48 -44.72
N LEU F 156 -32.24 15.08 -44.04
CA LEU F 156 -32.47 16.16 -43.06
C LEU F 156 -31.80 17.42 -43.63
N VAL F 157 -32.57 18.31 -44.24
CA VAL F 157 -32.00 19.36 -45.08
C VAL F 157 -32.42 20.74 -44.57
N GLY F 158 -31.46 21.65 -44.50
CA GLY F 158 -31.71 23.04 -44.16
C GLY F 158 -31.43 23.90 -45.39
N GLY F 159 -32.31 24.86 -45.60
CA GLY F 159 -32.13 25.81 -46.69
C GLY F 159 -33.47 26.31 -47.18
N ASP F 160 -33.40 27.18 -48.18
CA ASP F 160 -34.59 27.74 -48.79
C ASP F 160 -35.37 26.65 -49.51
N LYS F 161 -36.70 26.71 -49.43
CA LYS F 161 -37.54 25.62 -49.93
C LYS F 161 -37.39 25.43 -51.43
N ASP F 162 -37.02 26.49 -52.17
CA ASP F 162 -36.81 26.36 -53.61
C ASP F 162 -35.50 25.66 -53.92
N ASP F 163 -34.46 25.93 -53.12
CA ASP F 163 -33.18 25.25 -53.30
C ASP F 163 -33.29 23.76 -52.96
N VAL F 164 -34.18 23.41 -52.03
CA VAL F 164 -34.43 22.01 -51.73
C VAL F 164 -35.10 21.34 -52.91
N ALA F 165 -36.07 22.03 -53.52
CA ALA F 165 -36.74 21.49 -54.71
C ALA F 165 -35.75 21.30 -55.86
N ARG F 166 -34.77 22.22 -55.98
CA ARG F 166 -33.72 22.07 -56.98
C ARG F 166 -32.97 20.75 -56.85
N ALA F 167 -32.98 20.14 -55.67
CA ALA F 167 -32.35 18.84 -55.48
C ALA F 167 -33.38 17.85 -54.93
N THR F 178 -37.23 13.02 -47.38
CA THR F 178 -36.69 14.37 -47.24
C THR F 178 -37.50 15.22 -46.28
N ILE F 179 -36.95 15.45 -45.09
CA ILE F 179 -37.53 16.37 -44.13
C ILE F 179 -36.87 17.72 -44.32
N HIS F 180 -37.67 18.71 -44.70
CA HIS F 180 -37.17 20.09 -44.76
C HIS F 180 -37.21 20.62 -43.34
N ALA F 181 -36.05 20.65 -42.69
CA ALA F 181 -35.98 20.98 -41.27
C ALA F 181 -36.05 22.46 -40.99
N GLY F 182 -35.93 23.31 -42.01
CA GLY F 182 -35.91 24.74 -41.84
C GLY F 182 -34.86 25.38 -42.72
N PRO F 183 -34.47 26.62 -42.39
CA PRO F 183 -33.43 27.31 -43.18
C PRO F 183 -32.05 26.72 -42.94
N THR F 184 -31.03 27.34 -43.54
CA THR F 184 -29.66 26.85 -43.44
C THR F 184 -29.27 26.60 -41.99
N GLY F 185 -28.65 25.44 -41.75
CA GLY F 185 -28.25 25.00 -40.43
C GLY F 185 -29.23 24.06 -39.75
N SER F 186 -30.49 24.03 -40.20
CA SER F 186 -31.49 23.21 -39.52
C SER F 186 -31.21 21.72 -39.71
N GLY F 187 -30.65 21.34 -40.86
CA GLY F 187 -30.35 19.94 -41.08
C GLY F 187 -29.24 19.44 -40.19
N ALA F 188 -28.15 20.21 -40.07
CA ALA F 188 -27.09 19.85 -39.17
C ALA F 188 -27.60 19.71 -37.74
N ARG F 189 -28.52 20.60 -37.33
CA ARG F 189 -29.04 20.55 -35.98
C ARG F 189 -29.94 19.35 -35.76
N LEU F 190 -30.80 19.03 -36.73
CA LEU F 190 -31.67 17.86 -36.56
C LEU F 190 -30.86 16.58 -36.54
N LYS F 191 -29.79 16.52 -37.34
CA LYS F 191 -28.91 15.35 -37.33
C LYS F 191 -28.27 15.14 -35.97
N LEU F 192 -27.81 16.23 -35.33
CA LEU F 192 -27.26 16.09 -33.98
C LEU F 192 -28.31 15.57 -33.00
N VAL F 193 -29.56 16.05 -33.11
CA VAL F 193 -30.63 15.54 -32.25
C VAL F 193 -30.78 14.03 -32.40
N ILE F 194 -30.92 13.56 -33.63
CA ILE F 194 -31.15 12.14 -33.87
C ILE F 194 -29.94 11.31 -33.43
N ASN F 195 -28.72 11.82 -33.66
CA ASN F 195 -27.52 11.09 -33.27
C ASN F 195 -27.48 10.88 -31.76
N GLY F 196 -27.83 11.90 -30.99
CA GLY F 196 -27.85 11.77 -29.54
C GLY F 196 -28.83 10.71 -29.07
N ILE F 197 -30.01 10.66 -29.68
CA ILE F 197 -30.98 9.61 -29.35
C ILE F 197 -30.40 8.23 -29.65
N MET F 198 -29.75 8.09 -30.80
CA MET F 198 -29.16 6.80 -31.17
C MET F 198 -28.07 6.40 -30.21
N GLY F 199 -27.15 7.32 -29.90
CA GLY F 199 -26.01 6.97 -29.07
C GLY F 199 -26.42 6.65 -27.63
N ALA F 200 -27.24 7.52 -27.04
CA ALA F 200 -27.67 7.27 -25.67
C ALA F 200 -28.61 6.08 -25.58
N GLY F 201 -29.39 5.80 -26.63
CA GLY F 201 -30.20 4.58 -26.61
C GLY F 201 -29.33 3.34 -26.49
N LEU F 202 -28.18 3.35 -27.17
CA LEU F 202 -27.28 2.21 -27.09
C LEU F 202 -26.63 2.13 -25.72
N THR F 203 -26.12 3.25 -25.19
CA THR F 203 -25.45 3.12 -23.89
C THR F 203 -26.42 2.73 -22.79
N THR F 204 -27.65 3.23 -22.84
CA THR F 204 -28.70 2.80 -21.93
C THR F 204 -28.89 1.28 -21.98
N LEU F 205 -29.03 0.76 -23.18
CA LEU F 205 -29.25 -0.68 -23.36
C LEU F 205 -28.06 -1.48 -22.86
N ALA F 206 -26.85 -1.04 -23.19
CA ALA F 206 -25.66 -1.76 -22.74
C ALA F 206 -25.57 -1.79 -21.22
N GLU F 207 -25.86 -0.66 -20.55
CA GLU F 207 -25.81 -0.69 -19.09
C GLU F 207 -26.91 -1.51 -18.47
N SER F 208 -28.11 -1.49 -19.06
CA SER F 208 -29.22 -2.24 -18.49
C SER F 208 -28.98 -3.73 -18.64
N VAL F 209 -28.50 -4.15 -19.82
CA VAL F 209 -28.14 -5.57 -19.99
C VAL F 209 -27.04 -5.97 -19.01
N ALA F 210 -26.04 -5.11 -18.82
CA ALA F 210 -24.96 -5.40 -17.88
C ALA F 210 -25.49 -5.60 -16.47
N TYR F 211 -26.40 -4.74 -16.00
CA TYR F 211 -26.96 -4.98 -14.68
C TYR F 211 -27.63 -6.36 -14.64
N GLY F 212 -28.44 -6.67 -15.64
CA GLY F 212 -29.17 -7.94 -15.64
C GLY F 212 -28.25 -9.14 -15.55
N LEU F 213 -27.15 -9.12 -16.30
CA LEU F 213 -26.21 -10.24 -16.25
C LEU F 213 -25.51 -10.29 -14.91
N SER F 214 -25.19 -9.12 -14.35
CA SER F 214 -24.57 -9.06 -13.03
C SER F 214 -25.48 -9.60 -11.94
N ALA F 215 -26.78 -9.50 -12.13
CA ALA F 215 -27.77 -9.94 -11.16
C ALA F 215 -28.13 -11.41 -11.34
N GLY F 216 -27.44 -12.10 -12.24
CA GLY F 216 -27.60 -13.53 -12.38
C GLY F 216 -28.58 -14.00 -13.42
N LEU F 217 -29.15 -13.09 -14.21
CA LEU F 217 -30.08 -13.49 -15.26
C LEU F 217 -29.38 -14.27 -16.37
N ASP F 218 -30.05 -15.31 -16.87
CA ASP F 218 -29.55 -16.09 -17.99
C ASP F 218 -29.39 -15.21 -19.23
N ARG F 219 -28.22 -15.29 -19.88
CA ARG F 219 -27.94 -14.39 -20.99
C ARG F 219 -28.93 -14.56 -22.15
N SER F 220 -29.15 -15.80 -22.59
CA SER F 220 -30.03 -15.98 -23.74
C SER F 220 -31.44 -15.57 -23.40
N MET F 221 -31.89 -15.87 -22.19
CA MET F 221 -33.24 -15.48 -21.81
C MET F 221 -33.36 -13.96 -21.84
N LEU F 222 -32.34 -13.27 -21.31
CA LEU F 222 -32.38 -11.81 -21.20
C LEU F 222 -32.39 -11.15 -22.58
N PHE F 223 -31.48 -11.57 -23.46
CA PHE F 223 -31.48 -11.00 -24.80
C PHE F 223 -32.81 -11.27 -25.51
N ASP F 224 -33.36 -12.49 -25.34
CA ASP F 224 -34.59 -12.82 -26.05
C ASP F 224 -35.78 -12.07 -25.46
N ALA F 225 -35.79 -11.89 -24.13
CA ALA F 225 -36.87 -11.17 -23.49
C ALA F 225 -36.91 -9.71 -23.93
N LEU F 226 -35.74 -9.09 -24.04
CA LEU F 226 -35.71 -7.68 -24.42
C LEU F 226 -36.16 -7.47 -25.85
N ASP F 227 -36.03 -8.50 -26.70
CA ASP F 227 -36.56 -8.38 -28.05
C ASP F 227 -38.07 -8.27 -28.09
N GLN F 228 -38.75 -8.58 -26.97
CA GLN F 228 -40.20 -8.65 -26.92
C GLN F 228 -40.85 -7.45 -26.23
N VAL F 229 -40.09 -6.45 -25.80
CA VAL F 229 -40.68 -5.33 -25.06
C VAL F 229 -40.76 -4.11 -25.97
N ALA F 230 -41.66 -3.19 -25.63
CA ALA F 230 -41.95 -2.08 -26.51
C ALA F 230 -41.10 -0.84 -26.23
N VAL F 231 -40.17 -0.90 -25.27
CA VAL F 231 -39.42 0.28 -24.85
C VAL F 231 -38.03 0.35 -25.49
N ILE F 232 -37.70 -0.58 -26.40
CA ILE F 232 -36.45 -0.54 -27.19
C ILE F 232 -36.81 -0.26 -28.64
N SER F 233 -36.00 0.56 -29.30
CA SER F 233 -36.27 0.93 -30.69
C SER F 233 -35.97 -0.23 -31.65
N PRO F 234 -36.59 -0.23 -32.83
CA PRO F 234 -36.25 -1.29 -33.81
C PRO F 234 -34.77 -1.31 -34.15
N HIS F 235 -34.17 -0.13 -34.28
CA HIS F 235 -32.74 -0.03 -34.53
C HIS F 235 -31.95 -0.72 -33.43
N HIS F 236 -32.28 -0.40 -32.17
CA HIS F 236 -31.48 -0.98 -31.09
C HIS F 236 -31.81 -2.45 -30.87
N LYS F 237 -33.01 -2.91 -31.24
CA LYS F 237 -33.29 -4.34 -31.19
C LYS F 237 -32.42 -5.10 -32.20
N ARG F 238 -32.17 -4.50 -33.37
CA ARG F 238 -31.26 -5.13 -34.31
C ARG F 238 -29.85 -5.20 -33.76
N LYS F 239 -29.40 -4.13 -33.08
CA LYS F 239 -28.07 -4.16 -32.46
C LYS F 239 -28.00 -5.22 -31.37
N LEU F 240 -29.06 -5.36 -30.57
CA LEU F 240 -29.05 -6.36 -29.51
C LEU F 240 -28.98 -7.76 -30.08
N LYS F 241 -29.68 -8.02 -31.18
CA LYS F 241 -29.60 -9.35 -31.80
C LYS F 241 -28.20 -9.63 -32.32
N ALA F 242 -27.56 -8.65 -32.94
CA ALA F 242 -26.18 -8.81 -33.40
C ALA F 242 -25.24 -9.02 -32.21
N ALA F 243 -25.43 -8.25 -31.13
CA ALA F 243 -24.61 -8.42 -29.93
C ALA F 243 -24.79 -9.80 -29.28
N LYS F 244 -25.97 -10.41 -29.41
CA LYS F 244 -26.14 -11.74 -28.85
C LYS F 244 -25.13 -12.71 -29.45
N ASP F 245 -24.78 -12.49 -30.71
CA ASP F 245 -23.82 -13.30 -31.46
C ASP F 245 -22.40 -12.74 -31.40
N GLY F 246 -22.16 -11.67 -30.64
CA GLY F 246 -20.86 -11.04 -30.64
C GLY F 246 -20.48 -10.36 -31.94
N ASN F 247 -21.46 -9.98 -32.75
CA ASN F 247 -21.23 -9.44 -34.08
C ASN F 247 -21.23 -7.91 -34.05
N PHE F 248 -20.06 -7.31 -34.13
CA PHE F 248 -19.95 -5.86 -34.18
C PHE F 248 -19.23 -5.41 -35.43
N ALA F 249 -19.42 -6.17 -36.52
CA ALA F 249 -19.04 -5.65 -37.83
C ALA F 249 -19.69 -4.28 -38.02
N PRO F 250 -18.95 -3.29 -38.51
CA PRO F 250 -19.43 -1.90 -38.43
C PRO F 250 -20.54 -1.58 -39.43
N GLN F 251 -21.60 -0.96 -38.93
CA GLN F 251 -22.49 -0.17 -39.76
C GLN F 251 -22.28 1.31 -39.50
N PHE F 252 -22.18 1.70 -38.23
CA PHE F 252 -21.79 3.03 -37.81
C PHE F 252 -20.63 2.85 -36.84
N PRO F 253 -19.39 3.08 -37.25
CA PRO F 253 -18.25 2.76 -36.38
C PRO F 253 -18.19 3.66 -35.15
N ALA F 254 -17.63 3.10 -34.07
CA ALA F 254 -17.56 3.84 -32.81
C ALA F 254 -16.87 5.19 -32.98
N ARG F 255 -15.80 5.24 -33.80
CA ARG F 255 -15.08 6.49 -33.98
C ARG F 255 -15.96 7.60 -34.56
N LEU F 256 -16.93 7.26 -35.40
CA LEU F 256 -17.79 8.29 -35.97
C LEU F 256 -18.99 8.58 -35.07
N MET F 257 -19.57 7.56 -34.43
CA MET F 257 -20.63 7.83 -33.47
C MET F 257 -20.11 8.72 -32.35
N GLN F 258 -18.90 8.44 -31.85
CA GLN F 258 -18.37 9.20 -30.74
C GLN F 258 -18.05 10.63 -31.16
N LYS F 259 -17.55 10.80 -32.40
CA LYS F 259 -17.37 12.15 -32.94
C LYS F 259 -18.68 12.91 -32.98
N ASP F 260 -19.74 12.25 -33.44
CA ASP F 260 -21.04 12.94 -33.49
C ASP F 260 -21.54 13.30 -32.11
N MET F 261 -21.29 12.47 -31.10
CA MET F 261 -21.67 12.84 -29.74
C MET F 261 -20.87 14.04 -29.27
N ARG F 262 -19.57 14.06 -29.59
CA ARG F 262 -18.75 15.23 -29.24
C ARG F 262 -19.35 16.50 -29.83
N LEU F 263 -19.75 16.45 -31.11
CA LEU F 263 -20.34 17.62 -31.74
C LEU F 263 -21.63 18.04 -31.06
N LEU F 264 -22.48 17.06 -30.71
CA LEU F 264 -23.73 17.38 -30.03
C LEU F 264 -23.47 18.00 -28.66
N LEU F 265 -22.53 17.43 -27.90
CA LEU F 265 -22.25 17.99 -26.57
C LEU F 265 -21.68 19.39 -26.67
N ASP F 266 -20.84 19.65 -27.67
CA ASP F 266 -20.36 21.01 -27.87
C ASP F 266 -21.50 21.97 -28.18
N ALA F 267 -22.39 21.59 -29.11
CA ALA F 267 -23.49 22.46 -29.47
C ALA F 267 -24.44 22.68 -28.30
N ALA F 268 -24.70 21.64 -27.51
CA ALA F 268 -25.58 21.79 -26.35
C ALA F 268 -24.96 22.73 -25.34
N ALA F 269 -23.63 22.70 -25.22
CA ALA F 269 -22.97 23.61 -24.28
C ALA F 269 -23.02 25.04 -24.81
N ARG F 270 -22.85 25.22 -26.12
CA ARG F 270 -22.94 26.57 -26.66
C ARG F 270 -24.32 27.16 -26.47
N GLU F 271 -25.37 26.32 -26.49
CA GLU F 271 -26.74 26.76 -26.26
C GLU F 271 -27.11 26.77 -24.78
N ALA F 272 -26.20 26.35 -23.90
CA ALA F 272 -26.43 26.30 -22.45
C ALA F 272 -27.66 25.48 -22.11
N VAL F 273 -27.74 24.27 -22.67
CA VAL F 273 -28.81 23.34 -22.40
C VAL F 273 -28.23 22.17 -21.61
N PRO F 274 -28.68 21.93 -20.38
CA PRO F 274 -28.13 20.81 -19.60
C PRO F 274 -28.65 19.48 -20.14
N VAL F 275 -27.72 18.61 -20.57
CA VAL F 275 -28.10 17.31 -21.14
C VAL F 275 -27.33 16.18 -20.45
N PRO F 276 -27.60 15.92 -19.17
CA PRO F 276 -26.81 14.91 -18.42
C PRO F 276 -26.84 13.51 -19.01
N THR F 277 -27.98 13.06 -19.54
CA THR F 277 -28.02 11.69 -20.06
C THR F 277 -27.17 11.57 -21.31
N LEU F 278 -27.26 12.58 -22.20
CA LEU F 278 -26.42 12.60 -23.40
C LEU F 278 -24.95 12.74 -23.04
N ALA F 279 -24.64 13.52 -22.00
CA ALA F 279 -23.25 13.71 -21.61
C ALA F 279 -22.64 12.42 -21.06
N ALA F 280 -23.41 11.68 -20.26
CA ALA F 280 -22.94 10.38 -19.76
C ALA F 280 -22.74 9.39 -20.91
N ALA F 281 -23.72 9.32 -21.82
CA ALA F 281 -23.57 8.43 -22.97
C ALA F 281 -22.32 8.73 -23.78
N THR F 282 -22.01 10.02 -23.96
CA THR F 282 -20.80 10.39 -24.69
C THR F 282 -19.56 9.78 -24.04
N GLN F 283 -19.50 9.79 -22.70
CA GLN F 283 -18.32 9.26 -22.03
C GLN F 283 -18.22 7.76 -22.21
N GLN F 284 -19.35 7.06 -22.17
CA GLN F 284 -19.34 5.63 -22.45
C GLN F 284 -18.88 5.36 -23.89
N LEU F 285 -19.27 6.22 -24.81
CA LEU F 285 -18.84 6.04 -26.20
C LEU F 285 -17.39 6.47 -26.44
N SER F 286 -16.83 7.34 -25.61
CA SER F 286 -15.38 7.56 -25.62
C SER F 286 -14.63 6.29 -25.25
N LEU F 287 -15.09 5.60 -24.19
CA LEU F 287 -14.49 4.31 -23.85
C LEU F 287 -14.62 3.34 -25.02
N THR F 288 -15.81 3.29 -25.64
CA THR F 288 -16.05 2.36 -26.74
C THR F 288 -15.08 2.61 -27.89
N ARG F 289 -14.92 3.89 -28.26
CA ARG F 289 -13.97 4.26 -29.32
C ARG F 289 -12.54 3.89 -28.96
N ARG F 290 -12.14 4.16 -27.71
CA ARG F 290 -10.77 3.85 -27.32
C ARG F 290 -10.48 2.36 -27.42
N LEU F 291 -11.43 1.53 -27.02
CA LEU F 291 -11.20 0.09 -27.04
C LEU F 291 -11.30 -0.50 -28.44
N SER F 292 -12.15 0.04 -29.29
CA SER F 292 -12.29 -0.45 -30.66
C SER F 292 -12.87 0.63 -31.57
N PRO F 293 -12.02 1.43 -32.21
CA PRO F 293 -12.55 2.58 -32.95
C PRO F 293 -13.35 2.20 -34.19
N ASN F 294 -13.06 1.04 -34.78
CA ASN F 294 -13.58 0.71 -36.10
C ASN F 294 -14.73 -0.28 -36.09
N GLU F 295 -14.95 -1.02 -35.01
CA GLU F 295 -16.14 -1.85 -34.94
C GLU F 295 -17.37 -0.98 -34.70
N ASP F 296 -18.55 -1.58 -34.90
CA ASP F 296 -19.80 -0.86 -34.69
C ASP F 296 -19.86 -0.23 -33.31
N TYR F 297 -20.49 0.95 -33.23
CA TYR F 297 -20.60 1.62 -31.92
C TYR F 297 -21.33 0.77 -30.89
N SER F 298 -22.12 -0.22 -31.32
CA SER F 298 -22.81 -1.09 -30.39
C SER F 298 -21.87 -2.02 -29.62
N SER F 299 -20.56 -2.06 -29.95
CA SER F 299 -19.64 -2.91 -29.23
C SER F 299 -19.57 -2.60 -27.74
N LEU F 300 -20.10 -1.44 -27.31
CA LEU F 300 -20.19 -1.17 -25.88
C LEU F 300 -20.93 -2.28 -25.14
N ILE F 301 -21.87 -2.95 -25.79
CA ILE F 301 -22.55 -4.08 -25.15
C ILE F 301 -21.53 -5.14 -24.72
N ARG F 302 -20.61 -5.47 -25.64
CA ARG F 302 -19.54 -6.43 -25.33
C ARG F 302 -18.61 -5.90 -24.25
N VAL F 303 -18.23 -4.62 -24.34
CA VAL F 303 -17.39 -3.99 -23.31
C VAL F 303 -18.02 -4.17 -21.94
N MET F 304 -19.32 -3.87 -21.82
CA MET F 304 -20.01 -3.95 -20.54
C MET F 304 -20.10 -5.40 -20.06
N GLU F 305 -20.38 -6.33 -20.97
CA GLU F 305 -20.39 -7.75 -20.60
C GLU F 305 -19.06 -8.17 -20.01
N LYS F 306 -17.95 -7.70 -20.58
CA LYS F 306 -16.64 -8.09 -20.09
C LYS F 306 -16.34 -7.47 -18.73
N ILE F 307 -16.77 -6.23 -18.50
CA ILE F 307 -16.63 -5.66 -17.16
C ILE F 307 -17.33 -6.54 -16.12
N VAL F 308 -18.56 -6.94 -16.43
CA VAL F 308 -19.35 -7.72 -15.47
C VAL F 308 -18.78 -9.11 -15.30
N ALA F 309 -18.24 -9.69 -16.36
CA ALA F 309 -17.65 -11.02 -16.28
C ALA F 309 -16.29 -11.01 -15.62
N ASN F 310 -15.72 -9.82 -15.39
CA ASN F 310 -14.35 -9.64 -14.93
C ASN F 310 -13.36 -10.21 -15.95
N ASP F 311 -13.64 -9.94 -17.23
CA ASP F 311 -12.80 -10.29 -18.37
C ASP F 311 -11.90 -9.11 -18.73
N ILE G 19 -23.21 12.59 33.06
CA ILE G 19 -22.12 12.75 32.12
C ILE G 19 -21.29 11.46 32.10
N LEU G 20 -20.91 11.01 30.90
CA LEU G 20 -20.31 9.69 30.74
C LEU G 20 -18.78 9.73 30.87
N SER G 21 -18.31 10.35 31.94
CA SER G 21 -16.90 10.35 32.26
C SER G 21 -16.45 8.95 32.70
N PRO G 22 -15.14 8.69 32.67
CA PRO G 22 -14.65 7.41 33.22
C PRO G 22 -15.10 7.17 34.66
N GLU G 23 -15.22 8.25 35.43
CA GLU G 23 -15.74 8.15 36.79
C GLU G 23 -17.13 7.51 36.80
N ASN G 24 -18.09 8.13 36.11
CA ASN G 24 -19.48 7.70 36.21
C ASN G 24 -19.82 6.53 35.32
N ALA G 25 -19.00 6.21 34.32
CA ALA G 25 -19.28 5.11 33.40
C ALA G 25 -17.99 4.60 32.81
N PRO G 26 -17.25 3.77 33.57
CA PRO G 26 -15.92 3.35 33.09
C PRO G 26 -15.96 2.41 31.89
N ARG G 27 -16.93 1.49 31.84
CA ARG G 27 -16.92 0.40 30.87
C ARG G 27 -17.55 0.85 29.55
N ILE G 28 -16.75 0.87 28.49
CA ILE G 28 -17.25 1.12 27.13
C ILE G 28 -17.10 -0.16 26.32
N GLY G 29 -18.22 -0.72 25.91
CA GLY G 29 -18.23 -1.88 25.03
C GLY G 29 -18.41 -1.45 23.58
N PHE G 30 -17.66 -2.09 22.69
CA PHE G 30 -17.73 -1.82 21.26
C PHE G 30 -18.47 -2.94 20.54
N ILE G 31 -19.36 -2.55 19.62
CA ILE G 31 -19.96 -3.46 18.66
C ILE G 31 -19.31 -3.17 17.31
N GLY G 32 -18.44 -4.07 16.85
CA GLY G 32 -17.56 -3.80 15.72
C GLY G 32 -16.25 -3.22 16.22
N PHE G 33 -15.12 -3.69 15.69
CA PHE G 33 -13.85 -3.24 16.25
C PHE G 33 -12.74 -3.34 15.21
N GLY G 34 -12.89 -2.60 14.12
CA GLY G 34 -11.98 -2.66 12.98
C GLY G 34 -10.97 -1.53 12.97
N ALA G 35 -10.66 -1.04 11.76
CA ALA G 35 -9.62 -0.03 11.61
C ALA G 35 -9.95 1.24 12.39
N MET G 36 -11.17 1.74 12.26
CA MET G 36 -11.58 2.96 12.98
C MET G 36 -11.77 2.69 14.47
N ALA G 37 -12.55 1.67 14.83
CA ALA G 37 -12.96 1.49 16.23
C ALA G 37 -11.78 1.15 17.12
N SER G 38 -10.84 0.32 16.65
CA SER G 38 -9.69 -0.03 17.48
C SER G 38 -8.87 1.20 17.84
N ARG G 39 -8.70 2.13 16.89
CA ARG G 39 -7.96 3.35 17.18
C ARG G 39 -8.73 4.23 18.16
N MET G 40 -10.05 4.34 17.96
CA MET G 40 -10.93 5.01 18.90
C MET G 40 -10.74 4.47 20.32
N GLY G 41 -10.75 3.14 20.46
CA GLY G 41 -10.64 2.53 21.78
C GLY G 41 -9.29 2.76 22.43
N ASP G 42 -8.22 2.86 21.63
CA ASP G 42 -6.91 3.16 22.18
C ASP G 42 -6.90 4.52 22.87
N HIS G 43 -7.58 5.51 22.27
CA HIS G 43 -7.63 6.83 22.90
C HIS G 43 -8.57 6.86 24.09
N LEU G 44 -9.63 6.04 24.08
CA LEU G 44 -10.51 5.97 25.24
C LEU G 44 -9.84 5.22 26.39
N LYS G 45 -9.01 4.23 26.08
CA LYS G 45 -8.20 3.61 27.13
C LYS G 45 -7.25 4.61 27.75
N THR G 46 -6.56 5.40 26.91
CA THR G 46 -5.70 6.46 27.39
C THR G 46 -6.48 7.46 28.24
N ALA G 47 -7.76 7.68 27.93
CA ALA G 47 -8.58 8.62 28.68
C ALA G 47 -9.14 8.03 29.97
N GLY G 48 -8.96 6.73 30.21
CA GLY G 48 -9.33 6.13 31.48
C GLY G 48 -10.46 5.13 31.43
N TYR G 49 -11.00 4.82 30.26
CA TYR G 49 -12.11 3.88 30.17
C TYR G 49 -11.59 2.44 30.04
N THR G 50 -12.46 1.50 30.41
CA THR G 50 -12.23 0.07 30.24
C THR G 50 -12.90 -0.39 28.95
N ILE G 51 -12.11 -0.89 28.01
CA ILE G 51 -12.58 -1.21 26.67
C ILE G 51 -12.86 -2.70 26.55
N SER G 52 -14.04 -3.04 26.03
CA SER G 52 -14.40 -4.38 25.60
C SER G 52 -14.98 -4.29 24.20
N ALA G 53 -15.15 -5.44 23.55
CA ALA G 53 -15.62 -5.43 22.17
C ALA G 53 -16.27 -6.75 21.81
N TYR G 54 -17.14 -6.70 20.81
CA TYR G 54 -17.69 -7.88 20.17
C TYR G 54 -17.51 -7.74 18.66
N THR G 55 -16.98 -8.76 18.01
CA THR G 55 -16.99 -8.88 16.56
C THR G 55 -17.45 -10.27 16.18
N PRO G 56 -18.03 -10.44 14.98
CA PRO G 56 -18.46 -11.78 14.55
C PRO G 56 -17.32 -12.78 14.47
N SER G 57 -16.11 -12.34 14.10
CA SER G 57 -14.97 -13.23 14.08
C SER G 57 -14.36 -13.45 15.45
N GLY G 58 -14.61 -12.56 16.41
CA GLY G 58 -14.03 -12.67 17.72
C GLY G 58 -12.58 -12.26 17.82
N ARG G 59 -11.98 -11.80 16.73
CA ARG G 59 -10.59 -11.37 16.72
C ARG G 59 -10.52 -9.86 16.84
N SER G 60 -9.57 -9.39 17.65
CA SER G 60 -9.31 -7.96 17.79
C SER G 60 -7.83 -7.69 17.57
N PRO G 61 -7.48 -6.49 17.08
CA PRO G 61 -6.06 -6.12 16.98
C PRO G 61 -5.49 -5.60 18.29
N SER G 62 -6.33 -5.20 19.24
CA SER G 62 -5.85 -4.66 20.50
C SER G 62 -5.74 -5.80 21.51
N PRO G 63 -4.53 -6.23 21.88
CA PRO G 63 -4.39 -7.39 22.76
C PRO G 63 -4.96 -7.19 24.16
N SER G 64 -5.23 -5.95 24.56
CA SER G 64 -5.74 -5.67 25.91
C SER G 64 -7.24 -5.40 25.93
N VAL G 65 -7.99 -5.91 24.97
CA VAL G 65 -9.43 -5.74 24.90
C VAL G 65 -10.12 -7.09 24.96
N PRO G 66 -10.89 -7.38 26.01
CA PRO G 66 -11.68 -8.60 26.03
C PRO G 66 -12.72 -8.62 24.93
N MET G 67 -12.86 -9.77 24.27
CA MET G 67 -13.94 -9.99 23.33
C MET G 67 -15.03 -10.83 23.99
N LEU G 68 -16.29 -10.39 23.82
CA LEU G 68 -17.49 -11.05 24.33
C LEU G 68 -18.17 -11.85 23.22
N PRO G 69 -18.84 -12.94 23.56
CA PRO G 69 -19.28 -13.88 22.51
C PRO G 69 -20.46 -13.39 21.68
N THR G 70 -21.28 -12.51 22.21
CA THR G 70 -22.48 -12.03 21.53
C THR G 70 -22.61 -10.53 21.78
N PRO G 71 -23.37 -9.82 20.93
CA PRO G 71 -23.66 -8.41 21.25
C PRO G 71 -24.40 -8.26 22.58
N LEU G 72 -25.29 -9.20 22.89
CA LEU G 72 -25.96 -9.20 24.19
C LEU G 72 -24.95 -9.22 25.33
N ALA G 73 -24.03 -10.18 25.31
CA ALA G 73 -23.03 -10.28 26.37
C ALA G 73 -22.16 -9.02 26.44
N LEU G 74 -21.87 -8.44 25.28
CA LEU G 74 -21.11 -7.18 25.26
C LEU G 74 -21.84 -6.10 26.05
N ALA G 75 -23.12 -5.90 25.73
CA ALA G 75 -23.85 -4.79 26.32
C ALA G 75 -24.10 -4.98 27.80
N LYS G 76 -24.23 -6.24 28.24
CA LYS G 76 -24.59 -6.51 29.63
C LYS G 76 -23.47 -6.15 30.59
N GLN G 77 -22.21 -6.19 30.14
CA GLN G 77 -21.07 -5.83 30.96
C GLN G 77 -20.46 -4.48 30.57
N ALA G 78 -21.25 -3.61 29.92
CA ALA G 78 -20.78 -2.30 29.51
C ALA G 78 -21.72 -1.22 30.04
N ASP G 79 -21.16 -0.06 30.34
CA ASP G 79 -21.93 1.11 30.77
C ASP G 79 -22.42 1.93 29.57
N THR G 80 -21.59 2.03 28.53
CA THR G 80 -21.93 2.69 27.27
C THR G 80 -21.52 1.76 26.14
N VAL G 81 -22.34 1.70 25.10
CA VAL G 81 -22.06 0.89 23.93
C VAL G 81 -21.75 1.82 22.77
N VAL G 82 -20.63 1.58 22.09
CA VAL G 82 -20.24 2.29 20.88
C VAL G 82 -20.31 1.31 19.73
N VAL G 83 -20.94 1.71 18.63
CA VAL G 83 -21.14 0.84 17.47
C VAL G 83 -20.30 1.38 16.31
N CYS G 84 -19.63 0.47 15.59
CA CYS G 84 -18.80 0.86 14.45
C CYS G 84 -18.76 -0.34 13.48
N VAL G 85 -19.83 -0.47 12.69
CA VAL G 85 -20.03 -1.63 11.82
C VAL G 85 -20.15 -1.17 10.37
N PRO G 86 -20.07 -2.07 9.38
CA PRO G 86 -19.92 -1.59 8.00
C PRO G 86 -21.19 -1.03 7.37
N ASP G 87 -22.38 -1.57 7.64
CA ASP G 87 -23.55 -1.19 6.85
C ASP G 87 -24.82 -1.42 7.67
N ASP G 88 -25.97 -1.15 7.03
CA ASP G 88 -27.28 -1.34 7.67
C ASP G 88 -27.47 -2.78 8.10
N GLU G 89 -27.12 -3.72 7.21
CA GLU G 89 -27.35 -5.12 7.49
C GLU G 89 -26.57 -5.59 8.71
N ALA G 90 -25.31 -5.15 8.83
CA ALA G 90 -24.52 -5.49 10.01
C ALA G 90 -25.10 -4.83 11.26
N LEU G 91 -25.57 -3.59 11.12
CA LEU G 91 -26.20 -2.90 12.24
C LEU G 91 -27.40 -3.69 12.77
N ALA G 92 -28.32 -4.05 11.86
CA ALA G 92 -29.51 -4.79 12.29
C ALA G 92 -29.15 -6.16 12.84
N ALA G 93 -28.06 -6.77 12.32
CA ALA G 93 -27.68 -8.09 12.78
C ALA G 93 -27.30 -8.09 14.26
N SER G 94 -26.62 -7.04 14.71
CA SER G 94 -26.09 -7.01 16.06
C SER G 94 -26.91 -6.17 17.02
N MET G 95 -27.82 -5.33 16.53
CA MET G 95 -28.64 -4.55 17.46
C MET G 95 -29.89 -5.27 17.92
N TYR G 96 -30.53 -6.04 17.04
CA TYR G 96 -31.89 -6.51 17.29
C TYR G 96 -31.91 -7.99 17.64
N GLY G 97 -33.02 -8.42 18.25
CA GLY G 97 -33.19 -9.79 18.66
C GLY G 97 -32.69 -10.04 20.07
N GLU G 98 -32.99 -11.26 20.57
CA GLU G 98 -32.64 -11.59 21.94
C GLU G 98 -31.13 -11.64 22.16
N ASN G 99 -30.37 -11.92 21.12
CA ASN G 99 -28.90 -11.88 21.21
C ASN G 99 -28.31 -10.52 20.86
N GLY G 100 -29.15 -9.53 20.52
CA GLY G 100 -28.67 -8.23 20.09
C GLY G 100 -28.28 -7.32 21.24
N ALA G 101 -27.64 -6.20 20.88
CA ALA G 101 -27.06 -5.31 21.89
C ALA G 101 -28.12 -4.62 22.73
N LEU G 102 -29.23 -4.21 22.11
CA LEU G 102 -30.23 -3.45 22.86
C LEU G 102 -30.81 -4.27 24.01
N ALA G 103 -30.97 -5.58 23.79
CA ALA G 103 -31.50 -6.46 24.82
C ALA G 103 -30.61 -6.57 26.04
N GLY G 104 -29.36 -6.12 25.97
CA GLY G 104 -28.45 -6.21 27.08
C GLY G 104 -28.17 -4.88 27.75
N MET G 105 -28.77 -3.81 27.25
CA MET G 105 -28.58 -2.49 27.83
C MET G 105 -29.69 -2.16 28.82
N THR G 106 -29.40 -1.18 29.67
CA THR G 106 -30.27 -0.81 30.78
C THR G 106 -30.88 0.56 30.49
N LYS G 107 -32.14 0.71 30.88
CA LYS G 107 -32.85 1.98 30.79
C LYS G 107 -31.98 3.11 31.32
N GLY G 108 -31.92 4.21 30.56
CA GLY G 108 -31.13 5.35 30.93
C GLY G 108 -29.70 5.36 30.40
N SER G 109 -29.25 4.27 29.76
CA SER G 109 -27.92 4.24 29.18
C SER G 109 -27.94 4.85 27.78
N LEU G 110 -26.75 4.98 27.21
CA LEU G 110 -26.53 5.66 25.95
C LEU G 110 -25.83 4.70 24.99
N LEU G 111 -26.32 4.65 23.76
CA LEU G 111 -25.63 3.94 22.68
C LEU G 111 -25.19 4.98 21.65
N ILE G 112 -23.90 4.96 21.31
CA ILE G 112 -23.30 5.88 20.35
C ILE G 112 -22.97 5.09 19.09
N ASN G 113 -23.65 5.38 17.99
CA ASN G 113 -23.41 4.70 16.73
C ASN G 113 -22.51 5.57 15.86
N THR G 114 -21.27 5.13 15.64
CA THR G 114 -20.35 5.86 14.77
C THR G 114 -20.29 5.27 13.36
N SER G 115 -21.13 4.30 13.06
CA SER G 115 -21.15 3.68 11.74
C SER G 115 -21.74 4.63 10.70
N SER G 116 -21.34 4.40 9.44
CA SER G 116 -21.92 5.14 8.32
C SER G 116 -23.06 4.29 7.75
N VAL G 117 -24.30 4.61 8.13
CA VAL G 117 -25.47 3.84 7.74
C VAL G 117 -26.53 4.79 7.17
N SER G 118 -27.62 4.22 6.71
CA SER G 118 -28.64 5.00 6.03
C SER G 118 -29.47 5.78 7.02
N PRO G 119 -30.09 6.87 6.57
CA PRO G 119 -31.08 7.56 7.42
C PRO G 119 -32.20 6.64 7.90
N GLU G 120 -32.62 5.70 7.05
CA GLU G 120 -33.69 4.78 7.46
C GLU G 120 -33.23 3.87 8.59
N ALA G 121 -32.01 3.34 8.49
CA ALA G 121 -31.49 2.48 9.54
C ALA G 121 -31.28 3.26 10.84
N THR G 122 -30.94 4.54 10.70
CA THR G 122 -30.74 5.42 11.84
C THR G 122 -32.05 5.67 12.58
N ALA G 123 -33.13 5.93 11.84
CA ALA G 123 -34.42 6.16 12.47
C ALA G 123 -34.96 4.88 13.11
N THR G 124 -34.76 3.73 12.44
CA THR G 124 -35.20 2.46 13.02
C THR G 124 -34.50 2.19 14.35
N LEU G 125 -33.18 2.45 14.43
CA LEU G 125 -32.45 2.15 15.65
C LEU G 125 -32.81 3.13 16.76
N TYR G 126 -33.01 4.41 16.41
CA TYR G 126 -33.43 5.39 17.41
C TYR G 126 -34.74 4.97 18.05
N GLU G 127 -35.74 4.62 17.23
CA GLU G 127 -37.02 4.20 17.79
C GLU G 127 -36.90 2.91 18.58
N ALA G 128 -36.06 1.98 18.12
CA ALA G 128 -35.84 0.74 18.87
C ALA G 128 -35.19 1.04 20.20
N GLY G 129 -34.22 1.95 20.22
CA GLY G 129 -33.64 2.37 21.49
C GLY G 129 -34.67 2.97 22.43
N GLN G 130 -35.56 3.82 21.89
CA GLN G 130 -36.56 4.48 22.72
C GLN G 130 -37.39 3.46 23.49
N LYS G 131 -37.74 2.34 22.86
CA LYS G 131 -38.55 1.33 23.53
C LYS G 131 -37.79 0.61 24.64
N HIS G 132 -36.45 0.62 24.60
CA HIS G 132 -35.62 0.07 25.66
C HIS G 132 -35.25 1.11 26.71
N GLY G 133 -35.69 2.36 26.56
CA GLY G 133 -35.20 3.43 27.41
C GLY G 133 -33.75 3.81 27.15
N VAL G 134 -33.24 3.53 25.95
CA VAL G 134 -31.86 3.83 25.58
C VAL G 134 -31.87 4.93 24.54
N VAL G 135 -31.15 6.01 24.81
CA VAL G 135 -31.00 7.09 23.82
C VAL G 135 -29.89 6.71 22.86
N VAL G 136 -30.18 6.79 21.56
CA VAL G 136 -29.21 6.46 20.52
C VAL G 136 -28.74 7.76 19.88
N LEU G 137 -27.44 8.04 20.00
CA LEU G 137 -26.82 9.16 19.30
C LEU G 137 -26.28 8.64 17.97
N ASP G 138 -26.65 9.28 16.88
CA ASP G 138 -26.03 8.98 15.59
C ASP G 138 -24.83 9.91 15.45
N ALA G 139 -23.62 9.36 15.62
CA ALA G 139 -22.41 10.15 15.71
C ALA G 139 -21.32 9.59 14.79
N PRO G 140 -21.57 9.54 13.48
CA PRO G 140 -20.48 9.23 12.54
C PRO G 140 -19.39 10.29 12.61
N VAL G 141 -18.24 9.96 12.02
CA VAL G 141 -17.06 10.81 12.13
C VAL G 141 -16.53 11.16 10.75
N SER G 142 -15.96 12.34 10.64
CA SER G 142 -15.22 12.77 9.45
C SER G 142 -13.73 12.61 9.75
N GLY G 143 -13.02 11.91 8.88
CA GLY G 143 -11.63 11.59 9.11
C GLY G 143 -11.46 10.09 8.88
N SER G 144 -10.26 9.69 8.52
CA SER G 144 -9.94 8.31 8.24
C SER G 144 -9.01 7.77 9.32
N THR G 145 -8.28 6.70 9.01
CA THR G 145 -7.39 6.12 10.02
C THR G 145 -6.27 7.06 10.47
N PRO G 146 -5.65 7.91 9.63
CA PRO G 146 -4.66 8.85 10.18
C PRO G 146 -5.28 9.79 11.21
N GLU G 147 -6.51 10.25 10.97
CA GLU G 147 -7.16 11.13 11.94
C GLU G 147 -7.56 10.37 13.20
N ALA G 148 -8.01 9.12 13.04
CA ALA G 148 -8.33 8.31 14.23
C ALA G 148 -7.07 8.03 15.04
N ASP G 149 -5.95 7.78 14.36
CA ASP G 149 -4.68 7.60 15.05
C ASP G 149 -4.39 8.78 15.97
N SER G 150 -4.55 10.00 15.46
CA SER G 150 -4.17 11.20 16.20
C SER G 150 -5.35 11.85 16.93
N ALA G 151 -6.50 11.19 16.98
CA ALA G 151 -7.70 11.71 17.65
C ALA G 151 -8.06 13.11 17.12
N SER G 152 -7.95 13.27 15.81
CA SER G 152 -8.33 14.51 15.14
C SER G 152 -9.60 14.34 14.32
N LEU G 153 -10.37 13.29 14.61
CA LEU G 153 -11.68 13.08 14.01
C LEU G 153 -12.60 14.27 14.31
N VAL G 154 -13.56 14.48 13.42
CA VAL G 154 -14.65 15.43 13.65
C VAL G 154 -15.91 14.62 13.85
N ILE G 155 -16.56 14.79 15.00
CA ILE G 155 -17.74 14.01 15.35
C ILE G 155 -18.96 14.75 14.80
N LEU G 156 -19.82 14.01 14.09
CA LEU G 156 -21.02 14.57 13.48
C LEU G 156 -22.22 13.96 14.20
N VAL G 157 -22.80 14.66 15.17
CA VAL G 157 -23.71 13.99 16.10
C VAL G 157 -25.12 14.57 16.02
N GLY G 158 -26.10 13.69 15.94
CA GLY G 158 -27.51 14.04 15.99
C GLY G 158 -28.13 13.60 17.30
N GLY G 159 -28.89 14.49 17.92
CA GLY G 159 -29.56 14.12 19.16
C GLY G 159 -29.90 15.37 19.95
N ASP G 160 -30.44 15.13 21.15
CA ASP G 160 -30.71 16.22 22.07
C ASP G 160 -29.41 16.79 22.63
N LYS G 161 -29.37 18.11 22.80
CA LYS G 161 -28.14 18.73 23.29
C LYS G 161 -27.72 18.19 24.65
N ASP G 162 -28.69 17.80 25.49
CA ASP G 162 -28.34 17.24 26.80
C ASP G 162 -27.71 15.86 26.67
N ASP G 163 -28.22 15.04 25.74
CA ASP G 163 -27.65 13.72 25.52
C ASP G 163 -26.28 13.83 24.85
N VAL G 164 -26.10 14.82 23.98
CA VAL G 164 -24.77 15.09 23.42
C VAL G 164 -23.79 15.49 24.52
N ALA G 165 -24.25 16.32 25.45
CA ALA G 165 -23.39 16.73 26.56
C ALA G 165 -22.95 15.54 27.41
N ARG G 166 -23.85 14.56 27.59
CA ARG G 166 -23.49 13.36 28.34
C ARG G 166 -22.30 12.66 27.71
N ALA G 167 -22.21 12.68 26.39
CA ALA G 167 -21.19 11.93 25.67
C ALA G 167 -19.92 12.74 25.41
N ALA G 168 -19.91 14.02 25.77
CA ALA G 168 -18.76 14.89 25.49
C ALA G 168 -17.41 14.32 25.90
N PRO G 169 -17.23 13.68 27.08
CA PRO G 169 -15.91 13.10 27.38
C PRO G 169 -15.45 12.07 26.36
N ILE G 170 -16.37 11.27 25.83
CA ILE G 170 -16.00 10.26 24.86
C ILE G 170 -15.64 10.90 23.53
N PHE G 171 -16.47 11.85 23.06
CA PHE G 171 -16.19 12.55 21.82
C PHE G 171 -14.88 13.33 21.89
N ASP G 172 -14.58 13.90 23.06
CA ASP G 172 -13.36 14.68 23.21
C ASP G 172 -12.13 13.79 23.17
N ALA G 173 -12.26 12.54 23.63
CA ALA G 173 -11.12 11.63 23.65
C ALA G 173 -10.74 11.18 22.24
N ILE G 174 -11.74 10.97 21.37
CA ILE G 174 -11.47 10.40 20.05
C ILE G 174 -11.36 11.45 18.95
N GLY G 175 -11.76 12.70 19.20
CA GLY G 175 -11.81 13.68 18.15
C GLY G 175 -11.29 15.04 18.60
N LYS G 176 -11.16 15.93 17.62
CA LYS G 176 -10.71 17.29 17.84
C LYS G 176 -11.85 18.31 17.83
N LEU G 177 -13.07 17.90 17.44
CA LEU G 177 -14.18 18.83 17.29
C LEU G 177 -15.47 18.02 17.21
N THR G 178 -16.49 18.46 17.94
CA THR G 178 -17.79 17.82 17.92
C THR G 178 -18.79 18.80 17.30
N ILE G 179 -19.40 18.39 16.20
CA ILE G 179 -20.38 19.23 15.51
C ILE G 179 -21.75 18.69 15.86
N HIS G 180 -22.54 19.48 16.59
CA HIS G 180 -23.92 19.11 16.87
C HIS G 180 -24.75 19.46 15.64
N ALA G 181 -25.15 18.43 14.88
CA ALA G 181 -25.72 18.65 13.56
C ALA G 181 -27.22 18.87 13.61
N GLY G 182 -27.86 18.59 14.73
CA GLY G 182 -29.29 18.72 14.86
C GLY G 182 -29.83 17.58 15.68
N PRO G 183 -31.13 17.31 15.57
CA PRO G 183 -31.73 16.17 16.30
C PRO G 183 -31.36 14.82 15.70
N THR G 184 -31.94 13.74 16.24
CA THR G 184 -31.60 12.39 15.78
C THR G 184 -31.75 12.29 14.27
N GLY G 185 -30.77 11.65 13.65
CA GLY G 185 -30.69 11.55 12.21
C GLY G 185 -29.81 12.60 11.56
N SER G 186 -29.48 13.67 12.28
CA SER G 186 -28.74 14.76 11.65
C SER G 186 -27.27 14.40 11.43
N GLY G 187 -26.68 13.62 12.34
CA GLY G 187 -25.30 13.22 12.13
C GLY G 187 -25.17 12.31 10.93
N ALA G 188 -26.07 11.32 10.82
CA ALA G 188 -26.07 10.43 9.67
C ALA G 188 -26.17 11.21 8.37
N ARG G 189 -27.04 12.22 8.33
CA ARG G 189 -27.21 13.00 7.10
C ARG G 189 -25.97 13.83 6.80
N LEU G 190 -25.40 14.50 7.81
CA LEU G 190 -24.19 15.29 7.59
C LEU G 190 -23.03 14.42 7.11
N LYS G 191 -22.94 13.18 7.61
CA LYS G 191 -21.91 12.27 7.13
C LYS G 191 -22.09 11.94 5.64
N LEU G 192 -23.35 11.74 5.22
CA LEU G 192 -23.58 11.48 3.79
C LEU G 192 -23.13 12.66 2.94
N VAL G 193 -23.42 13.89 3.39
CA VAL G 193 -22.95 15.08 2.68
C VAL G 193 -21.45 15.06 2.49
N ILE G 194 -20.71 14.82 3.58
CA ILE G 194 -19.25 14.90 3.50
C ILE G 194 -18.69 13.76 2.67
N ASN G 195 -19.32 12.57 2.72
CA ASN G 195 -18.87 11.44 1.91
C ASN G 195 -18.99 11.73 0.43
N GLY G 196 -20.11 12.36 0.04
CA GLY G 196 -20.29 12.76 -1.35
C GLY G 196 -19.19 13.68 -1.83
N ILE G 197 -18.85 14.68 -1.02
CA ILE G 197 -17.76 15.60 -1.35
C ILE G 197 -16.44 14.84 -1.49
N MET G 198 -16.18 13.90 -0.58
CA MET G 198 -14.91 13.18 -0.64
C MET G 198 -14.87 12.28 -1.86
N GLY G 199 -15.94 11.55 -2.13
CA GLY G 199 -15.92 10.61 -3.24
C GLY G 199 -15.85 11.29 -4.59
N ALA G 200 -16.71 12.28 -4.80
CA ALA G 200 -16.68 12.97 -6.08
C ALA G 200 -15.42 13.81 -6.23
N GLY G 201 -14.85 14.28 -5.13
CA GLY G 201 -13.58 14.99 -5.21
C GLY G 201 -12.48 14.11 -5.79
N LEU G 202 -12.49 12.84 -5.43
CA LEU G 202 -11.50 11.91 -5.96
C LEU G 202 -11.78 11.56 -7.42
N THR G 203 -13.05 11.31 -7.76
CA THR G 203 -13.30 10.92 -9.15
C THR G 203 -13.03 12.08 -10.09
N THR G 204 -13.36 13.31 -9.68
CA THR G 204 -12.99 14.51 -10.43
C THR G 204 -11.49 14.56 -10.67
N LEU G 205 -10.72 14.37 -9.62
CA LEU G 205 -9.27 14.45 -9.72
C LEU G 205 -8.71 13.35 -10.62
N ALA G 206 -9.22 12.12 -10.48
CA ALA G 206 -8.74 11.02 -11.31
C ALA G 206 -9.02 11.26 -12.79
N GLU G 207 -10.20 11.83 -13.10
CA GLU G 207 -10.55 12.07 -14.49
C GLU G 207 -9.74 13.23 -15.06
N SER G 208 -9.54 14.29 -14.28
CA SER G 208 -8.79 15.43 -14.76
C SER G 208 -7.33 15.06 -15.01
N VAL G 209 -6.73 14.29 -14.09
CA VAL G 209 -5.38 13.78 -14.32
C VAL G 209 -5.34 12.91 -15.57
N ALA G 210 -6.35 12.04 -15.76
CA ALA G 210 -6.35 11.17 -16.93
C ALA G 210 -6.41 11.98 -18.22
N TYR G 211 -7.22 13.04 -18.26
CA TYR G 211 -7.21 13.88 -19.44
C TYR G 211 -5.81 14.46 -19.67
N GLY G 212 -5.20 14.99 -18.60
CA GLY G 212 -3.89 15.61 -18.76
C GLY G 212 -2.86 14.66 -19.32
N LEU G 213 -2.82 13.43 -18.80
CA LEU G 213 -1.89 12.43 -19.31
C LEU G 213 -2.21 12.07 -20.76
N SER G 214 -3.50 11.95 -21.08
CA SER G 214 -3.87 11.58 -22.45
C SER G 214 -3.45 12.67 -23.44
N ALA G 215 -3.39 13.90 -22.98
CA ALA G 215 -3.04 15.04 -23.81
C ALA G 215 -1.54 15.25 -23.92
N GLY G 216 -0.74 14.35 -23.33
CA GLY G 216 0.68 14.38 -23.50
C GLY G 216 1.47 15.06 -22.41
N LEU G 217 0.83 15.50 -21.33
CA LEU G 217 1.58 16.15 -20.26
C LEU G 217 2.46 15.16 -19.52
N ASP G 218 3.67 15.61 -19.17
CA ASP G 218 4.59 14.81 -18.39
C ASP G 218 3.99 14.47 -17.02
N ARG G 219 4.12 13.20 -16.63
CA ARG G 219 3.41 12.73 -15.45
C ARG G 219 3.92 13.41 -14.19
N SER G 220 5.25 13.44 -14.01
CA SER G 220 5.79 14.04 -12.78
C SER G 220 5.49 15.53 -12.72
N MET G 221 5.64 16.23 -13.84
CA MET G 221 5.24 17.64 -13.92
C MET G 221 3.80 17.82 -13.48
N LEU G 222 2.91 17.00 -14.02
CA LEU G 222 1.47 17.16 -13.77
C LEU G 222 1.11 16.93 -12.30
N PHE G 223 1.61 15.83 -11.72
CA PHE G 223 1.33 15.57 -10.31
C PHE G 223 1.90 16.68 -9.42
N ASP G 224 3.10 17.16 -9.71
CA ASP G 224 3.68 18.20 -8.86
C ASP G 224 2.99 19.55 -9.05
N ALA G 225 2.53 19.85 -10.27
CA ALA G 225 1.82 21.10 -10.53
C ALA G 225 0.51 21.15 -9.76
N LEU G 226 -0.21 20.03 -9.74
CA LEU G 226 -1.49 19.98 -9.04
C LEU G 226 -1.32 20.12 -7.54
N ASP G 227 -0.14 19.73 -7.00
CA ASP G 227 0.08 19.96 -5.58
C ASP G 227 0.12 21.44 -5.24
N GLN G 228 0.29 22.30 -6.24
CA GLN G 228 0.47 23.72 -5.97
C GLN G 228 -0.75 24.57 -6.24
N VAL G 229 -1.89 23.99 -6.61
CA VAL G 229 -3.05 24.78 -6.93
C VAL G 229 -4.01 24.77 -5.75
N ALA G 230 -4.86 25.79 -5.69
CA ALA G 230 -5.74 26.02 -4.56
C ALA G 230 -7.08 25.33 -4.67
N VAL G 231 -7.31 24.58 -5.76
CA VAL G 231 -8.63 24.03 -6.03
C VAL G 231 -8.73 22.55 -5.67
N ILE G 232 -7.68 21.96 -5.07
CA ILE G 232 -7.72 20.59 -4.56
C ILE G 232 -7.63 20.64 -3.03
N SER G 233 -8.45 19.81 -2.35
CA SER G 233 -8.45 19.77 -0.90
C SER G 233 -7.14 19.21 -0.35
N PRO G 234 -6.81 19.53 0.90
CA PRO G 234 -5.63 18.88 1.51
C PRO G 234 -5.75 17.36 1.54
N HIS G 235 -6.94 16.83 1.83
CA HIS G 235 -7.15 15.38 1.79
C HIS G 235 -6.80 14.82 0.42
N HIS G 236 -7.31 15.43 -0.64
CA HIS G 236 -7.08 14.85 -1.96
C HIS G 236 -5.67 15.11 -2.46
N LYS G 237 -5.00 16.16 -1.98
CA LYS G 237 -3.59 16.32 -2.31
C LYS G 237 -2.75 15.21 -1.72
N ARG G 238 -3.10 14.76 -0.51
CA ARG G 238 -2.40 13.61 0.07
C ARG G 238 -2.62 12.35 -0.75
N LYS G 239 -3.85 12.14 -1.22
CA LYS G 239 -4.10 10.98 -2.08
C LYS G 239 -3.32 11.07 -3.37
N LEU G 240 -3.22 12.28 -3.93
CA LEU G 240 -2.51 12.46 -5.19
C LEU G 240 -1.02 12.16 -5.05
N LYS G 241 -0.42 12.58 -3.93
CA LYS G 241 0.99 12.25 -3.70
C LYS G 241 1.19 10.75 -3.53
N ALA G 242 0.29 10.08 -2.82
CA ALA G 242 0.40 8.63 -2.71
C ALA G 242 0.24 7.96 -4.06
N ALA G 243 -0.70 8.45 -4.87
CA ALA G 243 -0.91 7.89 -6.20
C ALA G 243 0.29 8.11 -7.12
N LYS G 244 1.07 9.18 -6.90
CA LYS G 244 2.26 9.38 -7.71
C LYS G 244 3.20 8.19 -7.58
N ASP G 245 3.25 7.60 -6.40
CA ASP G 245 4.07 6.43 -6.13
C ASP G 245 3.32 5.11 -6.30
N GLY G 246 2.09 5.16 -6.79
CA GLY G 246 1.29 3.95 -6.95
C GLY G 246 0.90 3.29 -5.65
N ASN G 247 0.79 4.08 -4.58
CA ASN G 247 0.55 3.56 -3.24
C ASN G 247 -0.93 3.70 -2.90
N PHE G 248 -1.64 2.58 -2.90
CA PHE G 248 -3.05 2.54 -2.54
C PHE G 248 -3.31 1.56 -1.41
N ALA G 249 -2.33 1.38 -0.51
CA ALA G 249 -2.62 0.71 0.74
C ALA G 249 -3.82 1.42 1.40
N PRO G 250 -4.77 0.68 1.95
CA PRO G 250 -6.05 1.30 2.31
C PRO G 250 -5.97 2.17 3.56
N GLN G 251 -6.48 3.38 3.43
CA GLN G 251 -6.99 4.11 4.60
C GLN G 251 -8.51 4.08 4.64
N PHE G 252 -9.15 4.29 3.50
CA PHE G 252 -10.59 4.13 3.36
C PHE G 252 -10.81 3.26 2.13
N PRO G 253 -11.10 1.98 2.29
CA PRO G 253 -11.13 1.07 1.14
C PRO G 253 -12.28 1.35 0.19
N ALA G 254 -12.08 0.98 -1.07
CA ALA G 254 -13.08 1.25 -2.11
C ALA G 254 -14.43 0.64 -1.76
N ARG G 255 -14.43 -0.57 -1.16
CA ARG G 255 -15.71 -1.21 -0.85
C ARG G 255 -16.56 -0.35 0.07
N LEU G 256 -15.93 0.34 1.03
CA LEU G 256 -16.66 1.16 1.99
C LEU G 256 -17.00 2.52 1.42
N MET G 257 -16.09 3.13 0.64
CA MET G 257 -16.43 4.39 -0.02
C MET G 257 -17.59 4.20 -0.99
N GLN G 258 -17.56 3.13 -1.78
CA GLN G 258 -18.62 2.93 -2.76
C GLN G 258 -19.95 2.64 -2.07
N LYS G 259 -19.92 1.91 -0.94
CA LYS G 259 -21.14 1.69 -0.17
C LYS G 259 -21.69 3.01 0.35
N ASP G 260 -20.81 3.89 0.83
CA ASP G 260 -21.30 5.18 1.32
C ASP G 260 -21.92 5.99 0.21
N MET G 261 -21.38 5.88 -1.02
CA MET G 261 -21.93 6.63 -2.14
C MET G 261 -23.29 6.04 -2.51
N ARG G 262 -23.41 4.71 -2.47
CA ARG G 262 -24.71 4.07 -2.65
C ARG G 262 -25.72 4.63 -1.66
N LEU G 263 -25.34 4.75 -0.39
CA LEU G 263 -26.29 5.27 0.60
C LEU G 263 -26.68 6.70 0.28
N LEU G 264 -25.70 7.53 -0.08
CA LEU G 264 -25.99 8.92 -0.41
C LEU G 264 -26.95 9.01 -1.59
N LEU G 265 -26.70 8.23 -2.64
CA LEU G 265 -27.54 8.36 -3.83
C LEU G 265 -28.95 7.83 -3.56
N ASP G 266 -29.09 6.80 -2.73
CA ASP G 266 -30.43 6.36 -2.34
C ASP G 266 -31.15 7.47 -1.59
N ALA G 267 -30.46 8.08 -0.62
CA ALA G 267 -31.10 9.12 0.18
C ALA G 267 -31.46 10.33 -0.68
N ALA G 268 -30.57 10.72 -1.60
CA ALA G 268 -30.88 11.83 -2.49
C ALA G 268 -32.07 11.51 -3.38
N ALA G 269 -32.18 10.25 -3.82
CA ALA G 269 -33.34 9.86 -4.60
C ALA G 269 -34.62 9.91 -3.76
N ARG G 270 -34.55 9.49 -2.50
CA ARG G 270 -35.74 9.53 -1.66
C ARG G 270 -36.20 10.97 -1.44
N GLU G 271 -35.26 11.91 -1.36
CA GLU G 271 -35.60 13.33 -1.19
C GLU G 271 -35.88 14.02 -2.52
N ALA G 272 -35.77 13.30 -3.63
CA ALA G 272 -35.95 13.83 -4.99
C ALA G 272 -35.07 15.06 -5.26
N VAL G 273 -33.78 14.93 -4.97
CA VAL G 273 -32.80 15.99 -5.20
C VAL G 273 -31.91 15.55 -6.36
N PRO G 274 -31.87 16.27 -7.47
CA PRO G 274 -31.00 15.84 -8.59
C PRO G 274 -29.54 16.15 -8.26
N VAL G 275 -28.70 15.11 -8.30
CA VAL G 275 -27.29 15.21 -7.95
C VAL G 275 -26.45 14.50 -9.01
N PRO G 276 -26.41 15.02 -10.23
CA PRO G 276 -25.72 14.32 -11.32
C PRO G 276 -24.21 14.15 -11.15
N THR G 277 -23.51 15.12 -10.55
CA THR G 277 -22.07 14.95 -10.33
C THR G 277 -21.82 13.81 -9.35
N LEU G 278 -22.61 13.75 -8.27
CA LEU G 278 -22.47 12.68 -7.28
C LEU G 278 -22.87 11.35 -7.88
N ALA G 279 -23.87 11.35 -8.77
CA ALA G 279 -24.29 10.11 -9.39
C ALA G 279 -23.22 9.55 -10.31
N ALA G 280 -22.59 10.42 -11.09
CA ALA G 280 -21.49 9.98 -11.97
C ALA G 280 -20.32 9.46 -11.15
N ALA G 281 -19.97 10.17 -10.08
CA ALA G 281 -18.88 9.73 -9.20
C ALA G 281 -19.17 8.35 -8.64
N THR G 282 -20.41 8.11 -8.23
CA THR G 282 -20.76 6.79 -7.70
C THR G 282 -20.46 5.69 -8.72
N GLN G 283 -20.75 5.93 -9.98
CA GLN G 283 -20.51 4.89 -10.98
C GLN G 283 -19.03 4.63 -11.16
N GLN G 284 -18.21 5.68 -11.08
CA GLN G 284 -16.77 5.49 -11.16
C GLN G 284 -16.25 4.70 -9.96
N LEU G 285 -16.85 4.93 -8.79
CA LEU G 285 -16.46 4.19 -7.61
C LEU G 285 -16.99 2.76 -7.62
N SER G 286 -18.07 2.49 -8.37
CA SER G 286 -18.48 1.10 -8.60
C SER G 286 -17.42 0.36 -9.39
N LEU G 287 -16.91 0.98 -10.45
CA LEU G 287 -15.80 0.37 -11.20
C LEU G 287 -14.58 0.18 -10.30
N THR G 288 -14.26 1.20 -9.50
CA THR G 288 -13.12 1.12 -8.58
C THR G 288 -13.25 -0.09 -7.64
N ARG G 289 -14.41 -0.23 -6.99
CA ARG G 289 -14.64 -1.33 -6.07
C ARG G 289 -14.55 -2.68 -6.78
N ARG G 290 -15.13 -2.77 -7.97
CA ARG G 290 -15.08 -4.04 -8.72
C ARG G 290 -13.66 -4.47 -9.02
N LEU G 291 -12.81 -3.51 -9.37
CA LEU G 291 -11.44 -3.85 -9.78
C LEU G 291 -10.54 -4.13 -8.58
N SER G 292 -10.77 -3.45 -7.46
CA SER G 292 -10.01 -3.67 -6.22
C SER G 292 -10.81 -3.23 -5.00
N PRO G 293 -11.54 -4.14 -4.36
CA PRO G 293 -12.43 -3.70 -3.27
C PRO G 293 -11.69 -3.27 -2.03
N ASN G 294 -10.48 -3.77 -1.80
CA ASN G 294 -9.82 -3.57 -0.52
C ASN G 294 -8.72 -2.52 -0.52
N GLU G 295 -8.19 -2.14 -1.68
CA GLU G 295 -7.24 -1.04 -1.69
C GLU G 295 -7.98 0.28 -1.44
N ASP G 296 -7.20 1.33 -1.19
CA ASP G 296 -7.79 2.65 -0.94
C ASP G 296 -8.69 3.08 -2.10
N TYR G 297 -9.76 3.79 -1.76
CA TYR G 297 -10.69 4.24 -2.79
C TYR G 297 -10.01 5.15 -3.82
N SER G 298 -8.87 5.74 -3.48
CA SER G 298 -8.16 6.58 -4.44
C SER G 298 -7.53 5.78 -5.59
N SER G 299 -7.63 4.45 -5.58
CA SER G 299 -7.04 3.65 -6.65
C SER G 299 -7.66 3.93 -8.01
N LEU G 300 -8.82 4.59 -8.05
CA LEU G 300 -9.36 5.02 -9.33
C LEU G 300 -8.34 5.85 -10.12
N ILE G 301 -7.42 6.54 -9.42
CA ILE G 301 -6.39 7.27 -10.15
C ILE G 301 -5.57 6.32 -11.00
N ARG G 302 -5.18 5.18 -10.43
CA ARG G 302 -4.44 4.18 -11.18
C ARG G 302 -5.32 3.57 -12.27
N VAL G 303 -6.60 3.30 -11.96
CA VAL G 303 -7.52 2.74 -12.96
C VAL G 303 -7.56 3.64 -14.18
N MET G 304 -7.74 4.94 -13.96
CA MET G 304 -7.82 5.88 -15.07
C MET G 304 -6.50 5.96 -15.84
N GLU G 305 -5.36 5.96 -15.14
CA GLU G 305 -4.06 5.98 -15.83
C GLU G 305 -3.92 4.78 -16.76
N LYS G 306 -4.39 3.61 -16.32
CA LYS G 306 -4.26 2.41 -17.13
C LYS G 306 -5.17 2.45 -18.35
N ILE G 307 -6.36 3.03 -18.20
CA ILE G 307 -7.23 3.23 -19.37
C ILE G 307 -6.51 4.09 -20.40
N VAL G 308 -5.93 5.22 -19.97
CA VAL G 308 -5.35 6.10 -20.97
C VAL G 308 -4.04 5.53 -21.51
N ALA G 309 -3.35 4.71 -20.72
CA ALA G 309 -2.14 4.06 -21.23
C ALA G 309 -2.45 2.87 -22.11
N ASN G 310 -3.72 2.48 -22.22
CA ASN G 310 -4.12 1.24 -22.86
C ASN G 310 -3.39 0.07 -22.21
N ASP G 311 -3.33 0.08 -20.87
CA ASP G 311 -2.51 -0.83 -20.08
C ASP G 311 -1.03 -0.72 -20.47
N GLN H 18 -55.34 -27.86 -9.01
CA GLN H 18 -53.94 -27.44 -9.01
C GLN H 18 -53.73 -26.17 -9.81
N ILE H 19 -54.03 -26.23 -11.12
CA ILE H 19 -53.98 -25.02 -11.94
C ILE H 19 -55.02 -24.04 -11.42
N LEU H 20 -54.65 -22.76 -11.41
CA LEU H 20 -55.46 -21.74 -10.74
C LEU H 20 -56.52 -21.16 -11.67
N SER H 21 -57.26 -22.06 -12.31
CA SER H 21 -58.37 -21.69 -13.16
C SER H 21 -59.53 -21.14 -12.31
N PRO H 22 -60.47 -20.44 -12.95
CA PRO H 22 -61.66 -20.01 -12.19
C PRO H 22 -62.40 -21.18 -11.55
N GLU H 23 -62.41 -22.34 -12.21
CA GLU H 23 -63.03 -23.54 -11.66
C GLU H 23 -62.38 -23.93 -10.33
N ASN H 24 -61.06 -23.95 -10.27
CA ASN H 24 -60.33 -24.42 -9.10
C ASN H 24 -60.11 -23.34 -8.05
N ALA H 25 -60.01 -22.07 -8.45
CA ALA H 25 -59.61 -21.00 -7.53
C ALA H 25 -60.28 -19.70 -7.97
N PRO H 26 -61.59 -19.60 -7.75
CA PRO H 26 -62.34 -18.46 -8.34
C PRO H 26 -62.06 -17.12 -7.69
N ARG H 27 -61.71 -17.07 -6.41
CA ARG H 27 -61.59 -15.80 -5.68
C ARG H 27 -60.15 -15.28 -5.78
N ILE H 28 -59.97 -14.12 -6.41
CA ILE H 28 -58.67 -13.44 -6.46
C ILE H 28 -58.78 -12.15 -5.66
N GLY H 29 -57.95 -12.01 -4.64
CA GLY H 29 -57.94 -10.82 -3.80
C GLY H 29 -56.67 -10.02 -4.10
N PHE H 30 -56.83 -8.69 -4.20
CA PHE H 30 -55.73 -7.79 -4.49
C PHE H 30 -55.28 -7.07 -3.22
N ILE H 31 -53.97 -7.01 -3.00
CA ILE H 31 -53.37 -6.11 -2.03
C ILE H 31 -52.84 -4.94 -2.85
N GLY H 32 -53.49 -3.78 -2.73
CA GLY H 32 -53.26 -2.70 -3.67
C GLY H 32 -54.19 -2.80 -4.85
N PHE H 33 -54.81 -1.69 -5.25
CA PHE H 33 -55.79 -1.75 -6.33
C PHE H 33 -55.85 -0.39 -7.01
N GLY H 34 -54.75 -0.03 -7.66
CA GLY H 34 -54.59 1.27 -8.29
C GLY H 34 -54.74 1.21 -9.79
N ALA H 35 -53.99 2.06 -10.48
CA ALA H 35 -54.15 2.18 -11.92
C ALA H 35 -53.92 0.85 -12.61
N MET H 36 -52.87 0.12 -12.23
CA MET H 36 -52.57 -1.10 -12.95
C MET H 36 -53.46 -2.24 -12.48
N ALA H 37 -53.56 -2.40 -11.16
CA ALA H 37 -54.27 -3.54 -10.58
C ALA H 37 -55.75 -3.52 -10.91
N SER H 38 -56.37 -2.33 -10.91
CA SER H 38 -57.79 -2.26 -11.24
C SER H 38 -58.05 -2.71 -12.68
N ARG H 39 -57.10 -2.47 -13.58
CA ARG H 39 -57.25 -2.88 -14.97
C ARG H 39 -57.00 -4.39 -15.14
N MET H 40 -56.03 -4.96 -14.40
CA MET H 40 -55.90 -6.42 -14.40
C MET H 40 -57.17 -7.08 -13.86
N GLY H 41 -57.76 -6.50 -12.82
CA GLY H 41 -58.94 -7.11 -12.23
C GLY H 41 -60.12 -7.18 -13.17
N ASP H 42 -60.25 -6.18 -14.06
CA ASP H 42 -61.34 -6.19 -15.04
C ASP H 42 -61.19 -7.39 -15.98
N HIS H 43 -59.99 -7.64 -16.47
CA HIS H 43 -59.78 -8.78 -17.35
C HIS H 43 -59.93 -10.09 -16.61
N LEU H 44 -59.60 -10.11 -15.32
CA LEU H 44 -59.78 -11.32 -14.53
C LEU H 44 -61.25 -11.59 -14.27
N LYS H 45 -62.03 -10.54 -14.04
CA LYS H 45 -63.48 -10.70 -13.92
C LYS H 45 -64.08 -11.24 -15.21
N THR H 46 -63.63 -10.72 -16.36
CA THR H 46 -64.10 -11.22 -17.64
C THR H 46 -63.73 -12.68 -17.84
N ALA H 47 -62.58 -13.10 -17.31
CA ALA H 47 -62.15 -14.49 -17.41
C ALA H 47 -62.92 -15.43 -16.50
N GLY H 48 -63.70 -14.90 -15.55
CA GLY H 48 -64.52 -15.72 -14.69
C GLY H 48 -64.14 -15.74 -13.22
N TYR H 49 -63.18 -14.94 -12.80
CA TYR H 49 -62.78 -14.87 -11.40
C TYR H 49 -63.66 -13.89 -10.63
N THR H 50 -63.70 -14.08 -9.32
CA THR H 50 -64.37 -13.16 -8.41
C THR H 50 -63.31 -12.32 -7.71
N ILE H 51 -63.40 -11.00 -7.88
CA ILE H 51 -62.35 -10.07 -7.48
C ILE H 51 -62.73 -9.35 -6.19
N SER H 52 -61.75 -9.14 -5.32
CA SER H 52 -61.86 -8.33 -4.11
C SER H 52 -60.55 -7.60 -3.91
N ALA H 53 -60.54 -6.57 -3.05
CA ALA H 53 -59.34 -5.77 -2.88
C ALA H 53 -59.23 -5.20 -1.48
N TYR H 54 -57.99 -4.87 -1.10
CA TYR H 54 -57.68 -4.03 0.03
C TYR H 54 -56.81 -2.87 -0.44
N THR H 55 -57.14 -1.65 -0.03
CA THR H 55 -56.27 -0.50 -0.11
C THR H 55 -56.27 0.23 1.23
N PRO H 56 -55.19 0.91 1.59
CA PRO H 56 -55.19 1.61 2.89
C PRO H 56 -56.25 2.69 2.98
N SER H 57 -56.61 3.33 1.86
CA SER H 57 -57.63 4.36 1.90
C SER H 57 -59.03 3.81 1.82
N GLY H 58 -59.20 2.57 1.37
CA GLY H 58 -60.51 2.02 1.13
C GLY H 58 -61.11 2.37 -0.20
N ARG H 59 -60.40 3.12 -1.05
CA ARG H 59 -60.91 3.58 -2.33
C ARG H 59 -60.07 2.98 -3.46
N SER H 60 -60.67 2.94 -4.65
CA SER H 60 -60.04 2.35 -5.83
C SER H 60 -60.70 2.96 -7.06
N PRO H 61 -60.11 2.75 -8.25
CA PRO H 61 -60.79 3.20 -9.48
C PRO H 61 -62.01 2.37 -9.86
N SER H 62 -62.30 1.27 -9.15
CA SER H 62 -63.39 0.36 -9.49
C SER H 62 -64.39 0.27 -8.34
N PRO H 63 -65.39 1.15 -8.28
CA PRO H 63 -66.37 1.08 -7.19
C PRO H 63 -67.23 -0.18 -7.24
N SER H 64 -67.06 -1.00 -8.28
CA SER H 64 -67.76 -2.27 -8.42
C SER H 64 -66.93 -3.45 -7.92
N VAL H 65 -66.03 -3.23 -6.96
CA VAL H 65 -65.23 -4.33 -6.40
C VAL H 65 -65.29 -4.26 -4.88
N PRO H 66 -65.60 -5.36 -4.20
CA PRO H 66 -65.67 -5.33 -2.73
C PRO H 66 -64.33 -5.00 -2.11
N MET H 67 -64.36 -4.15 -1.08
CA MET H 67 -63.17 -3.74 -0.36
C MET H 67 -63.16 -4.33 1.04
N LEU H 68 -62.04 -4.87 1.44
CA LEU H 68 -61.83 -5.50 2.72
C LEU H 68 -61.01 -4.57 3.62
N PRO H 69 -61.21 -4.62 4.94
CA PRO H 69 -60.63 -3.59 5.81
C PRO H 69 -59.17 -3.75 6.17
N THR H 70 -58.57 -4.93 5.99
CA THR H 70 -57.18 -5.17 6.31
C THR H 70 -56.60 -6.11 5.28
N PRO H 71 -55.27 -6.16 5.15
CA PRO H 71 -54.67 -7.19 4.26
C PRO H 71 -55.00 -8.58 4.71
N LEU H 72 -55.02 -8.80 6.03
CA LEU H 72 -55.42 -10.09 6.58
C LEU H 72 -56.82 -10.47 6.12
N ALA H 73 -57.79 -9.57 6.29
CA ALA H 73 -59.17 -9.87 5.93
C ALA H 73 -59.32 -10.12 4.44
N LEU H 74 -58.55 -9.43 3.61
CA LEU H 74 -58.53 -9.72 2.18
C LEU H 74 -58.05 -11.14 1.91
N ALA H 75 -56.91 -11.52 2.50
CA ALA H 75 -56.34 -12.84 2.22
C ALA H 75 -57.22 -13.96 2.76
N LYS H 76 -57.93 -13.71 3.87
CA LYS H 76 -58.76 -14.74 4.48
C LYS H 76 -59.90 -15.19 3.59
N GLN H 77 -60.31 -14.36 2.62
CA GLN H 77 -61.44 -14.70 1.77
C GLN H 77 -61.05 -14.78 0.29
N ALA H 78 -59.77 -15.01 0.01
CA ALA H 78 -59.29 -15.18 -1.35
C ALA H 78 -58.61 -16.54 -1.51
N ASP H 79 -58.71 -17.11 -2.72
CA ASP H 79 -57.99 -18.33 -3.05
C ASP H 79 -56.56 -18.02 -3.49
N THR H 80 -56.38 -16.96 -4.27
CA THR H 80 -55.09 -16.48 -4.75
C THR H 80 -55.00 -15.00 -4.42
N VAL H 81 -53.84 -14.54 -4.00
CA VAL H 81 -53.64 -13.13 -3.67
C VAL H 81 -52.70 -12.52 -4.70
N VAL H 82 -53.09 -11.37 -5.26
CA VAL H 82 -52.25 -10.59 -6.16
C VAL H 82 -51.89 -9.29 -5.47
N VAL H 83 -50.60 -8.95 -5.49
CA VAL H 83 -50.11 -7.75 -4.81
C VAL H 83 -49.67 -6.75 -5.86
N CYS H 84 -50.04 -5.48 -5.65
CA CYS H 84 -49.65 -4.44 -6.61
C CYS H 84 -49.53 -3.13 -5.81
N VAL H 85 -48.42 -2.99 -5.09
CA VAL H 85 -48.23 -1.86 -4.18
C VAL H 85 -47.05 -1.02 -4.66
N PRO H 86 -46.87 0.20 -4.15
CA PRO H 86 -45.86 1.09 -4.75
C PRO H 86 -44.40 0.70 -4.51
N ASP H 87 -44.02 0.22 -3.32
CA ASP H 87 -42.60 0.14 -2.99
C ASP H 87 -42.39 -0.88 -1.86
N ASP H 88 -41.11 -1.06 -1.48
CA ASP H 88 -40.74 -2.04 -0.46
C ASP H 88 -41.49 -1.79 0.85
N GLU H 89 -41.56 -0.52 1.25
CA GLU H 89 -42.20 -0.18 2.52
C GLU H 89 -43.68 -0.55 2.52
N ALA H 90 -44.37 -0.27 1.41
CA ALA H 90 -45.79 -0.63 1.33
C ALA H 90 -45.97 -2.13 1.37
N LEU H 91 -45.10 -2.86 0.68
CA LEU H 91 -45.15 -4.33 0.70
C LEU H 91 -44.97 -4.86 2.11
N ALA H 92 -43.97 -4.39 2.83
CA ALA H 92 -43.75 -4.86 4.19
C ALA H 92 -44.93 -4.52 5.09
N ALA H 93 -45.52 -3.34 4.90
CA ALA H 93 -46.63 -2.91 5.75
C ALA H 93 -47.85 -3.80 5.60
N SER H 94 -48.05 -4.36 4.41
CA SER H 94 -49.25 -5.16 4.18
C SER H 94 -49.01 -6.65 4.16
N MET H 95 -47.76 -7.12 4.03
CA MET H 95 -47.56 -8.57 4.05
C MET H 95 -47.31 -9.12 5.45
N TYR H 96 -46.71 -8.33 6.34
CA TYR H 96 -46.20 -8.82 7.61
C TYR H 96 -46.98 -8.18 8.77
N GLY H 97 -46.72 -8.69 9.97
CA GLY H 97 -47.36 -8.14 11.15
C GLY H 97 -48.72 -8.77 11.41
N GLU H 98 -49.38 -8.24 12.44
CA GLU H 98 -50.56 -8.93 12.94
C GLU H 98 -51.73 -8.87 11.96
N ASN H 99 -51.81 -7.82 11.15
CA ASN H 99 -52.85 -7.70 10.15
C ASN H 99 -52.34 -7.94 8.73
N GLY H 100 -51.17 -8.57 8.58
CA GLY H 100 -50.61 -8.80 7.26
C GLY H 100 -51.32 -9.88 6.48
N ALA H 101 -51.10 -9.86 5.15
CA ALA H 101 -51.84 -10.77 4.27
C ALA H 101 -51.36 -12.21 4.38
N LEU H 102 -50.06 -12.43 4.63
CA LEU H 102 -49.52 -13.78 4.58
C LEU H 102 -50.19 -14.69 5.60
N ALA H 103 -50.43 -14.17 6.80
CA ALA H 103 -51.03 -14.97 7.87
C ALA H 103 -52.45 -15.42 7.53
N GLY H 104 -53.08 -14.80 6.55
CA GLY H 104 -54.44 -15.13 6.17
C GLY H 104 -54.60 -16.09 5.01
N MET H 105 -53.50 -16.55 4.40
CA MET H 105 -53.63 -17.46 3.28
C MET H 105 -53.44 -18.90 3.71
N THR H 106 -54.08 -19.79 2.96
CA THR H 106 -54.00 -21.22 3.21
C THR H 106 -52.69 -21.79 2.68
N LYS H 107 -52.18 -22.80 3.37
CA LYS H 107 -50.99 -23.50 2.89
C LYS H 107 -51.26 -24.12 1.53
N GLY H 108 -50.28 -23.98 0.63
CA GLY H 108 -50.42 -24.44 -0.73
C GLY H 108 -50.95 -23.42 -1.71
N SER H 109 -51.41 -22.27 -1.24
CA SER H 109 -51.91 -21.25 -2.15
C SER H 109 -50.74 -20.45 -2.72
N LEU H 110 -51.05 -19.62 -3.70
CA LEU H 110 -50.06 -18.83 -4.44
C LEU H 110 -50.29 -17.35 -4.16
N LEU H 111 -49.20 -16.63 -3.90
CA LEU H 111 -49.23 -15.18 -3.88
C LEU H 111 -48.46 -14.69 -5.11
N ILE H 112 -49.09 -13.85 -5.91
CA ILE H 112 -48.49 -13.30 -7.11
C ILE H 112 -48.18 -11.83 -6.84
N ASN H 113 -46.91 -11.47 -6.79
CA ASN H 113 -46.51 -10.08 -6.54
C ASN H 113 -46.14 -9.44 -7.88
N THR H 114 -46.99 -8.51 -8.35
CA THR H 114 -46.74 -7.74 -9.56
C THR H 114 -46.13 -6.38 -9.28
N SER H 115 -45.84 -6.07 -8.02
CA SER H 115 -45.25 -4.79 -7.68
C SER H 115 -43.81 -4.74 -8.19
N SER H 116 -43.32 -3.53 -8.40
CA SER H 116 -41.92 -3.33 -8.75
C SER H 116 -41.21 -2.94 -7.44
N VAL H 117 -40.47 -3.89 -6.87
CA VAL H 117 -39.80 -3.74 -5.59
C VAL H 117 -38.35 -4.21 -5.73
N SER H 118 -37.57 -4.03 -4.67
CA SER H 118 -36.15 -4.37 -4.72
C SER H 118 -35.93 -5.89 -4.72
N PRO H 119 -34.77 -6.34 -5.21
CA PRO H 119 -34.43 -7.77 -5.03
C PRO H 119 -34.38 -8.21 -3.58
N GLU H 120 -33.97 -7.33 -2.67
CA GLU H 120 -33.95 -7.67 -1.25
C GLU H 120 -35.36 -7.89 -0.72
N ALA H 121 -36.29 -7.00 -1.07
CA ALA H 121 -37.68 -7.16 -0.65
C ALA H 121 -38.30 -8.42 -1.24
N THR H 122 -37.93 -8.74 -2.48
CA THR H 122 -38.40 -9.95 -3.14
C THR H 122 -37.94 -11.19 -2.39
N ALA H 123 -36.65 -11.21 -2.04
CA ALA H 123 -36.10 -12.34 -1.30
C ALA H 123 -36.77 -12.50 0.06
N THR H 124 -36.98 -11.39 0.76
CA THR H 124 -37.62 -11.44 2.07
C THR H 124 -39.04 -12.00 1.96
N LEU H 125 -39.80 -11.57 0.96
CA LEU H 125 -41.17 -12.04 0.82
C LEU H 125 -41.21 -13.51 0.43
N TYR H 126 -40.31 -13.94 -0.45
CA TYR H 126 -40.26 -15.34 -0.84
C TYR H 126 -40.03 -16.22 0.37
N GLU H 127 -39.05 -15.86 1.21
CA GLU H 127 -38.76 -16.68 2.39
C GLU H 127 -39.89 -16.60 3.41
N ALA H 128 -40.49 -15.43 3.58
CA ALA H 128 -41.63 -15.32 4.48
C ALA H 128 -42.79 -16.19 4.00
N GLY H 129 -43.05 -16.20 2.70
CA GLY H 129 -44.10 -17.07 2.17
C GLY H 129 -43.82 -18.54 2.44
N GLN H 130 -42.58 -18.96 2.22
CA GLN H 130 -42.18 -20.34 2.50
C GLN H 130 -42.57 -20.76 3.90
N LYS H 131 -42.36 -19.88 4.88
CA LYS H 131 -42.67 -20.19 6.27
C LYS H 131 -44.17 -20.38 6.48
N HIS H 132 -45.01 -19.73 5.68
CA HIS H 132 -46.45 -19.90 5.74
C HIS H 132 -46.96 -20.98 4.79
N GLY H 133 -46.07 -21.70 4.12
CA GLY H 133 -46.47 -22.68 3.14
C GLY H 133 -47.06 -22.10 1.87
N VAL H 134 -46.69 -20.86 1.53
CA VAL H 134 -47.25 -20.14 0.39
C VAL H 134 -46.12 -19.88 -0.60
N VAL H 135 -46.35 -20.23 -1.85
CA VAL H 135 -45.34 -19.96 -2.89
C VAL H 135 -45.56 -18.53 -3.37
N VAL H 136 -44.48 -17.74 -3.41
CA VAL H 136 -44.54 -16.36 -3.88
C VAL H 136 -43.88 -16.28 -5.25
N LEU H 137 -44.66 -15.93 -6.27
CA LEU H 137 -44.10 -15.63 -7.58
C LEU H 137 -43.81 -14.13 -7.67
N ASP H 138 -42.58 -13.77 -8.01
CA ASP H 138 -42.31 -12.37 -8.33
C ASP H 138 -42.62 -12.19 -9.82
N ALA H 139 -43.73 -11.50 -10.11
CA ALA H 139 -44.24 -11.39 -11.48
C ALA H 139 -44.59 -9.95 -11.85
N PRO H 140 -43.62 -9.04 -11.80
CA PRO H 140 -43.85 -7.71 -12.37
C PRO H 140 -44.14 -7.77 -13.86
N VAL H 141 -44.64 -6.66 -14.39
CA VAL H 141 -45.12 -6.63 -15.76
C VAL H 141 -44.46 -5.50 -16.51
N SER H 142 -44.24 -5.74 -17.80
CA SER H 142 -43.84 -4.71 -18.74
C SER H 142 -45.09 -4.22 -19.46
N GLY H 143 -45.21 -2.90 -19.56
CA GLY H 143 -46.42 -2.25 -20.01
C GLY H 143 -46.94 -1.29 -18.96
N SER H 144 -47.86 -0.44 -19.42
CA SER H 144 -48.44 0.54 -18.50
C SER H 144 -49.96 0.46 -18.60
N THR H 145 -50.68 1.55 -18.28
CA THR H 145 -52.14 1.44 -18.29
C THR H 145 -52.73 1.15 -19.67
N PRO H 146 -52.19 1.63 -20.81
CA PRO H 146 -52.75 1.22 -22.10
C PRO H 146 -52.66 -0.28 -22.34
N GLU H 147 -51.53 -0.89 -21.96
CA GLU H 147 -51.37 -2.31 -22.15
C GLU H 147 -52.18 -3.10 -21.13
N ALA H 148 -52.35 -2.56 -19.93
CA ALA H 148 -53.25 -3.21 -18.97
C ALA H 148 -54.68 -3.20 -19.49
N ASP H 149 -55.10 -2.08 -20.08
CA ASP H 149 -56.43 -1.97 -20.66
C ASP H 149 -56.68 -3.06 -21.71
N SER H 150 -55.67 -3.33 -22.55
CA SER H 150 -55.86 -4.25 -23.66
C SER H 150 -55.36 -5.65 -23.36
N ALA H 151 -54.95 -5.93 -22.11
CA ALA H 151 -54.36 -7.20 -21.73
C ALA H 151 -53.15 -7.54 -22.61
N SER H 152 -52.34 -6.52 -22.88
CA SER H 152 -51.12 -6.67 -23.66
C SER H 152 -49.87 -6.65 -22.80
N LEU H 153 -50.03 -6.80 -21.49
CA LEU H 153 -48.90 -6.84 -20.58
C LEU H 153 -47.99 -8.02 -20.93
N VAL H 154 -46.69 -7.83 -20.66
CA VAL H 154 -45.71 -8.92 -20.71
C VAL H 154 -45.36 -9.25 -19.26
N ILE H 155 -45.63 -10.49 -18.85
CA ILE H 155 -45.39 -10.90 -17.47
C ILE H 155 -43.95 -11.38 -17.37
N LEU H 156 -43.24 -10.92 -16.33
CA LEU H 156 -41.82 -11.23 -16.10
C LEU H 156 -41.72 -11.97 -14.78
N VAL H 157 -41.63 -13.31 -14.80
CA VAL H 157 -41.91 -14.08 -13.60
C VAL H 157 -40.71 -14.93 -13.19
N GLY H 158 -40.38 -14.88 -11.90
CA GLY H 158 -39.39 -15.76 -11.30
C GLY H 158 -40.06 -16.81 -10.42
N GLY H 159 -39.58 -18.05 -10.54
CA GLY H 159 -40.11 -19.15 -9.76
C GLY H 159 -39.84 -20.46 -10.46
N ASP H 160 -40.31 -21.52 -9.81
CA ASP H 160 -40.24 -22.86 -10.41
C ASP H 160 -41.23 -22.97 -11.56
N LYS H 161 -40.84 -23.69 -12.62
CA LYS H 161 -41.70 -23.90 -13.79
C LYS H 161 -43.10 -24.34 -13.40
N ASP H 162 -43.21 -25.23 -12.41
CA ASP H 162 -44.51 -25.81 -12.10
C ASP H 162 -45.41 -24.80 -11.41
N ASP H 163 -44.81 -23.88 -10.64
CA ASP H 163 -45.58 -22.80 -10.01
C ASP H 163 -46.04 -21.79 -11.05
N VAL H 164 -45.15 -21.41 -11.98
CA VAL H 164 -45.55 -20.56 -13.08
C VAL H 164 -46.73 -21.17 -13.83
N ALA H 165 -46.69 -22.48 -14.06
CA ALA H 165 -47.78 -23.12 -14.79
C ALA H 165 -49.10 -23.06 -14.03
N ARG H 166 -49.05 -23.13 -12.70
CA ARG H 166 -50.27 -23.03 -11.91
C ARG H 166 -50.96 -21.68 -12.12
N ALA H 167 -50.17 -20.62 -12.30
CA ALA H 167 -50.69 -19.28 -12.44
C ALA H 167 -50.99 -18.89 -13.88
N ALA H 168 -50.77 -19.79 -14.83
CA ALA H 168 -50.91 -19.45 -16.24
C ALA H 168 -52.29 -18.88 -16.60
N PRO H 169 -53.43 -19.40 -16.11
CA PRO H 169 -54.70 -18.77 -16.49
C PRO H 169 -54.82 -17.33 -16.04
N ILE H 170 -54.16 -16.96 -14.94
CA ILE H 170 -54.19 -15.58 -14.48
C ILE H 170 -53.30 -14.71 -15.36
N PHE H 171 -52.08 -15.19 -15.63
CA PHE H 171 -51.17 -14.44 -16.50
C PHE H 171 -51.74 -14.31 -17.90
N ASP H 172 -52.46 -15.34 -18.37
CA ASP H 172 -52.99 -15.27 -19.73
C ASP H 172 -54.16 -14.29 -19.83
N ALA H 173 -54.90 -14.08 -18.75
CA ALA H 173 -56.02 -13.15 -18.81
C ALA H 173 -55.55 -11.69 -18.84
N ILE H 174 -54.48 -11.38 -18.12
CA ILE H 174 -54.03 -9.99 -17.99
C ILE H 174 -52.95 -9.60 -18.99
N GLY H 175 -52.34 -10.58 -19.69
CA GLY H 175 -51.21 -10.31 -20.55
C GLY H 175 -51.28 -11.06 -21.86
N LYS H 176 -50.32 -10.74 -22.73
CA LYS H 176 -50.18 -11.39 -24.03
C LYS H 176 -49.00 -12.34 -24.10
N LEU H 177 -48.14 -12.33 -23.09
CA LEU H 177 -46.90 -13.09 -23.12
C LEU H 177 -46.38 -13.21 -21.71
N THR H 178 -46.00 -14.42 -21.32
CA THR H 178 -45.38 -14.70 -20.04
C THR H 178 -43.95 -15.12 -20.30
N ILE H 179 -43.00 -14.34 -19.80
CA ILE H 179 -41.58 -14.68 -19.89
C ILE H 179 -41.17 -15.29 -18.56
N HIS H 180 -40.78 -16.58 -18.57
CA HIS H 180 -40.23 -17.19 -17.37
C HIS H 180 -38.77 -16.79 -17.26
N ALA H 181 -38.46 -15.89 -16.33
CA ALA H 181 -37.14 -15.28 -16.31
C ALA H 181 -36.09 -16.10 -15.58
N GLY H 182 -36.48 -17.15 -14.86
CA GLY H 182 -35.57 -17.84 -13.99
C GLY H 182 -36.23 -18.15 -12.67
N PRO H 183 -35.45 -18.55 -11.66
CA PRO H 183 -36.01 -18.86 -10.34
C PRO H 183 -36.42 -17.60 -9.59
N THR H 184 -36.91 -17.76 -8.36
CA THR H 184 -37.37 -16.61 -7.57
C THR H 184 -36.35 -15.49 -7.57
N GLY H 185 -36.83 -14.28 -7.76
CA GLY H 185 -35.98 -13.12 -7.87
C GLY H 185 -35.70 -12.70 -9.30
N SER H 186 -35.89 -13.59 -10.27
CA SER H 186 -35.51 -13.28 -11.65
C SER H 186 -36.49 -12.32 -12.30
N GLY H 187 -37.77 -12.42 -11.94
CA GLY H 187 -38.75 -11.48 -12.48
C GLY H 187 -38.47 -10.07 -12.04
N ALA H 188 -38.19 -9.89 -10.75
CA ALA H 188 -37.89 -8.57 -10.23
C ALA H 188 -36.64 -7.97 -10.88
N ARG H 189 -35.63 -8.80 -11.11
CA ARG H 189 -34.41 -8.30 -11.73
C ARG H 189 -34.66 -7.90 -13.18
N LEU H 190 -35.40 -8.71 -13.94
CA LEU H 190 -35.68 -8.36 -15.32
C LEU H 190 -36.54 -7.10 -15.41
N LYS H 191 -37.44 -6.88 -14.45
CA LYS H 191 -38.20 -5.63 -14.43
C LYS H 191 -37.28 -4.43 -14.23
N LEU H 192 -36.29 -4.54 -13.33
CA LEU H 192 -35.37 -3.42 -13.13
C LEU H 192 -34.61 -3.09 -14.42
N VAL H 193 -34.21 -4.12 -15.18
CA VAL H 193 -33.55 -3.88 -16.46
C VAL H 193 -34.44 -3.08 -17.39
N ILE H 194 -35.69 -3.53 -17.54
CA ILE H 194 -36.59 -2.88 -18.48
C ILE H 194 -36.92 -1.46 -18.01
N ASN H 195 -37.04 -1.26 -16.69
CA ASN H 195 -37.30 0.08 -16.15
C ASN H 195 -36.19 1.05 -16.50
N GLY H 196 -34.94 0.61 -16.39
CA GLY H 196 -33.82 1.47 -16.77
C GLY H 196 -33.87 1.90 -18.22
N ILE H 197 -34.19 0.96 -19.12
CA ILE H 197 -34.33 1.27 -20.53
C ILE H 197 -35.44 2.29 -20.75
N MET H 198 -36.57 2.09 -20.07
CA MET H 198 -37.69 3.03 -20.20
C MET H 198 -37.32 4.42 -19.69
N GLY H 199 -36.73 4.48 -18.50
CA GLY H 199 -36.47 5.78 -17.88
C GLY H 199 -35.42 6.59 -18.62
N ALA H 200 -34.29 5.96 -18.94
CA ALA H 200 -33.25 6.68 -19.68
C ALA H 200 -33.64 6.91 -21.12
N GLY H 201 -34.53 6.07 -21.68
CA GLY H 201 -35.03 6.38 -23.01
C GLY H 201 -35.80 7.69 -23.05
N LEU H 202 -36.58 7.96 -21.99
CA LEU H 202 -37.30 9.22 -21.92
C LEU H 202 -36.37 10.40 -21.65
N THR H 203 -35.43 10.26 -20.72
CA THR H 203 -34.58 11.41 -20.42
C THR H 203 -33.70 11.76 -21.63
N THR H 204 -33.22 10.74 -22.35
CA THR H 204 -32.52 10.97 -23.61
C THR H 204 -33.38 11.79 -24.58
N LEU H 205 -34.63 11.39 -24.73
CA LEU H 205 -35.53 12.05 -25.67
C LEU H 205 -35.78 13.49 -25.26
N ALA H 206 -36.08 13.72 -23.98
CA ALA H 206 -36.35 15.08 -23.49
C ALA H 206 -35.14 15.99 -23.69
N GLU H 207 -33.93 15.45 -23.47
CA GLU H 207 -32.74 16.28 -23.61
C GLU H 207 -32.45 16.58 -25.07
N SER H 208 -32.64 15.60 -25.95
CA SER H 208 -32.39 15.79 -27.37
C SER H 208 -33.36 16.80 -27.97
N VAL H 209 -34.65 16.69 -27.61
CA VAL H 209 -35.62 17.68 -28.06
C VAL H 209 -35.25 19.06 -27.53
N ALA H 210 -34.84 19.14 -26.26
CA ALA H 210 -34.51 20.44 -25.70
C ALA H 210 -33.36 21.09 -26.46
N TYR H 211 -32.35 20.29 -26.83
CA TYR H 211 -31.27 20.85 -27.63
C TYR H 211 -31.83 21.37 -28.95
N GLY H 212 -32.64 20.56 -29.63
CA GLY H 212 -33.18 20.96 -30.91
C GLY H 212 -33.97 22.26 -30.84
N LEU H 213 -34.82 22.40 -29.82
CA LEU H 213 -35.57 23.65 -29.66
C LEU H 213 -34.64 24.82 -29.36
N SER H 214 -33.64 24.59 -28.49
CA SER H 214 -32.72 25.66 -28.15
C SER H 214 -31.93 26.13 -29.36
N ALA H 215 -31.72 25.26 -30.34
CA ALA H 215 -30.94 25.56 -31.53
C ALA H 215 -31.79 26.17 -32.63
N GLY H 216 -33.05 26.48 -32.34
CA GLY H 216 -33.93 27.19 -33.24
C GLY H 216 -34.81 26.34 -34.12
N LEU H 217 -34.86 25.03 -33.91
CA LEU H 217 -35.70 24.18 -34.74
C LEU H 217 -37.17 24.42 -34.44
N ASP H 218 -37.98 24.44 -35.50
CA ASP H 218 -39.42 24.56 -35.35
C ASP H 218 -39.98 23.38 -34.55
N ARG H 219 -40.79 23.68 -33.55
CA ARG H 219 -41.24 22.65 -32.61
C ARG H 219 -42.05 21.56 -33.31
N SER H 220 -43.05 21.96 -34.09
CA SER H 220 -43.90 20.97 -34.75
C SER H 220 -43.10 20.14 -35.76
N MET H 221 -42.16 20.79 -36.48
CA MET H 221 -41.35 20.01 -37.41
C MET H 221 -40.52 18.99 -36.65
N LEU H 222 -39.96 19.40 -35.51
CA LEU H 222 -39.06 18.55 -34.74
C LEU H 222 -39.77 17.31 -34.20
N PHE H 223 -40.90 17.51 -33.52
CA PHE H 223 -41.65 16.37 -33.00
C PHE H 223 -42.10 15.44 -34.12
N ASP H 224 -42.49 16.01 -35.27
CA ASP H 224 -42.97 15.18 -36.37
C ASP H 224 -41.83 14.39 -37.02
N ALA H 225 -40.66 15.02 -37.14
CA ALA H 225 -39.52 14.33 -37.72
C ALA H 225 -39.07 13.16 -36.84
N LEU H 226 -39.08 13.37 -35.53
CA LEU H 226 -38.67 12.29 -34.64
C LEU H 226 -39.64 11.12 -34.68
N ASP H 227 -40.91 11.37 -35.00
CA ASP H 227 -41.83 10.26 -35.12
C ASP H 227 -41.49 9.34 -36.29
N GLN H 228 -40.67 9.77 -37.24
CA GLN H 228 -40.39 8.96 -38.40
C GLN H 228 -39.00 8.33 -38.40
N VAL H 229 -38.26 8.37 -37.29
CA VAL H 229 -36.95 7.71 -37.23
C VAL H 229 -37.07 6.36 -36.54
N ALA H 230 -36.13 5.47 -36.86
CA ALA H 230 -36.16 4.11 -36.35
C ALA H 230 -35.44 3.97 -35.01
N VAL H 231 -34.90 5.06 -34.46
CA VAL H 231 -34.06 4.98 -33.27
C VAL H 231 -34.84 5.33 -32.00
N ILE H 232 -36.15 5.55 -32.09
CA ILE H 232 -37.00 5.74 -30.92
C ILE H 232 -37.96 4.55 -30.82
N SER H 233 -38.17 4.06 -29.60
CA SER H 233 -39.03 2.92 -29.33
C SER H 233 -40.50 3.29 -29.59
N PRO H 234 -41.36 2.28 -29.84
CA PRO H 234 -42.81 2.60 -29.95
C PRO H 234 -43.38 3.22 -28.68
N HIS H 235 -42.98 2.73 -27.51
CA HIS H 235 -43.41 3.34 -26.26
C HIS H 235 -43.06 4.83 -26.23
N HIS H 236 -41.80 5.16 -26.51
CA HIS H 236 -41.39 6.56 -26.37
C HIS H 236 -41.93 7.42 -27.49
N LYS H 237 -42.22 6.84 -28.66
CA LYS H 237 -42.90 7.63 -29.70
C LYS H 237 -44.31 8.00 -29.25
N ARG H 238 -44.99 7.10 -28.54
CA ARG H 238 -46.30 7.47 -28.01
C ARG H 238 -46.18 8.61 -27.00
N LYS H 239 -45.16 8.57 -26.15
CA LYS H 239 -44.93 9.65 -25.19
C LYS H 239 -44.58 10.94 -25.91
N LEU H 240 -43.81 10.85 -27.00
CA LEU H 240 -43.45 12.05 -27.73
C LEU H 240 -44.68 12.73 -28.32
N LYS H 241 -45.61 11.95 -28.84
CA LYS H 241 -46.84 12.52 -29.39
C LYS H 241 -47.70 13.15 -28.30
N ALA H 242 -47.83 12.49 -27.15
CA ALA H 242 -48.54 13.09 -26.04
C ALA H 242 -47.88 14.39 -25.59
N ALA H 243 -46.54 14.41 -25.57
CA ALA H 243 -45.82 15.61 -25.15
C ALA H 243 -45.97 16.75 -26.16
N LYS H 244 -46.02 16.42 -27.45
CA LYS H 244 -46.27 17.46 -28.45
C LYS H 244 -47.55 18.21 -28.14
N ASP H 245 -48.56 17.49 -27.67
CA ASP H 245 -49.87 18.03 -27.34
C ASP H 245 -49.99 18.46 -25.88
N GLY H 246 -48.91 18.44 -25.12
CA GLY H 246 -48.95 18.85 -23.73
C GLY H 246 -49.77 17.99 -22.80
N ASN H 247 -49.92 16.70 -23.11
CA ASN H 247 -50.75 15.82 -22.31
C ASN H 247 -49.89 14.90 -21.44
N PHE H 248 -50.00 15.05 -20.12
CA PHE H 248 -49.18 14.30 -19.19
C PHE H 248 -50.02 13.71 -18.05
N ALA H 249 -51.31 13.44 -18.29
CA ALA H 249 -52.07 12.71 -17.29
C ALA H 249 -51.36 11.40 -17.01
N PRO H 250 -51.36 10.93 -15.77
CA PRO H 250 -50.51 9.79 -15.41
C PRO H 250 -50.97 8.49 -16.07
N GLN H 251 -50.04 7.86 -16.78
CA GLN H 251 -50.06 6.42 -17.02
C GLN H 251 -49.05 5.73 -16.10
N PHE H 252 -47.83 6.23 -16.09
CA PHE H 252 -46.79 5.81 -15.14
C PHE H 252 -46.31 7.10 -14.47
N PRO H 253 -46.78 7.42 -13.28
CA PRO H 253 -46.44 8.73 -12.69
C PRO H 253 -44.96 8.82 -12.34
N ALA H 254 -44.47 10.06 -12.33
CA ALA H 254 -43.06 10.30 -12.05
C ALA H 254 -42.65 9.76 -10.69
N ARG H 255 -43.53 9.83 -9.69
CA ARG H 255 -43.19 9.33 -8.35
C ARG H 255 -42.80 7.85 -8.42
N LEU H 256 -43.44 7.08 -9.30
CA LEU H 256 -43.15 5.65 -9.37
C LEU H 256 -42.00 5.34 -10.31
N MET H 257 -41.90 6.05 -11.43
CA MET H 257 -40.75 5.85 -12.32
C MET H 257 -39.46 6.20 -11.60
N GLN H 258 -39.46 7.31 -10.87
CA GLN H 258 -38.25 7.71 -10.16
C GLN H 258 -37.91 6.73 -9.03
N LYS H 259 -38.93 6.18 -8.35
CA LYS H 259 -38.67 5.12 -7.39
C LYS H 259 -38.02 3.92 -8.08
N ASP H 260 -38.53 3.55 -9.24
CA ASP H 260 -37.97 2.39 -9.95
C ASP H 260 -36.53 2.65 -10.34
N MET H 261 -36.21 3.88 -10.76
CA MET H 261 -34.82 4.23 -11.02
C MET H 261 -33.98 4.16 -9.77
N ARG H 262 -34.49 4.63 -8.63
CA ARG H 262 -33.76 4.50 -7.37
C ARG H 262 -33.43 3.04 -7.08
N LEU H 263 -34.43 2.16 -7.22
CA LEU H 263 -34.22 0.73 -7.00
C LEU H 263 -33.15 0.17 -7.93
N LEU H 264 -33.21 0.52 -9.21
CA LEU H 264 -32.23 0.00 -10.15
C LEU H 264 -30.82 0.47 -9.80
N LEU H 265 -30.68 1.75 -9.43
CA LEU H 265 -29.33 2.24 -9.17
C LEU H 265 -28.79 1.68 -7.86
N ASP H 266 -29.66 1.43 -6.88
CA ASP H 266 -29.20 0.73 -5.68
C ASP H 266 -28.71 -0.66 -6.02
N ALA H 267 -29.47 -1.37 -6.86
CA ALA H 267 -29.08 -2.75 -7.20
C ALA H 267 -27.80 -2.77 -8.02
N ALA H 268 -27.65 -1.82 -8.94
CA ALA H 268 -26.42 -1.76 -9.74
C ALA H 268 -25.22 -1.42 -8.85
N ALA H 269 -25.40 -0.56 -7.85
CA ALA H 269 -24.31 -0.31 -6.91
C ALA H 269 -23.99 -1.56 -6.08
N ARG H 270 -25.00 -2.30 -5.65
CA ARG H 270 -24.70 -3.51 -4.88
C ARG H 270 -23.94 -4.53 -5.70
N GLU H 271 -24.18 -4.58 -7.01
CA GLU H 271 -23.47 -5.50 -7.89
C GLU H 271 -22.18 -4.88 -8.45
N ALA H 272 -21.87 -3.64 -8.06
CA ALA H 272 -20.71 -2.88 -8.54
C ALA H 272 -20.62 -2.88 -10.07
N VAL H 273 -21.72 -2.50 -10.72
CA VAL H 273 -21.77 -2.31 -12.16
C VAL H 273 -21.84 -0.81 -12.47
N PRO H 274 -20.87 -0.24 -13.18
CA PRO H 274 -20.90 1.20 -13.50
C PRO H 274 -21.93 1.48 -14.59
N VAL H 275 -22.91 2.34 -14.29
CA VAL H 275 -24.00 2.62 -15.22
C VAL H 275 -24.22 4.14 -15.31
N PRO H 276 -23.26 4.88 -15.87
CA PRO H 276 -23.37 6.36 -15.87
C PRO H 276 -24.57 6.91 -16.63
N THR H 277 -25.00 6.27 -17.72
CA THR H 277 -26.18 6.78 -18.42
C THR H 277 -27.43 6.63 -17.55
N LEU H 278 -27.60 5.46 -16.93
CA LEU H 278 -28.75 5.24 -16.05
C LEU H 278 -28.70 6.17 -14.83
N ALA H 279 -27.51 6.42 -14.30
CA ALA H 279 -27.38 7.30 -13.14
C ALA H 279 -27.78 8.72 -13.48
N ALA H 280 -27.36 9.21 -14.64
CA ALA H 280 -27.76 10.55 -15.11
C ALA H 280 -29.26 10.65 -15.30
N ALA H 281 -29.85 9.62 -15.95
CA ALA H 281 -31.30 9.59 -16.13
C ALA H 281 -32.03 9.64 -14.80
N THR H 282 -31.52 8.91 -13.80
CA THR H 282 -32.17 8.92 -12.48
C THR H 282 -32.25 10.33 -11.91
N GLN H 283 -31.18 11.13 -12.07
CA GLN H 283 -31.22 12.47 -11.48
C GLN H 283 -32.18 13.37 -12.22
N GLN H 284 -32.30 13.20 -13.53
CA GLN H 284 -33.31 13.95 -14.28
C GLN H 284 -34.71 13.58 -13.84
N LEU H 285 -34.93 12.30 -13.54
CA LEU H 285 -36.24 11.87 -13.05
C LEU H 285 -36.47 12.29 -11.60
N SER H 286 -35.41 12.53 -10.82
CA SER H 286 -35.61 13.14 -9.50
C SER H 286 -36.19 14.54 -9.64
N LEU H 287 -35.60 15.34 -10.54
CA LEU H 287 -36.14 16.67 -10.81
C LEU H 287 -37.58 16.59 -11.29
N THR H 288 -37.85 15.67 -12.22
CA THR H 288 -39.22 15.46 -12.72
C THR H 288 -40.19 15.19 -11.57
N ARG H 289 -39.83 14.26 -10.68
CA ARG H 289 -40.70 13.91 -9.55
C ARG H 289 -40.88 15.10 -8.62
N ARG H 290 -39.79 15.82 -8.32
CA ARG H 290 -39.90 16.97 -7.43
C ARG H 290 -40.86 18.01 -7.98
N LEU H 291 -40.82 18.23 -9.28
CA LEU H 291 -41.67 19.28 -9.86
C LEU H 291 -43.11 18.83 -10.02
N SER H 292 -43.35 17.54 -10.29
CA SER H 292 -44.72 17.03 -10.46
C SER H 292 -44.75 15.54 -10.20
N PRO H 293 -44.97 15.15 -8.94
CA PRO H 293 -44.87 13.72 -8.60
C PRO H 293 -45.97 12.87 -9.22
N ASN H 294 -47.14 13.45 -9.48
CA ASN H 294 -48.29 12.66 -9.88
C ASN H 294 -48.57 12.68 -11.38
N GLU H 295 -47.98 13.61 -12.15
CA GLU H 295 -48.18 13.55 -13.59
C GLU H 295 -47.28 12.46 -14.20
N ASP H 296 -47.53 12.15 -15.47
CA ASP H 296 -46.75 11.11 -16.14
C ASP H 296 -45.27 11.43 -16.10
N TYR H 297 -44.44 10.39 -16.05
CA TYR H 297 -42.99 10.58 -16.00
C TYR H 297 -42.45 11.27 -17.26
N SER H 298 -43.16 11.20 -18.38
CA SER H 298 -42.76 11.90 -19.59
C SER H 298 -42.82 13.41 -19.47
N SER H 299 -43.34 13.94 -18.36
CA SER H 299 -43.44 15.39 -18.17
C SER H 299 -42.07 16.06 -18.15
N LEU H 300 -40.98 15.28 -17.96
CA LEU H 300 -39.65 15.85 -18.15
C LEU H 300 -39.51 16.54 -19.50
N ILE H 301 -40.22 16.09 -20.54
CA ILE H 301 -40.12 16.77 -21.82
C ILE H 301 -40.58 18.22 -21.67
N ARG H 302 -41.70 18.42 -20.97
CA ARG H 302 -42.20 19.76 -20.70
C ARG H 302 -41.22 20.55 -19.83
N VAL H 303 -40.68 19.89 -18.81
CA VAL H 303 -39.70 20.53 -17.93
C VAL H 303 -38.55 21.12 -18.73
N MET H 304 -37.96 20.31 -19.63
CA MET H 304 -36.84 20.83 -20.42
C MET H 304 -37.27 21.85 -21.46
N GLU H 305 -38.48 21.74 -21.98
CA GLU H 305 -38.98 22.76 -22.90
C GLU H 305 -39.01 24.11 -22.18
N LYS H 306 -39.44 24.13 -20.92
CA LYS H 306 -39.50 25.38 -20.18
C LYS H 306 -38.12 25.90 -19.80
N ILE H 307 -37.15 25.01 -19.55
CA ILE H 307 -35.79 25.48 -19.29
C ILE H 307 -35.26 26.25 -20.48
N VAL H 308 -35.41 25.68 -21.69
CA VAL H 308 -34.82 26.36 -22.84
C VAL H 308 -35.67 27.52 -23.30
N ALA H 309 -36.94 27.59 -22.89
CA ALA H 309 -37.77 28.75 -23.24
C ALA H 309 -37.37 30.00 -22.46
N ASN H 310 -36.58 29.85 -21.40
CA ASN H 310 -36.25 31.02 -20.60
C ASN H 310 -34.78 31.44 -20.70
#